data_2RB1
# 
_entry.id   2RB1 
# 
_audit_conform.dict_name       mmcif_pdbx.dic 
_audit_conform.dict_version    5.377 
_audit_conform.dict_location   http://mmcif.pdb.org/dictionaries/ascii/mmcif_pdbx.dic 
# 
loop_
_database_2.database_id 
_database_2.database_code 
_database_2.pdbx_database_accession 
_database_2.pdbx_DOI 
PDB   2RB1         pdb_00002rb1 10.2210/pdb2rb1/pdb 
RCSB  RCSB044643   ?            ?                   
WWPDB D_1000044643 ?            ?                   
# 
loop_
_pdbx_database_related.db_name 
_pdbx_database_related.db_id 
_pdbx_database_related.details 
_pdbx_database_related.content_type 
PDB 181L . unspecified 
PDB 1LGU . unspecified 
PDB 2RAY . unspecified 
PDB 2RAZ . unspecified 
PDB 2RB0 . unspecified 
PDB 2RB2 . unspecified 
PDB 2RBN . unspecified 
PDB 2RBO . unspecified 
PDB 2RBP . unspecified 
PDB 2RBQ . unspecified 
PDB 2RBR . unspecified 
PDB 2RAS . unspecified 
# 
_pdbx_database_status.entry_id                        2RB1 
_pdbx_database_status.status_code                     REL 
_pdbx_database_status.status_code_sf                  REL 
_pdbx_database_status.deposit_site                    RCSB 
_pdbx_database_status.process_site                    RCSB 
_pdbx_database_status.recvd_initial_deposition_date   2007-09-17 
_pdbx_database_status.SG_entry                        N 
_pdbx_database_status.status_code_mr                  ? 
_pdbx_database_status.pdb_format_compatible           Y 
_pdbx_database_status.status_code_cs                  ? 
_pdbx_database_status.methods_development_category    ? 
_pdbx_database_status.status_code_nmr_data            ? 
# 
loop_
_audit_author.name 
_audit_author.pdbx_ordinal 
'Graves, A.P.'   1 
'Boyce, S.E.'    2 
'Shoichet, B.K.' 3 
# 
_citation.id                        primary 
_citation.title                     'Rescoring docking hit lists for model cavity sites: predictions and experimental testing' 
_citation.journal_abbrev            J.Mol.Biol. 
_citation.journal_volume            377 
_citation.page_first                914 
_citation.page_last                 934 
_citation.year                      2008 
_citation.journal_id_ASTM           JMOBAK 
_citation.country                   UK 
_citation.journal_id_ISSN           0022-2836 
_citation.journal_id_CSD            0070 
_citation.book_publisher            ? 
_citation.pdbx_database_id_PubMed   18280498 
_citation.pdbx_database_id_DOI      10.1016/j.jmb.2008.01.049 
# 
loop_
_citation_author.citation_id 
_citation_author.name 
_citation_author.ordinal 
_citation_author.identifier_ORCID 
primary 'Graves, A.P.'     1 ? 
primary 'Shivakumar, D.M.' 2 ? 
primary 'Boyce, S.E.'      3 ? 
primary 'Jacobson, M.P.'   4 ? 
primary 'Case, D.A.'       5 ? 
primary 'Shoichet, B.K.'   6 ? 
# 
_cell.entry_id           2RB1 
_cell.length_a           60.487 
_cell.length_b           60.487 
_cell.length_c           97.136 
_cell.angle_alpha        90.00 
_cell.angle_beta         90.00 
_cell.angle_gamma        120.00 
_cell.Z_PDB              6 
_cell.pdbx_unique_axis   ? 
_cell.length_a_esd       ? 
_cell.length_b_esd       ? 
_cell.length_c_esd       ? 
_cell.angle_alpha_esd    ? 
_cell.angle_beta_esd     ? 
_cell.angle_gamma_esd    ? 
# 
_symmetry.entry_id                         2RB1 
_symmetry.space_group_name_H-M             'P 32 2 1' 
_symmetry.pdbx_full_space_group_name_H-M   ? 
_symmetry.cell_setting                     ? 
_symmetry.Int_Tables_number                154 
_symmetry.space_group_name_Hall            ? 
# 
loop_
_entity.id 
_entity.type 
_entity.src_method 
_entity.pdbx_description 
_entity.formula_weight 
_entity.pdbx_number_of_molecules 
_entity.pdbx_ec 
_entity.pdbx_mutation 
_entity.pdbx_fragment 
_entity.details 
1 polymer     man Lysozyme        18359.023 1   3.2.1.17 L99A ? ? 
2 non-polymer syn 'PHOSPHATE ION' 94.971    1   ?        ?    ? ? 
3 non-polymer syn 2-ethoxyphenol  138.164   2   ?        ?    ? ? 
4 water       nat water           18.015    264 ?        ?    ? ? 
# 
_entity_name_com.entity_id   1 
_entity_name_com.name        'Lysis protein; Muramidase; Endolysin' 
# 
_entity_name_sys.entity_id   1 
_entity_name_sys.name        E.C.3.2.1.17 
# 
_entity_poly.entity_id                      1 
_entity_poly.type                           'polypeptide(L)' 
_entity_poly.nstd_linkage                   no 
_entity_poly.nstd_monomer                   no 
_entity_poly.pdbx_seq_one_letter_code       
;MNIFEMLRIDEGLRLKIYKDTEGYYTIGIGHLLTKSPSLNAAKSELDKAIGRNTNGVITKDEAEKLFNQDVDAAVRGILR
NAKLKPVYDSLDAVRRAAAINMVFQMGETGVAGFTNSLRMLQQKRWDEAAVNLAKSRWYNQTPNRAKRVITTFRTGTWDA
YK
;
_entity_poly.pdbx_seq_one_letter_code_can   
;MNIFEMLRIDEGLRLKIYKDTEGYYTIGIGHLLTKSPSLNAAKSELDKAIGRNTNGVITKDEAEKLFNQDVDAAVRGILR
NAKLKPVYDSLDAVRRAAAINMVFQMGETGVAGFTNSLRMLQQKRWDEAAVNLAKSRWYNQTPNRAKRVITTFRTGTWDA
YK
;
_entity_poly.pdbx_strand_id                 X 
_entity_poly.pdbx_target_identifier         ? 
# 
loop_
_entity_poly_seq.entity_id 
_entity_poly_seq.num 
_entity_poly_seq.mon_id 
_entity_poly_seq.hetero 
1 1   MET n 
1 2   ASN n 
1 3   ILE n 
1 4   PHE n 
1 5   GLU n 
1 6   MET n 
1 7   LEU n 
1 8   ARG n 
1 9   ILE n 
1 10  ASP n 
1 11  GLU n 
1 12  GLY n 
1 13  LEU n 
1 14  ARG n 
1 15  LEU n 
1 16  LYS n 
1 17  ILE n 
1 18  TYR n 
1 19  LYS n 
1 20  ASP n 
1 21  THR n 
1 22  GLU n 
1 23  GLY n 
1 24  TYR n 
1 25  TYR n 
1 26  THR n 
1 27  ILE n 
1 28  GLY n 
1 29  ILE n 
1 30  GLY n 
1 31  HIS n 
1 32  LEU n 
1 33  LEU n 
1 34  THR n 
1 35  LYS n 
1 36  SER n 
1 37  PRO n 
1 38  SER n 
1 39  LEU n 
1 40  ASN n 
1 41  ALA n 
1 42  ALA n 
1 43  LYS n 
1 44  SER n 
1 45  GLU n 
1 46  LEU n 
1 47  ASP n 
1 48  LYS n 
1 49  ALA n 
1 50  ILE n 
1 51  GLY n 
1 52  ARG n 
1 53  ASN n 
1 54  THR n 
1 55  ASN n 
1 56  GLY n 
1 57  VAL n 
1 58  ILE n 
1 59  THR n 
1 60  LYS n 
1 61  ASP n 
1 62  GLU n 
1 63  ALA n 
1 64  GLU n 
1 65  LYS n 
1 66  LEU n 
1 67  PHE n 
1 68  ASN n 
1 69  GLN n 
1 70  ASP n 
1 71  VAL n 
1 72  ASP n 
1 73  ALA n 
1 74  ALA n 
1 75  VAL n 
1 76  ARG n 
1 77  GLY n 
1 78  ILE n 
1 79  LEU n 
1 80  ARG n 
1 81  ASN n 
1 82  ALA n 
1 83  LYS n 
1 84  LEU n 
1 85  LYS n 
1 86  PRO n 
1 87  VAL n 
1 88  TYR n 
1 89  ASP n 
1 90  SER n 
1 91  LEU n 
1 92  ASP n 
1 93  ALA n 
1 94  VAL n 
1 95  ARG n 
1 96  ARG n 
1 97  ALA n 
1 98  ALA n 
1 99  ALA n 
1 100 ILE n 
1 101 ASN n 
1 102 MET n 
1 103 VAL n 
1 104 PHE n 
1 105 GLN n 
1 106 MET n 
1 107 GLY n 
1 108 GLU n 
1 109 THR n 
1 110 GLY n 
1 111 VAL n 
1 112 ALA n 
1 113 GLY n 
1 114 PHE n 
1 115 THR n 
1 116 ASN n 
1 117 SER n 
1 118 LEU n 
1 119 ARG n 
1 120 MET n 
1 121 LEU n 
1 122 GLN n 
1 123 GLN n 
1 124 LYS n 
1 125 ARG n 
1 126 TRP n 
1 127 ASP n 
1 128 GLU n 
1 129 ALA n 
1 130 ALA n 
1 131 VAL n 
1 132 ASN n 
1 133 LEU n 
1 134 ALA n 
1 135 LYS n 
1 136 SER n 
1 137 ARG n 
1 138 TRP n 
1 139 TYR n 
1 140 ASN n 
1 141 GLN n 
1 142 THR n 
1 143 PRO n 
1 144 ASN n 
1 145 ARG n 
1 146 ALA n 
1 147 LYS n 
1 148 ARG n 
1 149 VAL n 
1 150 ILE n 
1 151 THR n 
1 152 THR n 
1 153 PHE n 
1 154 ARG n 
1 155 THR n 
1 156 GLY n 
1 157 THR n 
1 158 TRP n 
1 159 ASP n 
1 160 ALA n 
1 161 TYR n 
1 162 LYS n 
# 
_entity_src_gen.entity_id                          1 
_entity_src_gen.pdbx_src_id                        1 
_entity_src_gen.pdbx_alt_source_flag               sample 
_entity_src_gen.pdbx_seq_type                      ? 
_entity_src_gen.pdbx_beg_seq_num                   ? 
_entity_src_gen.pdbx_end_seq_num                   ? 
_entity_src_gen.gene_src_common_name               ? 
_entity_src_gen.gene_src_genus                     ? 
_entity_src_gen.pdbx_gene_src_gene                 E 
_entity_src_gen.gene_src_species                   ? 
_entity_src_gen.gene_src_strain                    ? 
_entity_src_gen.gene_src_tissue                    ? 
_entity_src_gen.gene_src_tissue_fraction           ? 
_entity_src_gen.gene_src_details                   ? 
_entity_src_gen.pdbx_gene_src_fragment             ? 
_entity_src_gen.pdbx_gene_src_scientific_name      'Bacteriophage T4' 
_entity_src_gen.pdbx_gene_src_ncbi_taxonomy_id     ? 
_entity_src_gen.pdbx_gene_src_variant              ? 
_entity_src_gen.pdbx_gene_src_cell_line            ? 
_entity_src_gen.pdbx_gene_src_atcc                 ? 
_entity_src_gen.pdbx_gene_src_organ                ? 
_entity_src_gen.pdbx_gene_src_organelle            ? 
_entity_src_gen.pdbx_gene_src_cell                 ? 
_entity_src_gen.pdbx_gene_src_cellular_location    ? 
_entity_src_gen.host_org_common_name               ? 
_entity_src_gen.pdbx_host_org_scientific_name      'Escherichia coli' 
_entity_src_gen.pdbx_host_org_ncbi_taxonomy_id     ? 
_entity_src_gen.host_org_genus                     ? 
_entity_src_gen.pdbx_host_org_gene                 ? 
_entity_src_gen.pdbx_host_org_organ                ? 
_entity_src_gen.host_org_species                   ? 
_entity_src_gen.pdbx_host_org_tissue               ? 
_entity_src_gen.pdbx_host_org_tissue_fraction      ? 
_entity_src_gen.pdbx_host_org_strain               ? 
_entity_src_gen.pdbx_host_org_variant              ? 
_entity_src_gen.pdbx_host_org_cell_line            ? 
_entity_src_gen.pdbx_host_org_atcc                 ? 
_entity_src_gen.pdbx_host_org_culture_collection   ? 
_entity_src_gen.pdbx_host_org_cell                 ? 
_entity_src_gen.pdbx_host_org_organelle            ? 
_entity_src_gen.pdbx_host_org_cellular_location    ? 
_entity_src_gen.pdbx_host_org_vector_type          plasmid 
_entity_src_gen.pdbx_host_org_vector               ? 
_entity_src_gen.host_org_details                   ? 
_entity_src_gen.expression_system_id               ? 
_entity_src_gen.plasmid_name                       M13 
_entity_src_gen.plasmid_details                    ? 
_entity_src_gen.pdbx_description                   ? 
# 
_struct_ref.id                         1 
_struct_ref.entity_id                  1 
_struct_ref.db_name                    UNP 
_struct_ref.db_code                    LYS_BPT4 
_struct_ref.pdbx_db_accession          P00720 
_struct_ref.pdbx_align_begin           1 
_struct_ref.pdbx_seq_one_letter_code   
;MNIFEMLRIDEGLRLKIYKDTEGYYTIGIGHLLTKSPSLNAAKSELDKAIGRNCNGVITKDEAEKLFNQDVDAAVRGILR
NAKLKPVYDSLDAVRRCALINMVFQMGETGVAGFTNSLRMLQQKRWDEAAVNLAKSRWYNQTPNRAKRVITTFRTGTWDA
YK
;
_struct_ref.pdbx_db_isoform            ? 
# 
_struct_ref_seq.align_id                      1 
_struct_ref_seq.ref_id                        1 
_struct_ref_seq.pdbx_PDB_id_code              2RB1 
_struct_ref_seq.pdbx_strand_id                X 
_struct_ref_seq.seq_align_beg                 1 
_struct_ref_seq.pdbx_seq_align_beg_ins_code   ? 
_struct_ref_seq.seq_align_end                 162 
_struct_ref_seq.pdbx_seq_align_end_ins_code   ? 
_struct_ref_seq.pdbx_db_accession             P00720 
_struct_ref_seq.db_align_beg                  1 
_struct_ref_seq.pdbx_db_align_beg_ins_code    ? 
_struct_ref_seq.db_align_end                  162 
_struct_ref_seq.pdbx_db_align_end_ins_code    ? 
_struct_ref_seq.pdbx_auth_seq_align_beg       1 
_struct_ref_seq.pdbx_auth_seq_align_end       162 
# 
loop_
_struct_ref_seq_dif.align_id 
_struct_ref_seq_dif.pdbx_pdb_id_code 
_struct_ref_seq_dif.mon_id 
_struct_ref_seq_dif.pdbx_pdb_strand_id 
_struct_ref_seq_dif.seq_num 
_struct_ref_seq_dif.pdbx_pdb_ins_code 
_struct_ref_seq_dif.pdbx_seq_db_name 
_struct_ref_seq_dif.pdbx_seq_db_accession_code 
_struct_ref_seq_dif.db_mon_id 
_struct_ref_seq_dif.pdbx_seq_db_seq_num 
_struct_ref_seq_dif.details 
_struct_ref_seq_dif.pdbx_auth_seq_num 
_struct_ref_seq_dif.pdbx_ordinal 
1 2RB1 THR X 54 ? UNP P00720 CYS 54 'engineered mutation' 54 1 
1 2RB1 ALA X 97 ? UNP P00720 CYS 97 'engineered mutation' 97 2 
1 2RB1 ALA X 99 ? UNP P00720 LEU 99 'engineered mutation' 99 3 
# 
loop_
_chem_comp.id 
_chem_comp.type 
_chem_comp.mon_nstd_flag 
_chem_comp.name 
_chem_comp.pdbx_synonyms 
_chem_comp.formula 
_chem_comp.formula_weight 
261 non-polymer         . 2-ethoxyphenol  ? 'C8 H10 O2'      138.164 
ALA 'L-peptide linking' y ALANINE         ? 'C3 H7 N O2'     89.093  
ARG 'L-peptide linking' y ARGININE        ? 'C6 H15 N4 O2 1' 175.209 
ASN 'L-peptide linking' y ASPARAGINE      ? 'C4 H8 N2 O3'    132.118 
ASP 'L-peptide linking' y 'ASPARTIC ACID' ? 'C4 H7 N O4'     133.103 
CYS 'L-peptide linking' y CYSTEINE        ? 'C3 H7 N O2 S'   121.158 
GLN 'L-peptide linking' y GLUTAMINE       ? 'C5 H10 N2 O3'   146.144 
GLU 'L-peptide linking' y 'GLUTAMIC ACID' ? 'C5 H9 N O4'     147.129 
GLY 'peptide linking'   y GLYCINE         ? 'C2 H5 N O2'     75.067  
HIS 'L-peptide linking' y HISTIDINE       ? 'C6 H10 N3 O2 1' 156.162 
HOH non-polymer         . WATER           ? 'H2 O'           18.015  
ILE 'L-peptide linking' y ISOLEUCINE      ? 'C6 H13 N O2'    131.173 
LEU 'L-peptide linking' y LEUCINE         ? 'C6 H13 N O2'    131.173 
LYS 'L-peptide linking' y LYSINE          ? 'C6 H15 N2 O2 1' 147.195 
MET 'L-peptide linking' y METHIONINE      ? 'C5 H11 N O2 S'  149.211 
PHE 'L-peptide linking' y PHENYLALANINE   ? 'C9 H11 N O2'    165.189 
PO4 non-polymer         . 'PHOSPHATE ION' ? 'O4 P -3'        94.971  
PRO 'L-peptide linking' y PROLINE         ? 'C5 H9 N O2'     115.130 
SER 'L-peptide linking' y SERINE          ? 'C3 H7 N O3'     105.093 
THR 'L-peptide linking' y THREONINE       ? 'C4 H9 N O3'     119.119 
TRP 'L-peptide linking' y TRYPTOPHAN      ? 'C11 H12 N2 O2'  204.225 
TYR 'L-peptide linking' y TYROSINE        ? 'C9 H11 N O3'    181.189 
VAL 'L-peptide linking' y VALINE          ? 'C5 H11 N O2'    117.146 
# 
_exptl.crystals_number   1 
_exptl.entry_id          2RB1 
_exptl.method            'X-RAY DIFFRACTION' 
# 
_exptl_crystal.id                    1 
_exptl_crystal.density_meas          ? 
_exptl_crystal.density_Matthews      2.79 
_exptl_crystal.density_percent_sol   55.97 
_exptl_crystal.description           ? 
_exptl_crystal.F_000                 ? 
_exptl_crystal.preparation           ? 
# 
_exptl_crystal_grow.crystal_id      1 
_exptl_crystal_grow.method          'VAPOR DIFFUSION, HANGING DROP' 
_exptl_crystal_grow.pH              7.1 
_exptl_crystal_grow.temp            277 
_exptl_crystal_grow.pdbx_details    
;2.2M sodium-potassium phosphate, 0.05M beta-mercaptoethanol, 0.05M 2-hydroxyethyldisulfide, pH 7.1, vapor diffusion, hanging drop, temperature 277K
;
_exptl_crystal_grow.temp_details    ? 
_exptl_crystal_grow.pdbx_pH_range   . 
# 
_diffrn.id                     1 
_diffrn.ambient_temp           110 
_diffrn.ambient_temp_details   ? 
_diffrn.crystal_id             1 
# 
_diffrn_detector.diffrn_id              1 
_diffrn_detector.detector               'IMAGE PLATE' 
_diffrn_detector.type                   'RIGAKU RAXIS IV' 
_diffrn_detector.pdbx_collection_date   2006-10-25 
_diffrn_detector.details                ? 
# 
_diffrn_radiation.diffrn_id                        1 
_diffrn_radiation.pdbx_diffrn_protocol             'SINGLE WAVELENGTH' 
_diffrn_radiation.monochromator                    ? 
_diffrn_radiation.wavelength_id                    1 
_diffrn_radiation.pdbx_monochromatic_or_laue_m_l   M 
_diffrn_radiation.pdbx_scattering_type             x-ray 
# 
_diffrn_radiation_wavelength.id           1 
_diffrn_radiation_wavelength.wavelength   1.5418 
_diffrn_radiation_wavelength.wt           1.0 
# 
_diffrn_source.diffrn_id                   1 
_diffrn_source.source                      'ROTATING ANODE' 
_diffrn_source.type                        'RIGAKU RU200' 
_diffrn_source.pdbx_wavelength_list        1.5418 
_diffrn_source.pdbx_wavelength             ? 
_diffrn_source.pdbx_synchrotron_site       ? 
_diffrn_source.pdbx_synchrotron_beamline   ? 
# 
_reflns.entry_id                     2RB1 
_reflns.d_resolution_high            1.560 
_reflns.d_resolution_low             52.410 
_reflns.number_obs                   29774 
_reflns.pdbx_Rmerge_I_obs            0.074 
_reflns.pdbx_netI_over_sigmaI        14.800 
_reflns.pdbx_chi_squared             1.004 
_reflns.pdbx_redundancy              5.200 
_reflns.percent_possible_obs         99.400 
_reflns.observed_criterion_sigma_F   0 
_reflns.observed_criterion_sigma_I   0 
_reflns.number_all                   29774 
_reflns.pdbx_Rsym_value              ? 
_reflns.B_iso_Wilson_estimate        ? 
_reflns.R_free_details               ? 
_reflns.limit_h_max                  ? 
_reflns.limit_h_min                  ? 
_reflns.limit_k_max                  ? 
_reflns.limit_k_min                  ? 
_reflns.limit_l_max                  ? 
_reflns.limit_l_min                  ? 
_reflns.observed_criterion_F_max     ? 
_reflns.observed_criterion_F_min     ? 
_reflns.pdbx_scaling_rejects         ? 
_reflns.pdbx_diffrn_id               1 
_reflns.pdbx_ordinal                 1 
# 
_reflns_shell.d_res_high             1.56 
_reflns_shell.d_res_low              1.62 
_reflns_shell.number_measured_obs    ? 
_reflns_shell.number_measured_all    ? 
_reflns_shell.number_unique_obs      ? 
_reflns_shell.Rmerge_I_obs           0.632 
_reflns_shell.meanI_over_sigI_obs    ? 
_reflns_shell.pdbx_Rsym_value        ? 
_reflns_shell.pdbx_chi_squared       1.007 
_reflns_shell.pdbx_redundancy        5.40 
_reflns_shell.percent_possible_obs   ? 
_reflns_shell.number_unique_all      2936 
_reflns_shell.percent_possible_all   100.00 
_reflns_shell.pdbx_diffrn_id         ? 
_reflns_shell.pdbx_ordinal           1 
# 
_refine.entry_id                                 2RB1 
_refine.ls_d_res_high                            1.700 
_refine.ls_d_res_low                             52.410 
_refine.pdbx_ls_sigma_F                          0.00 
_refine.ls_percent_reflns_obs                    99.240 
_refine.ls_number_reflns_obs                     23066 
_refine.pdbx_ls_cross_valid_method               THROUGHOUT 
_refine.pdbx_R_Free_selection_details            RANDOM 
_refine.details                                  'HYDROGENS HAVE BEEN ADDED IN THE RIDING POSITIONS' 
_refine.ls_R_factor_obs                          0.193 
_refine.ls_R_factor_R_work                       0.191 
_refine.ls_R_factor_R_free                       0.230 
_refine.ls_percent_reflns_R_free                 5.000 
_refine.ls_number_reflns_R_free                  1143 
_refine.B_iso_mean                               18.094 
_refine.aniso_B[1][1]                            0.440 
_refine.aniso_B[2][2]                            0.440 
_refine.aniso_B[3][3]                            -0.660 
_refine.aniso_B[1][2]                            0.220 
_refine.aniso_B[1][3]                            0.000 
_refine.aniso_B[2][3]                            0.000 
_refine.correlation_coeff_Fo_to_Fc               0.955 
_refine.correlation_coeff_Fo_to_Fc_free          0.941 
_refine.pdbx_overall_ESU_R                       0.106 
_refine.pdbx_overall_ESU_R_Free                  0.108 
_refine.overall_SU_ML                            0.065 
_refine.overall_SU_B                             1.885 
_refine.solvent_model_details                    MASK 
_refine.pdbx_solvent_vdw_probe_radii             1.400 
_refine.pdbx_solvent_ion_probe_radii             0.800 
_refine.pdbx_solvent_shrinkage_radii             0.800 
_refine.pdbx_method_to_determine_struct          ? 
_refine.pdbx_stereochemistry_target_values       'MAXIMUM LIKELIHOOD' 
_refine.pdbx_ls_sigma_I                          ? 
_refine.ls_number_reflns_all                     23066 
_refine.ls_R_factor_all                          0.193 
_refine.ls_redundancy_reflns_obs                 ? 
_refine.pdbx_data_cutoff_high_absF               ? 
_refine.pdbx_data_cutoff_low_absF                ? 
_refine.ls_number_parameters                     ? 
_refine.ls_number_restraints                     ? 
_refine.ls_R_factor_R_free_error                 ? 
_refine.ls_R_factor_R_free_error_details         ? 
_refine.pdbx_starting_model                      184L 
_refine.pdbx_stereochem_target_val_spec_case     ? 
_refine.solvent_model_param_bsol                 ? 
_refine.solvent_model_param_ksol                 ? 
_refine.occupancy_max                            ? 
_refine.occupancy_min                            ? 
_refine.pdbx_isotropic_thermal_model             ? 
_refine.B_iso_min                                ? 
_refine.B_iso_max                                ? 
_refine.overall_SU_R_Cruickshank_DPI             ? 
_refine.overall_SU_R_free                        ? 
_refine.pdbx_data_cutoff_high_rms_absF           ? 
_refine.ls_wR_factor_R_free                      ? 
_refine.ls_wR_factor_R_work                      ? 
_refine.overall_FOM_free_R_set                   ? 
_refine.overall_FOM_work_R_set                   ? 
_refine.pdbx_overall_phase_error                 ? 
_refine.pdbx_refine_id                           'X-RAY DIFFRACTION' 
_refine.pdbx_diffrn_id                           1 
_refine.pdbx_TLS_residual_ADP_flag               ? 
_refine.pdbx_overall_SU_R_free_Cruickshank_DPI   ? 
_refine.pdbx_overall_SU_R_Blow_DPI               ? 
_refine.pdbx_overall_SU_R_free_Blow_DPI          ? 
# 
_refine_hist.pdbx_refine_id                   'X-RAY DIFFRACTION' 
_refine_hist.cycle_id                         LAST 
_refine_hist.pdbx_number_atoms_protein        1308 
_refine_hist.pdbx_number_atoms_nucleic_acid   0 
_refine_hist.pdbx_number_atoms_ligand         25 
_refine_hist.number_atoms_solvent             273 
_refine_hist.number_atoms_total               1606 
_refine_hist.d_res_high                       1.700 
_refine_hist.d_res_low                        52.410 
# 
loop_
_refine_ls_restr.type 
_refine_ls_restr.number 
_refine_ls_restr.dev_ideal 
_refine_ls_restr.dev_ideal_target 
_refine_ls_restr.weight 
_refine_ls_restr.pdbx_refine_id 
_refine_ls_restr.pdbx_restraint_function 
r_bond_refined_d         1354 0.012  0.022  ? 'X-RAY DIFFRACTION' ? 
r_angle_refined_deg      1831 1.234  1.969  ? 'X-RAY DIFFRACTION' ? 
r_dihedral_angle_1_deg   171  5.897  5.000  ? 'X-RAY DIFFRACTION' ? 
r_dihedral_angle_2_deg   62   30.406 23.387 ? 'X-RAY DIFFRACTION' ? 
r_dihedral_angle_3_deg   247  11.740 15.000 ? 'X-RAY DIFFRACTION' ? 
r_dihedral_angle_4_deg   13   19.990 15.000 ? 'X-RAY DIFFRACTION' ? 
r_chiral_restr           203  0.077  0.200  ? 'X-RAY DIFFRACTION' ? 
r_gen_planes_refined     1016 0.005  0.020  ? 'X-RAY DIFFRACTION' ? 
r_nbd_refined            659  0.203  0.200  ? 'X-RAY DIFFRACTION' ? 
r_nbtor_refined          931  0.303  0.200  ? 'X-RAY DIFFRACTION' ? 
r_xyhbond_nbd_refined    176  0.142  0.200  ? 'X-RAY DIFFRACTION' ? 
r_symmetry_vdw_refined   34   0.236  0.200  ? 'X-RAY DIFFRACTION' ? 
r_symmetry_hbond_refined 25   0.185  0.200  ? 'X-RAY DIFFRACTION' ? 
r_mcbond_it              844  0.682  1.500  ? 'X-RAY DIFFRACTION' ? 
r_mcangle_it             1315 1.052  2.000  ? 'X-RAY DIFFRACTION' ? 
r_scbond_it              588  2.105  3.000  ? 'X-RAY DIFFRACTION' ? 
r_scangle_it             511  3.064  4.500  ? 'X-RAY DIFFRACTION' ? 
# 
_refine_ls_shell.d_res_high                       1.700 
_refine_ls_shell.d_res_low                        1.744 
_refine_ls_shell.pdbx_total_number_of_bins_used   20 
_refine_ls_shell.percent_reflns_obs               99.940 
_refine_ls_shell.number_reflns_R_work             1615 
_refine_ls_shell.R_factor_all                     ? 
_refine_ls_shell.R_factor_R_work                  0.324 
_refine_ls_shell.R_factor_R_free                  0.389 
_refine_ls_shell.percent_reflns_R_free            ? 
_refine_ls_shell.number_reflns_R_free             73 
_refine_ls_shell.R_factor_R_free_error            ? 
_refine_ls_shell.number_reflns_all                1688 
_refine_ls_shell.number_reflns_obs                ? 
_refine_ls_shell.redundancy_reflns_obs            ? 
_refine_ls_shell.pdbx_refine_id                   'X-RAY DIFFRACTION' 
# 
_struct.entry_id                  2RB1 
_struct.title                     '2-ethoxyphenol in complex with T4 lysozyme L99A' 
_struct.pdbx_model_details        ? 
_struct.pdbx_CASP_flag            N 
_struct.pdbx_model_type_details   ? 
# 
_struct_keywords.entry_id        2RB1 
_struct_keywords.pdbx_keywords   HYDROLASE 
_struct_keywords.text            'protein cavities, HYDROLASE' 
# 
loop_
_struct_asym.id 
_struct_asym.pdbx_blank_PDB_chainid_flag 
_struct_asym.pdbx_modified 
_struct_asym.entity_id 
_struct_asym.details 
A N N 1 ? 
B N N 2 ? 
C N N 3 ? 
D N N 3 ? 
E N N 4 ? 
# 
_struct_biol.id        1 
_struct_biol.details   ? 
# 
loop_
_struct_conf.conf_type_id 
_struct_conf.id 
_struct_conf.pdbx_PDB_helix_id 
_struct_conf.beg_label_comp_id 
_struct_conf.beg_label_asym_id 
_struct_conf.beg_label_seq_id 
_struct_conf.pdbx_beg_PDB_ins_code 
_struct_conf.end_label_comp_id 
_struct_conf.end_label_asym_id 
_struct_conf.end_label_seq_id 
_struct_conf.pdbx_end_PDB_ins_code 
_struct_conf.beg_auth_comp_id 
_struct_conf.beg_auth_asym_id 
_struct_conf.beg_auth_seq_id 
_struct_conf.end_auth_comp_id 
_struct_conf.end_auth_asym_id 
_struct_conf.end_auth_seq_id 
_struct_conf.pdbx_PDB_helix_class 
_struct_conf.details 
_struct_conf.pdbx_PDB_helix_length 
HELX_P HELX_P1  1  ASN A 2   ? GLY A 12  ? ASN X 2   GLY X 12  1 ? 11 
HELX_P HELX_P2  2  SER A 38  ? GLY A 51  ? SER X 38  GLY X 51  1 ? 14 
HELX_P HELX_P3  3  THR A 59  ? ARG A 80  ? THR X 59  ARG X 80  1 ? 22 
HELX_P HELX_P4  4  LYS A 83  ? LEU A 91  ? LYS X 83  LEU X 91  1 ? 9  
HELX_P HELX_P5  5  ASP A 92  ? ALA A 112 ? ASP X 92  ALA X 112 1 ? 21 
HELX_P HELX_P6  6  PHE A 114 ? GLN A 123 ? PHE X 114 GLN X 123 1 ? 10 
HELX_P HELX_P7  7  ARG A 125 ? LYS A 135 ? ARG X 125 LYS X 135 1 ? 11 
HELX_P HELX_P8  8  SER A 136 ? THR A 142 ? SER X 136 THR X 142 1 ? 7  
HELX_P HELX_P9  9  THR A 142 ? GLY A 156 ? THR X 142 GLY X 156 1 ? 15 
HELX_P HELX_P10 10 TRP A 158 ? LYS A 162 ? TRP X 158 LYS X 162 5 ? 5  
# 
_struct_conf_type.id          HELX_P 
_struct_conf_type.criteria    ? 
_struct_conf_type.reference   ? 
# 
_struct_sheet.id               A 
_struct_sheet.type             ? 
_struct_sheet.number_strands   3 
_struct_sheet.details          ? 
# 
loop_
_struct_sheet_order.sheet_id 
_struct_sheet_order.range_id_1 
_struct_sheet_order.range_id_2 
_struct_sheet_order.offset 
_struct_sheet_order.sense 
A 1 2 ? anti-parallel 
A 2 3 ? anti-parallel 
# 
loop_
_struct_sheet_range.sheet_id 
_struct_sheet_range.id 
_struct_sheet_range.beg_label_comp_id 
_struct_sheet_range.beg_label_asym_id 
_struct_sheet_range.beg_label_seq_id 
_struct_sheet_range.pdbx_beg_PDB_ins_code 
_struct_sheet_range.end_label_comp_id 
_struct_sheet_range.end_label_asym_id 
_struct_sheet_range.end_label_seq_id 
_struct_sheet_range.pdbx_end_PDB_ins_code 
_struct_sheet_range.beg_auth_comp_id 
_struct_sheet_range.beg_auth_asym_id 
_struct_sheet_range.beg_auth_seq_id 
_struct_sheet_range.end_auth_comp_id 
_struct_sheet_range.end_auth_asym_id 
_struct_sheet_range.end_auth_seq_id 
A 1 ARG A 14 ? LYS A 19 ? ARG X 14 LYS X 19 
A 2 TYR A 25 ? GLY A 28 ? TYR X 25 GLY X 28 
A 3 HIS A 31 ? LEU A 32 ? HIS X 31 LEU X 32 
# 
loop_
_pdbx_struct_sheet_hbond.sheet_id 
_pdbx_struct_sheet_hbond.range_id_1 
_pdbx_struct_sheet_hbond.range_id_2 
_pdbx_struct_sheet_hbond.range_1_label_atom_id 
_pdbx_struct_sheet_hbond.range_1_label_comp_id 
_pdbx_struct_sheet_hbond.range_1_label_asym_id 
_pdbx_struct_sheet_hbond.range_1_label_seq_id 
_pdbx_struct_sheet_hbond.range_1_PDB_ins_code 
_pdbx_struct_sheet_hbond.range_1_auth_atom_id 
_pdbx_struct_sheet_hbond.range_1_auth_comp_id 
_pdbx_struct_sheet_hbond.range_1_auth_asym_id 
_pdbx_struct_sheet_hbond.range_1_auth_seq_id 
_pdbx_struct_sheet_hbond.range_2_label_atom_id 
_pdbx_struct_sheet_hbond.range_2_label_comp_id 
_pdbx_struct_sheet_hbond.range_2_label_asym_id 
_pdbx_struct_sheet_hbond.range_2_label_seq_id 
_pdbx_struct_sheet_hbond.range_2_PDB_ins_code 
_pdbx_struct_sheet_hbond.range_2_auth_atom_id 
_pdbx_struct_sheet_hbond.range_2_auth_comp_id 
_pdbx_struct_sheet_hbond.range_2_auth_asym_id 
_pdbx_struct_sheet_hbond.range_2_auth_seq_id 
A 1 2 N TYR A 18 ? N TYR X 18 O THR A 26 ? O THR X 26 
A 2 3 N ILE A 27 ? N ILE X 27 O HIS A 31 ? O HIS X 31 
# 
loop_
_struct_site.id 
_struct_site.pdbx_evidence_code 
_struct_site.pdbx_auth_asym_id 
_struct_site.pdbx_auth_comp_id 
_struct_site.pdbx_auth_seq_id 
_struct_site.pdbx_auth_ins_code 
_struct_site.pdbx_num_residues 
_struct_site.details 
AC1 Software X PO4 2001 ? 7 'BINDING SITE FOR RESIDUE PO4 X 2001' 
AC2 Software X 261 1001 ? 5 'BINDING SITE FOR RESIDUE 261 X 1001' 
AC3 Software X 261 1002 ? 5 'BINDING SITE FOR RESIDUE 261 X 1002' 
# 
loop_
_struct_site_gen.id 
_struct_site_gen.site_id 
_struct_site_gen.pdbx_num_res 
_struct_site_gen.label_comp_id 
_struct_site_gen.label_asym_id 
_struct_site_gen.label_seq_id 
_struct_site_gen.pdbx_auth_ins_code 
_struct_site_gen.auth_comp_id 
_struct_site_gen.auth_asym_id 
_struct_site_gen.auth_seq_id 
_struct_site_gen.label_atom_id 
_struct_site_gen.label_alt_id 
_struct_site_gen.symmetry 
_struct_site_gen.details 
1  AC1 7 GLN A 122 ? GLN X 122  . ? 1_555 ? 
2  AC1 7 ASN A 144 ? ASN X 144  . ? 4_565 ? 
3  AC1 7 ARG A 148 ? ARG X 148  . ? 4_565 ? 
4  AC1 7 HOH E .   ? HOH X 2047 . ? 1_555 ? 
5  AC1 7 HOH E .   ? HOH X 2166 . ? 1_555 ? 
6  AC1 7 HOH E .   ? HOH X 2232 . ? 1_555 ? 
7  AC1 7 HOH E .   ? HOH X 2243 . ? 1_555 ? 
8  AC2 5 ALA A 99  ? ALA X 99   . ? 1_555 ? 
9  AC2 5 LEU A 118 ? LEU X 118  . ? 1_555 ? 
10 AC2 5 LEU A 121 ? LEU X 121  . ? 1_555 ? 
11 AC2 5 LEU A 133 ? LEU X 133  . ? 1_555 ? 
12 AC2 5 PHE A 153 ? PHE X 153  . ? 1_555 ? 
13 AC3 5 ARG A 14  ? ARG X 14   . ? 1_555 ? 
14 AC3 5 TYR A 18  ? TYR X 18   . ? 1_555 ? 
15 AC3 5 ARG A 125 ? ARG X 125  . ? 4_455 ? 
16 AC3 5 GLU A 128 ? GLU X 128  . ? 4_455 ? 
17 AC3 5 HOH E .   ? HOH X 2121 . ? 1_555 ? 
# 
_atom_sites.entry_id                    2RB1 
_atom_sites.fract_transf_matrix[1][1]   0.01694037 
_atom_sites.fract_transf_matrix[1][2]   0.00852131 
_atom_sites.fract_transf_matrix[1][3]   -0.00219667 
_atom_sites.fract_transf_matrix[2][1]   0.00780031 
_atom_sites.fract_transf_matrix[2][2]   0.00962104 
_atom_sites.fract_transf_matrix[2][3]   0.01452649 
_atom_sites.fract_transf_matrix[3][1]   0.00472738 
_atom_sites.fract_transf_matrix[3][2]   -0.00858641 
_atom_sites.fract_transf_matrix[3][3]   0.00314840 
_atom_sites.fract_transf_vector[1]      -0.224110 
_atom_sites.fract_transf_vector[2]      0.317609 
_atom_sites.fract_transf_vector[3]      -0.101102 
# 
loop_
_atom_type.symbol 
C 
N 
O 
P 
S 
# 
loop_
_atom_site.group_PDB 
_atom_site.id 
_atom_site.type_symbol 
_atom_site.label_atom_id 
_atom_site.label_alt_id 
_atom_site.label_comp_id 
_atom_site.label_asym_id 
_atom_site.label_entity_id 
_atom_site.label_seq_id 
_atom_site.pdbx_PDB_ins_code 
_atom_site.Cartn_x 
_atom_site.Cartn_y 
_atom_site.Cartn_z 
_atom_site.occupancy 
_atom_site.B_iso_or_equiv 
_atom_site.pdbx_formal_charge 
_atom_site.auth_seq_id 
_atom_site.auth_comp_id 
_atom_site.auth_asym_id 
_atom_site.auth_atom_id 
_atom_site.pdbx_PDB_model_num 
ATOM   1    N N   . MET A 1 1   ? 13.784  3.057   -10.184 1.00 18.81 ? 1    MET X N   1 
ATOM   2    C CA  . MET A 1 1   ? 12.623  2.644   -9.330  1.00 18.40 ? 1    MET X CA  1 
ATOM   3    C C   . MET A 1 1   ? 12.456  3.611   -8.151  1.00 17.52 ? 1    MET X C   1 
ATOM   4    O O   . MET A 1 1   ? 13.430  4.167   -7.641  1.00 18.52 ? 1    MET X O   1 
ATOM   5    C CB  . MET A 1 1   ? 12.809  1.192   -8.868  1.00 18.83 ? 1    MET X CB  1 
ATOM   6    C CG  . MET A 1 1   ? 11.633  0.578   -8.113  1.00 20.76 ? 1    MET X CG  1 
ATOM   7    S SD  . MET A 1 1   ? 10.091  0.435   -9.039  1.00 23.79 ? 1    MET X SD  1 
ATOM   8    C CE  . MET A 1 1   ? 10.754  -0.253  -10.529 1.00 18.59 ? 1    MET X CE  1 
ATOM   9    N N   . ASN A 1 2   ? 11.207  3.824   -7.743  1.00 16.48 ? 2    ASN X N   1 
ATOM   10   C CA  . ASN A 1 2   ? 10.866  4.627   -6.559  1.00 15.84 ? 2    ASN X CA  1 
ATOM   11   C C   . ASN A 1 2   ? 9.493   4.153   -6.060  1.00 14.62 ? 2    ASN X C   1 
ATOM   12   O O   . ASN A 1 2   ? 8.895   3.278   -6.688  1.00 14.02 ? 2    ASN X O   1 
ATOM   13   C CB  . ASN A 1 2   ? 10.858  6.127   -6.885  1.00 16.63 ? 2    ASN X CB  1 
ATOM   14   C CG  . ASN A 1 2   ? 9.906   6.476   -8.016  1.00 16.58 ? 2    ASN X CG  1 
ATOM   15   O OD1 . ASN A 1 2   ? 8.718   6.165   -7.961  1.00 15.38 ? 2    ASN X OD1 1 
ATOM   16   N ND2 . ASN A 1 2   ? 10.430  7.118   -9.058  1.00 15.72 ? 2    ASN X ND2 1 
ATOM   17   N N   . ILE A 1 3   ? 9.000   4.749   -4.974  1.00 14.17 ? 3    ILE X N   1 
ATOM   18   C CA  . ILE A 1 3   ? 7.731   4.312   -4.365  1.00 13.72 ? 3    ILE X CA  1 
ATOM   19   C C   . ILE A 1 3   ? 6.519   4.427   -5.328  1.00 13.42 ? 3    ILE X C   1 
ATOM   20   O O   . ILE A 1 3   ? 5.611   3.586   -5.287  1.00 13.11 ? 3    ILE X O   1 
ATOM   21   C CB  . ILE A 1 3   ? 7.456   5.040   -3.011  1.00 13.35 ? 3    ILE X CB  1 
ATOM   22   C CG1 . ILE A 1 3   ? 6.166   4.521   -2.362  1.00 13.81 ? 3    ILE X CG1 1 
ATOM   23   C CG2 . ILE A 1 3   ? 7.395   6.564   -3.213  1.00 13.65 ? 3    ILE X CG2 1 
ATOM   24   C CD1 . ILE A 1 3   ? 6.120   3.005   -2.113  1.00 12.51 ? 3    ILE X CD1 1 
ATOM   25   N N   . PHE A 1 4   ? 6.520   5.441   -6.201  1.00 13.76 ? 4    PHE X N   1 
ATOM   26   C CA  . PHE A 1 4   ? 5.432   5.569   -7.174  1.00 13.24 ? 4    PHE X CA  1 
ATOM   27   C C   . PHE A 1 4   ? 5.452   4.435   -8.197  1.00 13.25 ? 4    PHE X C   1 
ATOM   28   O O   . PHE A 1 4   ? 4.421   3.801   -8.461  1.00 12.32 ? 4    PHE X O   1 
ATOM   29   C CB  . PHE A 1 4   ? 5.460   6.944   -7.874  1.00 14.36 ? 4    PHE X CB  1 
ATOM   30   C CG  . PHE A 1 4   ? 5.066   8.083   -6.974  1.00 14.92 ? 4    PHE X CG  1 
ATOM   31   C CD1 . PHE A 1 4   ? 3.741   8.528   -6.926  1.00 19.21 ? 4    PHE X CD1 1 
ATOM   32   C CD2 . PHE A 1 4   ? 6.018   8.728   -6.198  1.00 17.41 ? 4    PHE X CD2 1 
ATOM   33   C CE1 . PHE A 1 4   ? 3.378   9.598   -6.084  1.00 19.21 ? 4    PHE X CE1 1 
ATOM   34   C CE2 . PHE A 1 4   ? 5.667   9.790   -5.358  1.00 16.99 ? 4    PHE X CE2 1 
ATOM   35   C CZ  . PHE A 1 4   ? 4.353   10.225  -5.310  1.00 17.11 ? 4    PHE X CZ  1 
ATOM   36   N N   . GLU A 1 5   ? 6.621   4.180   -8.776  1.00 12.98 ? 5    GLU X N   1 
ATOM   37   C CA  . GLU A 1 5   ? 6.729   3.100   -9.753  1.00 14.06 ? 5    GLU X CA  1 
ATOM   38   C C   . GLU A 1 5   ? 6.449   1.738   -9.115  1.00 13.50 ? 5    GLU X C   1 
ATOM   39   O O   . GLU A 1 5   ? 5.864   0.855   -9.751  1.00 13.57 ? 5    GLU X O   1 
ATOM   40   C CB  . GLU A 1 5   ? 8.106   3.113   -10.425 1.00 14.51 ? 5    GLU X CB  1 
ATOM   41   C CG  . GLU A 1 5   ? 8.437   4.423   -11.159 1.00 14.39 ? 5    GLU X CG  1 
ATOM   42   C CD  . GLU A 1 5   ? 9.752   4.339   -11.913 1.00 17.48 ? 5    GLU X CD  1 
ATOM   43   O OE1 . GLU A 1 5   ? 10.349  3.241   -11.947 1.00 22.28 ? 5    GLU X OE1 1 
ATOM   44   O OE2 . GLU A 1 5   ? 10.164  5.356   -12.508 1.00 19.93 ? 5    GLU X OE2 1 
ATOM   45   N N   . MET A 1 6   ? 6.876   1.579   -7.861  1.00 13.26 ? 6    MET X N   1 
ATOM   46   C CA  . MET A 1 6   ? 6.750   0.310   -7.129  1.00 13.33 ? 6    MET X CA  1 
ATOM   47   C C   . MET A 1 6   ? 5.275   0.000   -6.905  1.00 12.78 ? 6    MET X C   1 
ATOM   48   O O   . MET A 1 6   ? 4.796   -1.101  -7.224  1.00 12.11 ? 6    MET X O   1 
ATOM   49   C CB  . MET A 1 6   ? 7.452   0.422   -5.775  1.00 13.21 ? 6    MET X CB  1 
ATOM   50   C CG  . MET A 1 6   ? 7.435   -0.838  -4.922  1.00 13.39 ? 6    MET X CG  1 
ATOM   51   S SD  . MET A 1 6   ? 7.825   -0.379  -3.227  1.00 14.05 ? 6    MET X SD  1 
ATOM   52   C CE  . MET A 1 6   ? 8.481   -1.929  -2.577  1.00 12.99 ? 6    MET X CE  1 
ATOM   53   N N   . LEU A 1 7   ? 4.563   0.966   -6.330  1.00 13.04 ? 7    LEU X N   1 
ATOM   54   C CA  . LEU A 1 7   ? 3.115   0.803   -6.115  1.00 12.77 ? 7    LEU X CA  1 
ATOM   55   C C   . LEU A 1 7   ? 2.325   0.688   -7.423  1.00 13.26 ? 7    LEU X C   1 
ATOM   56   O O   . LEU A 1 7   ? 1.314   -0.016  -7.487  1.00 12.07 ? 7    LEU X O   1 
ATOM   57   C CB  . LEU A 1 7   ? 2.564   1.908   -5.206  1.00 13.52 ? 7    LEU X CB  1 
ATOM   58   C CG  . LEU A 1 7   ? 2.784   1.632   -3.709  1.00 12.38 ? 7    LEU X CG  1 
ATOM   59   C CD1 . LEU A 1 7   ? 2.572   2.919   -2.871  1.00 12.53 ? 7    LEU X CD1 1 
ATOM   60   C CD2 . LEU A 1 7   ? 1.875   0.466   -3.210  1.00 12.83 ? 7    LEU X CD2 1 
ATOM   61   N N   . ARG A 1 8   ? 2.787   1.347   -8.483  1.00 13.17 ? 8    ARG X N   1 
ATOM   62   C CA  . ARG A 1 8   ? 2.098   1.216   -9.778  1.00 13.43 ? 8    ARG X CA  1 
ATOM   63   C C   . ARG A 1 8   ? 2.151   -0.241  -10.298 1.00 13.41 ? 8    ARG X C   1 
ATOM   64   O O   . ARG A 1 8   ? 1.167   -0.766  -10.827 1.00 13.72 ? 8    ARG X O   1 
ATOM   65   C CB  . ARG A 1 8   ? 2.688   2.190   -10.801 1.00 13.67 ? 8    ARG X CB  1 
ATOM   66   C CG  . ARG A 1 8   ? 2.224   1.967   -12.237 1.00 15.29 ? 8    ARG X CG  1 
ATOM   67   C CD  . ARG A 1 8   ? 0.705   2.211   -12.426 1.00 17.61 ? 8    ARG X CD  1 
ATOM   68   N NE  . ARG A 1 8   ? 0.321   1.988   -13.826 1.00 19.38 ? 8    ARG X NE  1 
ATOM   69   C CZ  . ARG A 1 8   ? 0.107   0.786   -14.356 1.00 20.38 ? 8    ARG X CZ  1 
ATOM   70   N NH1 . ARG A 1 8   ? 0.208   -0.309  -13.602 1.00 21.11 ? 8    ARG X NH1 1 
ATOM   71   N NH2 . ARG A 1 8   ? -0.233  0.681   -15.643 1.00 23.03 ? 8    ARG X NH2 1 
ATOM   72   N N   . ILE A 1 9   ? 3.310   -0.884  -10.123 1.00 12.96 ? 9    ILE X N   1 
ATOM   73   C CA  . ILE A 1 9   ? 3.466   -2.308  -10.411 1.00 13.18 ? 9    ILE X CA  1 
ATOM   74   C C   . ILE A 1 9   ? 2.552   -3.180  -9.523  1.00 13.01 ? 9    ILE X C   1 
ATOM   75   O O   . ILE A 1 9   ? 1.829   -4.072  -10.035 1.00 13.28 ? 9    ILE X O   1 
ATOM   76   C CB  . ILE A 1 9   ? 4.955   -2.715  -10.294 1.00 13.82 ? 9    ILE X CB  1 
ATOM   77   C CG1 . ILE A 1 9   ? 5.736   -2.150  -11.480 1.00 13.09 ? 9    ILE X CG1 1 
ATOM   78   C CG2 . ILE A 1 9   ? 5.145   -4.233  -10.185 1.00 13.89 ? 9    ILE X CG2 1 
ATOM   79   C CD1 . ILE A 1 9   ? 7.227   -2.089  -11.233 1.00 14.41 ? 9    ILE X CD1 1 
ATOM   80   N N   . ASP A 1 10  ? 2.555   -2.914  -8.215  1.00 12.51 ? 10   ASP X N   1 
ATOM   81   C CA  . ASP A 1 10  ? 1.850   -3.780  -7.266  1.00 13.30 ? 10   ASP X CA  1 
ATOM   82   C C   . ASP A 1 10  ? 0.327   -3.628  -7.330  1.00 13.71 ? 10   ASP X C   1 
ATOM   83   O O   . ASP A 1 10  ? -0.404  -4.607  -7.099  1.00 14.73 ? 10   ASP X O   1 
ATOM   84   C CB  . ASP A 1 10  ? 2.341   -3.566  -5.836  1.00 12.82 ? 10   ASP X CB  1 
ATOM   85   C CG  . ASP A 1 10  ? 3.726   -4.188  -5.594  1.00 13.96 ? 10   ASP X CG  1 
ATOM   86   O OD1 . ASP A 1 10  ? 4.112   -5.127  -6.334  1.00 11.94 ? 10   ASP X OD1 1 
ATOM   87   O OD2 . ASP A 1 10  ? 4.413   -3.744  -4.664  1.00 13.99 ? 10   ASP X OD2 1 
ATOM   88   N N   . GLU A 1 11  ? -0.125  -2.424  -7.696  1.00 13.40 ? 11   GLU X N   1 
ATOM   89   C CA  . GLU A 1 11  ? -1.558  -2.073  -7.652  1.00 13.39 ? 11   GLU X CA  1 
ATOM   90   C C   . GLU A 1 11  ? -2.270  -2.071  -9.002  1.00 13.45 ? 11   GLU X C   1 
ATOM   91   O O   . GLU A 1 11  ? -3.499  -2.210  -9.051  1.00 12.95 ? 11   GLU X O   1 
ATOM   92   C CB  . GLU A 1 11  ? -1.753  -0.713  -6.957  1.00 13.80 ? 11   GLU X CB  1 
ATOM   93   C CG  . GLU A 1 11  ? -1.400  -0.719  -5.467  1.00 13.38 ? 11   GLU X CG  1 
ATOM   94   C CD  . GLU A 1 11  ? -2.245  -1.679  -4.610  1.00 16.12 ? 11   GLU X CD  1 
ATOM   95   O OE1 . GLU A 1 11  ? -3.228  -2.328  -5.091  1.00 15.06 ? 11   GLU X OE1 1 
ATOM   96   O OE2 . GLU A 1 11  ? -1.925  -1.778  -3.423  1.00 15.87 ? 11   GLU X OE2 1 
ATOM   97   N N   . GLY A 1 12  ? -1.506  -1.904  -10.077 1.00 13.76 ? 12   GLY X N   1 
ATOM   98   C CA  . GLY A 1 12  ? -2.062  -1.782  -11.421 1.00 15.00 ? 12   GLY X CA  1 
ATOM   99   C C   . GLY A 1 12  ? -2.758  -0.451  -11.649 1.00 15.33 ? 12   GLY X C   1 
ATOM   100  O O   . GLY A 1 12  ? -2.640  0.491   -10.832 1.00 14.51 ? 12   GLY X O   1 
ATOM   101  N N   . LEU A 1 13  ? -3.437  -0.356  -12.796 1.00 15.41 ? 13   LEU X N   1 
ATOM   102  C CA  . LEU A 1 13  ? -4.171  0.855   -13.160 1.00 16.07 ? 13   LEU X CA  1 
ATOM   103  C C   . LEU A 1 13  ? -5.457  0.443   -13.855 1.00 15.65 ? 13   LEU X C   1 
ATOM   104  O O   . LEU A 1 13  ? -5.426  -0.244  -14.898 1.00 15.29 ? 13   LEU X O   1 
ATOM   105  C CB  . LEU A 1 13  ? -3.334  1.772   -14.076 1.00 16.53 ? 13   LEU X CB  1 
ATOM   106  C CG  . LEU A 1 13  ? -4.042  2.965   -14.748 1.00 16.60 ? 13   LEU X CG  1 
ATOM   107  C CD1 . LEU A 1 13  ? -4.606  3.951   -13.719 1.00 20.27 ? 13   LEU X CD1 1 
ATOM   108  C CD2 . LEU A 1 13  ? -3.083  3.671   -15.741 1.00 18.53 ? 13   LEU X CD2 1 
ATOM   109  N N   . ARG A 1 14  ? -6.578  0.865   -13.279 1.00 15.42 ? 14   ARG X N   1 
ATOM   110  C CA  . ARG A 1 14  ? -7.886  0.604   -13.853 1.00 15.46 ? 14   ARG X CA  1 
ATOM   111  C C   . ARG A 1 14  ? -8.731  1.862   -13.715 0.50 14.15 ? 14   ARG X C   1 
ATOM   112  O O   . ARG A 1 14  ? -8.799  2.455   -12.644 0.50 11.83 ? 14   ARG X O   1 
ATOM   113  C CB  . ARG A 1 14  ? -8.543  -0.605  -13.157 1.00 16.32 ? 14   ARG X CB  1 
ATOM   114  C CG  . ARG A 1 14  ? -10.003 -0.868  -13.508 1.00 22.05 ? 14   ARG X CG  1 
ATOM   115  C CD  . ARG A 1 14  ? -10.171 -1.496  -14.881 1.00 28.68 ? 14   ARG X CD  1 
ATOM   116  N NE  . ARG A 1 14  ? -11.517 -2.044  -15.067 1.00 32.46 ? 14   ARG X NE  1 
ATOM   117  C CZ  . ARG A 1 14  ? -11.987 -2.490  -16.229 1.00 35.19 ? 14   ARG X CZ  1 
ATOM   118  N NH1 . ARG A 1 14  ? -11.221 -2.459  -17.322 1.00 37.28 ? 14   ARG X NH1 1 
ATOM   119  N NH2 . ARG A 1 14  ? -13.222 -2.967  -16.303 1.00 36.91 ? 14   ARG X NH2 1 
ATOM   120  N N   . LEU A 1 15  ? -9.342  2.289   -14.818 1.00 15.03 ? 15   LEU X N   1 
ATOM   121  C CA  . LEU A 1 15  ? -10.066 3.575   -14.841 1.00 15.50 ? 15   LEU X CA  1 
ATOM   122  C C   . LEU A 1 15  ? -11.577 3.460   -14.549 1.00 16.32 ? 15   LEU X C   1 
ATOM   123  O O   . LEU A 1 15  ? -12.279 4.483   -14.495 1.00 17.20 ? 15   LEU X O   1 
ATOM   124  C CB  . LEU A 1 15  ? -9.807  4.315   -16.174 1.00 15.79 ? 15   LEU X CB  1 
ATOM   125  C CG  . LEU A 1 15  ? -8.346  4.688   -16.466 1.00 15.82 ? 15   LEU X CG  1 
ATOM   126  C CD1 . LEU A 1 15  ? -8.214  5.429   -17.818 1.00 19.22 ? 15   LEU X CD1 1 
ATOM   127  C CD2 . LEU A 1 15  ? -7.746  5.528   -15.333 1.00 17.14 ? 15   LEU X CD2 1 
ATOM   128  N N   . LYS A 1 16  ? -12.059 2.227   -14.342 1.00 16.23 ? 16   LYS X N   1 
ATOM   129  C CA  . LYS A 1 16  ? -13.448 1.982   -13.945 1.00 16.99 ? 16   LYS X CA  1 
ATOM   130  C C   . LYS A 1 16  ? -13.452 1.290   -12.576 1.00 15.28 ? 16   LYS X C   1 
ATOM   131  O O   . LYS A 1 16  ? -12.507 0.569   -12.228 1.00 15.85 ? 16   LYS X O   1 
ATOM   132  C CB  . LYS A 1 16  ? -14.189 1.107   -14.974 1.00 17.40 ? 16   LYS X CB  1 
ATOM   133  C CG  . LYS A 1 16  ? -14.132 1.603   -16.428 1.00 19.63 ? 16   LYS X CG  1 
ATOM   134  C CD  . LYS A 1 16  ? -14.667 0.506   -17.381 1.00 19.97 ? 16   LYS X CD  1 
ATOM   135  C CE  . LYS A 1 16  ? -14.870 1.034   -18.790 1.00 24.08 ? 16   LYS X CE  1 
ATOM   136  N N   . ILE A 1 17  ? -14.507 1.490   -11.798 1.00 14.96 ? 17   ILE X N   1 
ATOM   137  C CA  . ILE A 1 17  ? -14.606 0.810   -10.509 1.00 14.42 ? 17   ILE X CA  1 
ATOM   138  C C   . ILE A 1 17  ? -14.429 -0.699  -10.656 1.00 14.75 ? 17   ILE X C   1 
ATOM   139  O O   . ILE A 1 17  ? -15.036 -1.324  -11.530 1.00 15.11 ? 17   ILE X O   1 
ATOM   140  C CB  . ILE A 1 17  ? -15.952 1.110   -9.806  1.00 14.23 ? 17   ILE X CB  1 
ATOM   141  C CG1 . ILE A 1 17  ? -16.056 2.611   -9.470  1.00 14.70 ? 17   ILE X CG1 1 
ATOM   142  C CG2 . ILE A 1 17  ? -16.118 0.242   -8.557  1.00 14.11 ? 17   ILE X CG2 1 
ATOM   143  C CD1 . ILE A 1 17  ? -17.441 3.044   -8.932  1.00 15.82 ? 17   ILE X CD1 1 
ATOM   144  N N   . TYR A 1 18  ? -13.607 -1.284  -9.783  1.00 14.53 ? 18   TYR X N   1 
ATOM   145  C CA  . TYR A 1 18  ? -13.413 -2.743  -9.751  1.00 15.25 ? 18   TYR X CA  1 
ATOM   146  C C   . TYR A 1 18  ? -13.276 -3.180  -8.285  1.00 14.67 ? 18   TYR X C   1 
ATOM   147  O O   . TYR A 1 18  ? -13.177 -2.334  -7.395  1.00 14.72 ? 18   TYR X O   1 
ATOM   148  C CB  . TYR A 1 18  ? -12.185 -3.138  -10.566 1.00 15.97 ? 18   TYR X CB  1 
ATOM   149  C CG  . TYR A 1 18  ? -10.847 -2.747  -9.944  1.00 16.00 ? 18   TYR X CG  1 
ATOM   150  C CD1 . TYR A 1 18  ? -10.329 -1.441  -10.083 1.00 14.89 ? 18   TYR X CD1 1 
ATOM   151  C CD2 . TYR A 1 18  ? -10.098 -3.684  -9.216  1.00 17.03 ? 18   TYR X CD2 1 
ATOM   152  C CE1 . TYR A 1 18  ? -9.100  -1.091  -9.513  1.00 16.77 ? 18   TYR X CE1 1 
ATOM   153  C CE2 . TYR A 1 18  ? -8.873  -3.350  -8.653  1.00 18.28 ? 18   TYR X CE2 1 
ATOM   154  C CZ  . TYR A 1 18  ? -8.377  -2.067  -8.792  1.00 17.53 ? 18   TYR X CZ  1 
ATOM   155  O OH  . TYR A 1 18  ? -7.163  -1.731  -8.222  1.00 20.73 ? 18   TYR X OH  1 
ATOM   156  N N   . LYS A 1 19  ? -13.278 -4.489  -8.046  1.00 14.14 ? 19   LYS X N   1 
ATOM   157  C CA  . LYS A 1 19  ? -13.066 -4.993  -6.690  1.00 13.35 ? 19   LYS X CA  1 
ATOM   158  C C   . LYS A 1 19  ? -11.607 -5.436  -6.547  1.00 13.81 ? 19   LYS X C   1 
ATOM   159  O O   . LYS A 1 19  ? -11.069 -6.143  -7.418  1.00 13.65 ? 19   LYS X O   1 
ATOM   160  C CB  . LYS A 1 19  ? -14.026 -6.135  -6.353  1.00 14.21 ? 19   LYS X CB  1 
ATOM   161  C CG  . LYS A 1 19  ? -15.505 -5.758  -6.327  1.00 13.23 ? 19   LYS X CG  1 
ATOM   162  C CD  . LYS A 1 19  ? -16.328 -7.000  -5.987  1.00 15.92 ? 19   LYS X CD  1 
ATOM   163  C CE  . LYS A 1 19  ? -17.821 -6.686  -5.839  1.00 18.04 ? 19   LYS X CE  1 
ATOM   164  N NZ  . LYS A 1 19  ? -18.535 -7.945  -5.477  1.00 18.44 ? 19   LYS X NZ  1 
ATOM   165  N N   . ASP A 1 20  ? -10.975 -5.009  -5.454  1.00 13.03 ? 20   ASP X N   1 
ATOM   166  C CA  . ASP A 1 20  ? -9.577  -5.381  -5.204  1.00 14.22 ? 20   ASP X CA  1 
ATOM   167  C C   . ASP A 1 20  ? -9.485  -6.852  -4.746  1.00 13.76 ? 20   ASP X C   1 
ATOM   168  O O   . ASP A 1 20  ? -10.490 -7.588  -4.773  1.00 13.55 ? 20   ASP X O   1 
ATOM   169  C CB  . ASP A 1 20  ? -8.915  -4.411  -4.210  1.00 14.27 ? 20   ASP X CB  1 
ATOM   170  C CG  . ASP A 1 20  ? -9.377  -4.607  -2.756  1.00 15.81 ? 20   ASP X CG  1 
ATOM   171  O OD1 . ASP A 1 20  ? -10.192 -5.508  -2.431  1.00 13.95 ? 20   ASP X OD1 1 
ATOM   172  O OD2 . ASP A 1 20  ? -8.900  -3.822  -1.901  1.00 20.08 ? 20   ASP X OD2 1 
ATOM   173  N N   . THR A 1 21  ? -8.295  -7.261  -4.297  1.00 14.14 ? 21   THR X N   1 
ATOM   174  C CA  A THR A 1 21  ? -8.056  -8.663  -3.920  0.50 13.61 ? 21   THR X CA  1 
ATOM   175  C CA  B THR A 1 21  ? -8.084  -8.663  -3.929  0.50 13.76 ? 21   THR X CA  1 
ATOM   176  C C   . THR A 1 21  ? -8.901  -9.087  -2.712  1.00 14.10 ? 21   THR X C   1 
ATOM   177  O O   . THR A 1 21  ? -9.134  -10.277 -2.504  1.00 13.65 ? 21   THR X O   1 
ATOM   178  C CB  A THR A 1 21  ? -6.559  -8.947  -3.591  0.50 13.99 ? 21   THR X CB  1 
ATOM   179  C CB  B THR A 1 21  ? -6.628  -8.991  -3.595  0.50 14.21 ? 21   THR X CB  1 
ATOM   180  O OG1 A THR A 1 21  ? -6.136  -8.137  -2.486  0.50 11.03 ? 21   THR X OG1 1 
ATOM   181  O OG1 B THR A 1 21  ? -5.729  -8.102  -4.265  0.50 16.76 ? 21   THR X OG1 1 
ATOM   182  C CG2 A THR A 1 21  ? -5.649  -8.722  -4.800  0.50 14.58 ? 21   THR X CG2 1 
ATOM   183  C CG2 B THR A 1 21  ? -6.364  -10.413 -3.993  0.50 10.04 ? 21   THR X CG2 1 
ATOM   184  N N   . GLU A 1 22  ? -9.311  -8.120  -1.895  1.00 14.37 ? 22   GLU X N   1 
ATOM   185  C CA  . GLU A 1 22  ? -10.149 -8.404  -0.720  1.00 14.82 ? 22   GLU X CA  1 
ATOM   186  C C   . GLU A 1 22  ? -11.656 -8.331  -1.022  1.00 14.73 ? 22   GLU X C   1 
ATOM   187  O O   . GLU A 1 22  ? -12.489 -8.552  -0.122  1.00 14.73 ? 22   GLU X O   1 
ATOM   188  C CB  . GLU A 1 22  ? -9.811  -7.468  0.439   1.00 15.37 ? 22   GLU X CB  1 
ATOM   189  C CG  . GLU A 1 22  ? -8.404  -7.654  1.052   1.00 16.66 ? 22   GLU X CG  1 
ATOM   190  C CD  . GLU A 1 22  ? -8.210  -8.983  1.779   1.00 20.83 ? 22   GLU X CD  1 
ATOM   191  O OE1 . GLU A 1 22  ? -9.194  -9.710  2.070   1.00 23.10 ? 22   GLU X OE1 1 
ATOM   192  O OE2 . GLU A 1 22  ? -7.036  -9.308  2.067   1.00 21.16 ? 22   GLU X OE2 1 
ATOM   193  N N   . GLY A 1 23  ? -11.978 -8.024  -2.281  1.00 13.40 ? 23   GLY X N   1 
ATOM   194  C CA  . GLY A 1 23  ? -13.360 -7.860  -2.741  1.00 13.45 ? 23   GLY X CA  1 
ATOM   195  C C   . GLY A 1 23  ? -13.957 -6.479  -2.512  1.00 13.73 ? 23   GLY X C   1 
ATOM   196  O O   . GLY A 1 23  ? -15.176 -6.288  -2.644  1.00 14.34 ? 23   GLY X O   1 
ATOM   197  N N   . TYR A 1 24  ? -13.100 -5.499  -2.215  1.00 13.70 ? 24   TYR X N   1 
ATOM   198  C CA  . TYR A 1 24  ? -13.550 -4.120  -1.968  1.00 14.42 ? 24   TYR X CA  1 
ATOM   199  C C   . TYR A 1 24  ? -13.478 -3.182  -3.174  1.00 13.37 ? 24   TYR X C   1 
ATOM   200  O O   . TYR A 1 24  ? -12.495 -3.181  -3.902  1.00 12.55 ? 24   TYR X O   1 
ATOM   201  C CB  . TYR A 1 24  ? -12.745 -3.504  -0.836  1.00 16.18 ? 24   TYR X CB  1 
ATOM   202  C CG  . TYR A 1 24  ? -12.842 -4.251  0.471   1.00 18.20 ? 24   TYR X CG  1 
ATOM   203  C CD1 . TYR A 1 24  ? -14.072 -4.713  0.936   1.00 22.17 ? 24   TYR X CD1 1 
ATOM   204  C CD2 . TYR A 1 24  ? -11.705 -4.485  1.242   1.00 21.01 ? 24   TYR X CD2 1 
ATOM   205  C CE1 . TYR A 1 24  ? -14.171 -5.396  2.148   1.00 22.81 ? 24   TYR X CE1 1 
ATOM   206  C CE2 . TYR A 1 24  ? -11.790 -5.169  2.457   1.00 21.64 ? 24   TYR X CE2 1 
ATOM   207  C CZ  . TYR A 1 24  ? -13.030 -5.618  2.898   1.00 23.20 ? 24   TYR X CZ  1 
ATOM   208  O OH  . TYR A 1 24  ? -13.154 -6.296  4.100   1.00 25.41 ? 24   TYR X OH  1 
ATOM   209  N N   . TYR A 1 25  ? -14.517 -2.361  -3.350  1.00 13.26 ? 25   TYR X N   1 
ATOM   210  C CA  . TYR A 1 25  ? -14.556 -1.411  -4.477  1.00 13.67 ? 25   TYR X CA  1 
ATOM   211  C C   . TYR A 1 25  ? -13.393 -0.430  -4.450  1.00 12.65 ? 25   TYR X C   1 
ATOM   212  O O   . TYR A 1 25  ? -13.101 0.205   -3.420  1.00 12.60 ? 25   TYR X O   1 
ATOM   213  C CB  . TYR A 1 25  ? -15.867 -0.642  -4.510  1.00 14.92 ? 25   TYR X CB  1 
ATOM   214  C CG  . TYR A 1 25  ? -17.031 -1.535  -4.825  1.00 15.89 ? 25   TYR X CG  1 
ATOM   215  C CD1 . TYR A 1 25  ? -17.108 -2.189  -6.064  1.00 18.32 ? 25   TYR X CD1 1 
ATOM   216  C CD2 . TYR A 1 25  ? -18.057 -1.719  -3.907  1.00 18.28 ? 25   TYR X CD2 1 
ATOM   217  C CE1 . TYR A 1 25  ? -18.196 -3.028  -6.375  1.00 18.42 ? 25   TYR X CE1 1 
ATOM   218  C CE2 . TYR A 1 25  ? -19.155 -2.549  -4.214  1.00 18.81 ? 25   TYR X CE2 1 
ATOM   219  C CZ  . TYR A 1 25  ? -19.214 -3.188  -5.430  1.00 19.81 ? 25   TYR X CZ  1 
ATOM   220  O OH  . TYR A 1 25  ? -20.310 -3.996  -5.719  1.00 20.05 ? 25   TYR X OH  1 
ATOM   221  N N   . THR A 1 26  ? -12.764 -0.308  -5.615  1.00 12.75 ? 26   THR X N   1 
ATOM   222  C CA  . THR A 1 26  ? -11.460 0.339   -5.771  1.00 13.33 ? 26   THR X CA  1 
ATOM   223  C C   . THR A 1 26  ? -11.448 0.990   -7.152  1.00 13.60 ? 26   THR X C   1 
ATOM   224  O O   . THR A 1 26  ? -12.207 0.580   -8.049  1.00 13.54 ? 26   THR X O   1 
ATOM   225  C CB  . THR A 1 26  ? -10.325 -0.733  -5.593  1.00 13.17 ? 26   THR X CB  1 
ATOM   226  O OG1 . THR A 1 26  ? -10.360 -1.244  -4.257  1.00 13.02 ? 26   THR X OG1 1 
ATOM   227  C CG2 . THR A 1 26  ? -8.904  -0.172  -5.870  1.00 13.42 ? 26   THR X CG2 1 
ATOM   228  N N   . ILE A 1 27  ? -10.591 1.991   -7.352  1.00 13.55 ? 27   ILE X N   1 
ATOM   229  C CA  . ILE A 1 27  ? -10.403 2.526   -8.698  1.00 13.43 ? 27   ILE X CA  1 
ATOM   230  C C   . ILE A 1 27  ? -8.969  3.034   -8.832  1.00 12.80 ? 27   ILE X C   1 
ATOM   231  O O   . ILE A 1 27  ? -8.284  3.180   -7.823  1.00 13.03 ? 27   ILE X O   1 
ATOM   232  C CB  . ILE A 1 27  ? -11.448 3.638   -9.029  1.00 12.87 ? 27   ILE X CB  1 
ATOM   233  C CG1 . ILE A 1 27  ? -11.615 3.794   -10.554 1.00 14.66 ? 27   ILE X CG1 1 
ATOM   234  C CG2 . ILE A 1 27  ? -11.099 4.960   -8.287  1.00 13.81 ? 27   ILE X CG2 1 
ATOM   235  C CD1 . ILE A 1 27  ? -12.825 4.624   -10.983 1.00 14.79 ? 27   ILE X CD1 1 
ATOM   236  N N   . GLY A 1 28  ? -8.532  3.260   -10.050 1.00 12.96 ? 28   GLY X N   1 
ATOM   237  C CA  . GLY A 1 28  ? -7.273  3.887   -10.325 1.00 13.06 ? 28   GLY X CA  1 
ATOM   238  C C   . GLY A 1 28  ? -6.075  3.026   -9.990  1.00 13.25 ? 28   GLY X C   1 
ATOM   239  O O   . GLY A 1 28  ? -6.014  1.921   -10.397 1.00 13.73 ? 28   GLY X O   1 
ATOM   240  N N   . ILE A 1 29  ? -5.152  3.601   -9.244  1.00 20.00 ? 29   ILE X N   1 
ATOM   241  C CA  . ILE A 1 29  ? -4.003  2.893   -8.785  1.00 20.00 ? 29   ILE X CA  1 
ATOM   242  C C   . ILE A 1 29  ? -4.177  2.524   -7.319  1.00 20.00 ? 29   ILE X C   1 
ATOM   243  O O   . ILE A 1 29  ? -3.715  3.155   -6.486  1.00 13.76 ? 29   ILE X O   1 
ATOM   244  C CB  . ILE A 1 29  ? -2.679  3.681   -9.026  1.00 20.00 ? 29   ILE X CB  1 
ATOM   245  C CG1 . ILE A 1 29  ? -2.657  4.195   -10.474 1.00 20.00 ? 29   ILE X CG1 1 
ATOM   246  C CG2 . ILE A 1 29  ? -1.499  2.793   -8.762  1.00 20.00 ? 29   ILE X CG2 1 
ATOM   247  C CD1 . ILE A 1 29  ? -1.681  5.202   -10.782 1.00 20.00 ? 29   ILE X CD1 1 
ATOM   248  N N   . GLY A 1 30  ? -4.919  1.481   -7.074  1.00 13.63 ? 30   GLY X N   1 
ATOM   249  C CA  . GLY A 1 30  ? -5.187  1.044   -5.745  1.00 13.41 ? 30   GLY X CA  1 
ATOM   250  C C   . GLY A 1 30  ? -5.866  2.021   -4.821  1.00 13.97 ? 30   GLY X C   1 
ATOM   251  O O   . GLY A 1 30  ? -5.642  1.988   -3.648  1.00 13.89 ? 30   GLY X O   1 
ATOM   252  N N   . HIS A 1 31  ? -6.743  2.843   -5.371  1.00 13.47 ? 31   HIS X N   1 
ATOM   253  C CA  . HIS A 1 31  ? -7.494  3.762   -4.500  1.00 13.98 ? 31   HIS X CA  1 
ATOM   254  C C   . HIS A 1 31  ? -8.758  3.088   -3.955  1.00 13.08 ? 31   HIS X C   1 
ATOM   255  O O   . HIS A 1 31  ? -9.772  2.968   -4.654  1.00 13.14 ? 31   HIS X O   1 
ATOM   256  C CB  . HIS A 1 31  ? -7.872  5.080   -5.186  1.00 12.97 ? 31   HIS X CB  1 
ATOM   257  C CG  . HIS A 1 31  ? -8.630  6.004   -4.275  1.00 13.46 ? 31   HIS X CG  1 
ATOM   258  N ND1 . HIS A 1 31  ? -8.002  6.815   -3.354  1.00 13.29 ? 31   HIS X ND1 1 
ATOM   259  C CD2 . HIS A 1 31  ? -9.961  6.192   -4.095  1.00 14.75 ? 31   HIS X CD2 1 
ATOM   260  C CE1 . HIS A 1 31  ? -8.913  7.478   -2.659  1.00 15.46 ? 31   HIS X CE1 1 
ATOM   261  N NE2 . HIS A 1 31  ? -10.111 7.118   -3.090  1.00 13.87 ? 31   HIS X NE2 1 
ATOM   262  N N   . LEU A 1 32  ? -8.667  2.633   -2.713  1.00 13.78 ? 32   LEU X N   1 
ATOM   263  C CA  . LEU A 1 32  ? -9.791  2.000   -2.031  1.00 14.21 ? 32   LEU X CA  1 
ATOM   264  C C   . LEU A 1 32  ? -10.933 3.011   -1.840  1.00 14.10 ? 32   LEU X C   1 
ATOM   265  O O   . LEU A 1 32  ? -10.748 4.093   -1.250  1.00 14.28 ? 32   LEU X O   1 
ATOM   266  C CB  . LEU A 1 32  ? -9.311  1.428   -0.699  1.00 14.25 ? 32   LEU X CB  1 
ATOM   267  C CG  . LEU A 1 32  ? -10.352 0.803   0.220   1.00 15.98 ? 32   LEU X CG  1 
ATOM   268  C CD1 . LEU A 1 32  ? -11.001 -0.387  -0.474  1.00 18.58 ? 32   LEU X CD1 1 
ATOM   269  C CD2 . LEU A 1 32  ? -9.718  0.387   1.549   1.00 15.94 ? 32   LEU X CD2 1 
ATOM   270  N N   . LEU A 1 33  ? -12.114 2.669   -2.335  1.00 14.18 ? 33   LEU X N   1 
ATOM   271  C CA  . LEU A 1 33  ? -13.257 3.602   -2.242  1.00 15.01 ? 33   LEU X CA  1 
ATOM   272  C C   . LEU A 1 33  ? -14.012 3.426   -0.941  1.00 16.25 ? 33   LEU X C   1 
ATOM   273  O O   . LEU A 1 33  ? -14.372 4.416   -0.282  1.00 17.49 ? 33   LEU X O   1 
ATOM   274  C CB  . LEU A 1 33  ? -14.214 3.421   -3.416  1.00 14.90 ? 33   LEU X CB  1 
ATOM   275  C CG  . LEU A 1 33  ? -13.644 3.977   -4.724  1.00 14.29 ? 33   LEU X CG  1 
ATOM   276  C CD1 . LEU A 1 33  ? -14.459 3.408   -5.899  1.00 15.16 ? 33   LEU X CD1 1 
ATOM   277  C CD2 . LEU A 1 33  ? -13.569 5.509   -4.738  1.00 13.60 ? 33   LEU X CD2 1 
ATOM   278  N N   . THR A 1 34  ? -14.252 2.162   -0.596  1.00 16.96 ? 34   THR X N   1 
ATOM   279  C CA  . THR A 1 34  ? -15.038 1.793   0.572   1.00 17.96 ? 34   THR X CA  1 
ATOM   280  C C   . THR A 1 34  ? -14.972 0.291   0.775   1.00 18.63 ? 34   THR X C   1 
ATOM   281  O O   . THR A 1 34  ? -14.745 -0.456  -0.181  1.00 18.38 ? 34   THR X O   1 
ATOM   282  C CB  . THR A 1 34  ? -16.535 2.220   0.384   1.00 18.65 ? 34   THR X CB  1 
ATOM   283  O OG1 . THR A 1 34  ? -17.298 1.902   1.555   1.00 19.54 ? 34   THR X OG1 1 
ATOM   284  C CG2 . THR A 1 34  ? -17.179 1.539   -0.850  1.00 18.10 ? 34   THR X CG2 1 
ATOM   285  N N   . LYS A 1 35  ? -15.211 -0.154  2.006   1.00 19.44 ? 35   LYS X N   1 
ATOM   286  C CA  . LYS A 1 35  ? -15.369 -1.574  2.278   1.00 21.70 ? 35   LYS X CA  1 
ATOM   287  C C   . LYS A 1 35  ? -16.846 -2.014  2.223   1.00 21.74 ? 35   LYS X C   1 
ATOM   288  O O   . LYS A 1 35  ? -17.149 -3.207  2.367   1.00 22.79 ? 35   LYS X O   1 
ATOM   289  C CB  . LYS A 1 35  ? -14.699 -1.946  3.612   1.00 21.36 ? 35   LYS X CB  1 
ATOM   290  C CG  . LYS A 1 35  ? -13.184 -1.738  3.583   1.00 23.15 ? 35   LYS X CG  1 
ATOM   291  C CD  . LYS A 1 35  ? -12.506 -2.252  4.841   1.00 23.39 ? 35   LYS X CD  1 
ATOM   292  C CE  . LYS A 1 35  ? -11.036 -1.889  4.818   1.00 26.53 ? 35   LYS X CE  1 
ATOM   293  N NZ  . LYS A 1 35  ? -10.341 -2.285  6.085   1.00 28.99 ? 35   LYS X NZ  1 
ATOM   294  N N   . SER A 1 36  ? -17.745 -1.061  1.979   1.00 22.46 ? 36   SER X N   1 
ATOM   295  C CA  . SER A 1 36  ? -19.183 -1.339  1.812   1.00 22.42 ? 36   SER X CA  1 
ATOM   296  C C   . SER A 1 36  ? -19.477 -2.211  0.588   1.00 21.88 ? 36   SER X C   1 
ATOM   297  O O   . SER A 1 36  ? -18.941 -1.956  -0.501  1.00 21.20 ? 36   SER X O   1 
ATOM   298  C CB  . SER A 1 36  ? -19.973 -0.030  1.690   1.00 23.00 ? 36   SER X CB  1 
ATOM   299  O OG  . SER A 1 36  ? -21.284 -0.263  1.202   1.00 24.28 ? 36   SER X OG  1 
ATOM   300  N N   . PRO A 1 37  ? -20.355 -3.228  0.742   1.00 21.86 ? 37   PRO X N   1 
ATOM   301  C CA  . PRO A 1 37  ? -20.764 -4.033  -0.420  1.00 21.58 ? 37   PRO X CA  1 
ATOM   302  C C   . PRO A 1 37  ? -21.657 -3.268  -1.416  1.00 21.45 ? 37   PRO X C   1 
ATOM   303  O O   . PRO A 1 37  ? -21.990 -3.783  -2.489  1.00 21.76 ? 37   PRO X O   1 
ATOM   304  C CB  . PRO A 1 37  ? -21.544 -5.188  0.221   1.00 21.86 ? 37   PRO X CB  1 
ATOM   305  C CG  . PRO A 1 37  ? -22.112 -4.596  1.451   1.00 22.77 ? 37   PRO X CG  1 
ATOM   306  C CD  . PRO A 1 37  ? -21.012 -3.695  1.979   1.00 22.06 ? 37   PRO X CD  1 
ATOM   307  N N   . SER A 1 38  ? -22.020 -2.031  -1.074  1.00 21.00 ? 38   SER X N   1 
ATOM   308  C CA  . SER A 1 38  ? -22.867 -1.201  -1.934  1.00 20.36 ? 38   SER X CA  1 
ATOM   309  C C   . SER A 1 38  ? -22.103 -0.480  -3.042  1.00 20.66 ? 38   SER X C   1 
ATOM   310  O O   . SER A 1 38  ? -21.311 0.450   -2.771  1.00 20.63 ? 38   SER X O   1 
ATOM   311  C CB  . SER A 1 38  ? -23.646 -0.180  -1.085  1.00 19.78 ? 38   SER X CB  1 
ATOM   312  O OG  . SER A 1 38  ? -24.340 0.743   -1.910  1.00 21.14 ? 38   SER X OG  1 
ATOM   313  N N   . LEU A 1 39  ? -22.358 -0.881  -4.285  1.00 20.01 ? 39   LEU X N   1 
ATOM   314  C CA  . LEU A 1 39  ? -21.777 -0.185  -5.438  1.00 20.04 ? 39   LEU X CA  1 
ATOM   315  C C   . LEU A 1 39  ? -22.167 1.302   -5.452  1.00 19.95 ? 39   LEU X C   1 
ATOM   316  O O   . LEU A 1 39  ? -21.338 2.174   -5.736  1.00 19.68 ? 39   LEU X O   1 
ATOM   317  C CB  . LEU A 1 39  ? -22.124 -0.876  -6.761  1.00 19.95 ? 39   LEU X CB  1 
ATOM   318  C CG  . LEU A 1 39  ? -21.670 -0.238  -8.092  1.00 19.91 ? 39   LEU X CG  1 
ATOM   319  C CD1 . LEU A 1 39  ? -20.128 -0.091  -8.268  1.00 19.83 ? 39   LEU X CD1 1 
ATOM   320  C CD2 . LEU A 1 39  ? -22.252 -1.025  -9.248  1.00 20.70 ? 39   LEU X CD2 1 
ATOM   321  N N   . ASN A 1 40  ? -23.424 1.596   -5.128  1.00 20.29 ? 40   ASN X N   1 
ATOM   322  C CA  . ASN A 1 40  ? -23.855 2.987   -5.022  1.00 21.05 ? 40   ASN X CA  1 
ATOM   323  C C   . ASN A 1 40  ? -23.046 3.786   -3.989  1.00 20.41 ? 40   ASN X C   1 
ATOM   324  O O   . ASN A 1 40  ? -22.705 4.945   -4.244  1.00 20.36 ? 40   ASN X O   1 
ATOM   325  C CB  . ASN A 1 40  ? -25.363 3.079   -4.739  1.00 22.38 ? 40   ASN X CB  1 
ATOM   326  C CG  . ASN A 1 40  ? -26.203 2.905   -6.005  1.00 24.88 ? 40   ASN X CG  1 
ATOM   327  O OD1 . ASN A 1 40  ? -25.752 3.199   -7.119  1.00 29.51 ? 40   ASN X OD1 1 
ATOM   328  N ND2 . ASN A 1 40  ? -27.445 2.450   -5.835  1.00 27.91 ? 40   ASN X ND2 1 
ATOM   329  N N   . ALA A 1 41  ? -22.737 3.164   -2.848  1.00 19.59 ? 41   ALA X N   1 
ATOM   330  C CA  . ALA A 1 41  ? -21.943 3.812   -1.803  1.00 19.03 ? 41   ALA X CA  1 
ATOM   331  C C   . ALA A 1 41  ? -20.537 4.090   -2.334  1.00 18.77 ? 41   ALA X C   1 
ATOM   332  O O   . ALA A 1 41  ? -19.945 5.122   -2.016  1.00 18.01 ? 41   ALA X O   1 
ATOM   333  C CB  . ALA A 1 41  ? -21.887 2.978   -0.541  1.00 19.31 ? 41   ALA X CB  1 
ATOM   334  N N   . ALA A 1 42  ? -20.023 3.183   -3.171  1.00 17.70 ? 42   ALA X N   1 
ATOM   335  C CA  . ALA A 1 42  ? -18.682 3.357   -3.754  1.00 16.92 ? 42   ALA X CA  1 
ATOM   336  C C   . ALA A 1 42  ? -18.660 4.471   -4.807  1.00 17.04 ? 42   ALA X C   1 
ATOM   337  O O   . ALA A 1 42  ? -17.709 5.278   -4.868  1.00 16.17 ? 42   ALA X O   1 
ATOM   338  C CB  . ALA A 1 42  ? -18.190 2.033   -4.357  1.00 17.38 ? 42   ALA X CB  1 
ATOM   339  N N   . LYS A 1 43  ? -19.702 4.510   -5.638  1.00 15.87 ? 43   LYS X N   1 
ATOM   340  C CA  . LYS A 1 43  ? -19.870 5.582   -6.634  1.00 16.33 ? 43   LYS X CA  1 
ATOM   341  C C   . LYS A 1 43  ? -19.915 6.971   -5.970  1.00 15.89 ? 43   LYS X C   1 
ATOM   342  O O   . LYS A 1 43  ? -19.310 7.923   -6.475  1.00 16.13 ? 43   LYS X O   1 
ATOM   343  C CB  . LYS A 1 43  ? -21.117 5.326   -7.467  1.00 16.56 ? 43   LYS X CB  1 
ATOM   344  C CG  . LYS A 1 43  ? -20.894 4.219   -8.490  1.00 18.85 ? 43   LYS X CG  1 
ATOM   345  C CD  . LYS A 1 43  ? -22.138 3.959   -9.332  1.00 21.88 ? 43   LYS X CD  1 
ATOM   346  C CE  . LYS A 1 43  ? -21.839 2.884   -10.379 1.00 23.02 ? 43   LYS X CE  1 
ATOM   347  N NZ  . LYS A 1 43  ? -23.003 2.587   -11.269 1.00 26.45 ? 43   LYS X NZ  1 
ATOM   348  N N   . SER A 1 44  ? -20.601 7.055   -4.829  1.00 15.28 ? 44   SER X N   1 
ATOM   349  C CA  A SER A 1 44  ? -20.669 8.293   -4.044  0.50 15.01 ? 44   SER X CA  1 
ATOM   350  C CA  B SER A 1 44  ? -20.670 8.302   -4.051  0.50 15.42 ? 44   SER X CA  1 
ATOM   351  C C   . SER A 1 44  ? -19.281 8.709   -3.561  1.00 15.05 ? 44   SER X C   1 
ATOM   352  O O   . SER A 1 44  ? -18.888 9.872   -3.689  1.00 14.71 ? 44   SER X O   1 
ATOM   353  C CB  A SER A 1 44  ? -21.591 8.104   -2.839  0.50 15.25 ? 44   SER X CB  1 
ATOM   354  C CB  B SER A 1 44  ? -21.630 8.157   -2.864  0.50 15.75 ? 44   SER X CB  1 
ATOM   355  O OG  A SER A 1 44  ? -21.847 9.347   -2.228  0.50 13.95 ? 44   SER X OG  1 
ATOM   356  O OG  B SER A 1 44  ? -22.967 7.975   -3.309  0.50 16.88 ? 44   SER X OG  1 
ATOM   357  N N   . GLU A 1 45  ? -18.542 7.747   -3.006  1.00 15.09 ? 45   GLU X N   1 
ATOM   358  C CA  . GLU A 1 45  ? -17.180 8.014   -2.508  1.00 14.96 ? 45   GLU X CA  1 
ATOM   359  C C   . GLU A 1 45  ? -16.272 8.471   -3.660  1.00 15.14 ? 45   GLU X C   1 
ATOM   360  O O   . GLU A 1 45  ? -15.431 9.379   -3.497  1.00 15.36 ? 45   GLU X O   1 
ATOM   361  C CB  . GLU A 1 45  ? -16.592 6.786   -1.828  1.00 14.89 ? 45   GLU X CB  1 
ATOM   362  C CG  . GLU A 1 45  ? -17.227 6.484   -0.481  1.00 14.89 ? 45   GLU X CG  1 
ATOM   363  C CD  . GLU A 1 45  ? -17.043 7.619   0.525   1.00 16.51 ? 45   GLU X CD  1 
ATOM   364  O OE1 . GLU A 1 45  ? -15.905 8.080   0.729   1.00 17.84 ? 45   GLU X OE1 1 
ATOM   365  O OE2 . GLU A 1 45  ? -18.048 8.038   1.112   1.00 17.82 ? 45   GLU X OE2 1 
ATOM   366  N N   . LEU A 1 46  ? -16.451 7.851   -4.825  1.00 14.11 ? 46   LEU X N   1 
ATOM   367  C CA  . LEU A 1 46  ? -15.674 8.245   -6.005  1.00 14.13 ? 46   LEU X CA  1 
ATOM   368  C C   . LEU A 1 46  ? -15.928 9.700   -6.381  1.00 14.48 ? 46   LEU X C   1 
ATOM   369  O O   . LEU A 1 46  ? -14.994 10.493  -6.495  1.00 13.94 ? 46   LEU X O   1 
ATOM   370  C CB  . LEU A 1 46  ? -15.952 7.323   -7.199  1.00 14.26 ? 46   LEU X CB  1 
ATOM   371  C CG  . LEU A 1 46  ? -15.194 7.632   -8.480  1.00 14.70 ? 46   LEU X CG  1 
ATOM   372  C CD1 . LEU A 1 46  ? -13.658 7.657   -8.259  1.00 15.11 ? 46   LEU X CD1 1 
ATOM   373  C CD2 . LEU A 1 46  ? -15.543 6.636   -9.563  1.00 14.98 ? 46   LEU X CD2 1 
ATOM   374  N N   . ASP A 1 47  ? -17.198 10.047  -6.548  1.00 13.84 ? 47   ASP X N   1 
ATOM   375  C CA  . ASP A 1 47  ? -17.595 11.413  -6.901  1.00 14.03 ? 47   ASP X CA  1 
ATOM   376  C C   . ASP A 1 47  ? -17.068 12.445  -5.901  1.00 14.20 ? 47   ASP X C   1 
ATOM   377  O O   . ASP A 1 47  ? -16.590 13.513  -6.300  1.00 14.12 ? 47   ASP X O   1 
ATOM   378  C CB  . ASP A 1 47  ? -19.116 11.500  -6.959  1.00 14.44 ? 47   ASP X CB  1 
ATOM   379  C CG  . ASP A 1 47  ? -19.698 10.717  -8.121  1.00 16.29 ? 47   ASP X CG  1 
ATOM   380  O OD1 . ASP A 1 47  ? -18.922 10.249  -8.979  1.00 17.06 ? 47   ASP X OD1 1 
ATOM   381  O OD2 . ASP A 1 47  ? -20.944 10.599  -8.176  1.00 19.13 ? 47   ASP X OD2 1 
ATOM   382  N N   . LYS A 1 48  ? -17.161 12.104  -4.618  1.00 13.46 ? 48   LYS X N   1 
ATOM   383  C CA  . LYS A 1 48  ? -16.665 12.955  -3.519  1.00 13.83 ? 48   LYS X CA  1 
ATOM   384  C C   . LYS A 1 48  ? -15.143 13.140  -3.667  1.00 14.01 ? 48   LYS X C   1 
ATOM   385  O O   . LYS A 1 48  ? -14.615 14.238  -3.466  1.00 13.31 ? 48   LYS X O   1 
ATOM   386  C CB  . LYS A 1 48  ? -17.023 12.316  -2.162  1.00 13.93 ? 48   LYS X CB  1 
ATOM   387  C CG  . LYS A 1 48  ? -16.462 13.030  -0.944  1.00 13.71 ? 48   LYS X CG  1 
ATOM   388  C CD  . LYS A 1 48  ? -17.160 12.709  0.390   1.00 15.14 ? 48   LYS X CD  1 
ATOM   389  C CE  . LYS A 1 48  ? -17.190 11.208  0.705   1.00 18.92 ? 48   LYS X CE  1 
ATOM   390  N NZ  . LYS A 1 48  ? -15.975 10.764  1.371   1.00 17.15 ? 48   LYS X NZ  1 
ATOM   391  N N   . ALA A 1 49  ? -14.436 12.058  -4.013  1.00 13.71 ? 49   ALA X N   1 
ATOM   392  C CA  . ALA A 1 49  ? -12.973 12.114  -4.127  1.00 14.39 ? 49   ALA X CA  1 
ATOM   393  C C   . ALA A 1 49  ? -12.497 12.925  -5.334  1.00 14.69 ? 49   ALA X C   1 
ATOM   394  O O   . ALA A 1 49  ? -11.462 13.592  -5.274  1.00 14.41 ? 49   ALA X O   1 
ATOM   395  C CB  . ALA A 1 49  ? -12.400 10.695  -4.177  1.00 14.94 ? 49   ALA X CB  1 
ATOM   396  N N   . ILE A 1 50  ? -13.241 12.838  -6.430  1.00 14.52 ? 50   ILE X N   1 
ATOM   397  C CA  . ILE A 1 50  ? -12.857 13.476  -7.692  1.00 15.32 ? 50   ILE X CA  1 
ATOM   398  C C   . ILE A 1 50  ? -13.417 14.904  -7.816  1.00 15.49 ? 50   ILE X C   1 
ATOM   399  O O   . ILE A 1 50  ? -12.837 15.750  -8.512  1.00 16.31 ? 50   ILE X O   1 
ATOM   400  C CB  . ILE A 1 50  ? -13.319 12.605  -8.902  1.00 15.29 ? 50   ILE X CB  1 
ATOM   401  C CG1 . ILE A 1 50  ? -12.684 11.205  -8.836  1.00 16.57 ? 50   ILE X CG1 1 
ATOM   402  C CG2 . ILE A 1 50  ? -13.002 13.266  -10.241 1.00 16.61 ? 50   ILE X CG2 1 
ATOM   403  C CD1 . ILE A 1 50  ? -11.170 11.196  -8.905  1.00 18.87 ? 50   ILE X CD1 1 
ATOM   404  N N   . GLY A 1 51  ? -14.552 15.152  -7.157  1.00 15.64 ? 51   GLY X N   1 
ATOM   405  C CA  . GLY A 1 51  ? -15.201 16.453  -7.168  1.00 17.32 ? 51   GLY X CA  1 
ATOM   406  C C   . GLY A 1 51  ? -16.155 16.681  -8.323  1.00 18.06 ? 51   GLY X C   1 
ATOM   407  O O   . GLY A 1 51  ? -16.444 17.833  -8.676  1.00 19.45 ? 51   GLY X O   1 
ATOM   408  N N   . ARG A 1 52  ? -16.636 15.590  -8.923  1.00 17.51 ? 52   ARG X N   1 
ATOM   409  C CA  . ARG A 1 52  ? -17.612 15.667  -10.013 1.00 17.75 ? 52   ARG X CA  1 
ATOM   410  C C   . ARG A 1 52  ? -18.424 14.382  -10.081 1.00 17.53 ? 52   ARG X C   1 
ATOM   411  O O   . ARG A 1 52  ? -18.066 13.399  -9.427  1.00 16.06 ? 52   ARG X O   1 
ATOM   412  C CB  . ARG A 1 52  ? -16.913 15.944  -11.349 1.00 17.42 ? 52   ARG X CB  1 
ATOM   413  C CG  . ARG A 1 52  ? -16.024 14.792  -11.823 1.00 17.20 ? 52   ARG X CG  1 
ATOM   414  C CD  . ARG A 1 52  ? -15.347 15.096  -13.145 1.00 18.33 ? 52   ARG X CD  1 
ATOM   415  N NE  . ARG A 1 52  ? -14.527 13.956  -13.554 1.00 17.72 ? 52   ARG X NE  1 
ATOM   416  C CZ  . ARG A 1 52  ? -14.978 12.916  -14.257 1.00 19.66 ? 52   ARG X CZ  1 
ATOM   417  N NH1 . ARG A 1 52  ? -16.264 12.864  -14.638 1.00 18.61 ? 52   ARG X NH1 1 
ATOM   418  N NH2 . ARG A 1 52  ? -14.147 11.923  -14.565 1.00 19.18 ? 52   ARG X NH2 1 
ATOM   419  N N   . ASN A 1 53  ? -19.512 14.387  -10.866 1.00 17.61 ? 53   ASN X N   1 
ATOM   420  C CA  . ASN A 1 53  ? -20.312 13.179  -11.084 0.50 18.13 ? 53   ASN X CA  1 
ATOM   421  C C   . ASN A 1 53  ? -19.619 12.306  -12.131 1.00 18.34 ? 53   ASN X C   1 
ATOM   422  O O   . ASN A 1 53  ? -19.645 12.597  -13.324 1.00 18.47 ? 53   ASN X O   1 
ATOM   423  C CB  . ASN A 1 53  ? -21.743 13.561  -11.513 0.50 18.37 ? 53   ASN X CB  1 
ATOM   424  C CG  . ASN A 1 53  ? -22.736 12.409  -11.374 0.50 20.16 ? 53   ASN X CG  1 
ATOM   425  O OD1 . ASN A 1 53  ? -23.709 12.503  -10.623 0.50 24.21 ? 53   ASN X OD1 1 
ATOM   426  N ND2 . ASN A 1 53  ? -22.505 11.330  -12.105 0.50 22.33 ? 53   ASN X ND2 1 
ATOM   427  N N   . THR A 1 54  ? -18.967 11.237  -11.676 1.00 18.50 ? 54   THR X N   1 
ATOM   428  C CA  . THR A 1 54  ? -18.095 10.461  -12.548 1.00 18.49 ? 54   THR X CA  1 
ATOM   429  C C   . THR A 1 54  ? -18.790 9.290   -13.226 1.00 19.46 ? 54   THR X C   1 
ATOM   430  O O   . THR A 1 54  ? -18.293 8.801   -14.250 1.00 20.45 ? 54   THR X O   1 
ATOM   431  C CB  . THR A 1 54  ? -16.902 9.855   -11.771 1.00 18.70 ? 54   THR X CB  1 
ATOM   432  O OG1 . THR A 1 54  ? -17.385 8.896   -10.830 1.00 18.09 ? 54   THR X OG1 1 
ATOM   433  C CG2 . THR A 1 54  ? -16.091 10.951  -11.056 1.00 18.04 ? 54   THR X CG2 1 
ATOM   434  N N   . ASN A 1 55  ? -19.896 8.836   -12.632 0.50 19.15 ? 55   ASN X N   1 
ATOM   435  C CA  . ASN A 1 55  ? -20.600 7.626   -13.059 0.50 19.63 ? 55   ASN X CA  1 
ATOM   436  C C   . ASN A 1 55  ? -19.694 6.379   -13.070 0.50 19.13 ? 55   ASN X C   1 
ATOM   437  O O   . ASN A 1 55  ? -19.873 5.473   -13.878 0.50 19.39 ? 55   ASN X O   1 
ATOM   438  C CB  . ASN A 1 55  ? -21.274 7.854   -14.421 0.50 19.63 ? 55   ASN X CB  1 
ATOM   439  C CG  . ASN A 1 55  ? -22.376 6.842   -14.718 0.50 20.87 ? 55   ASN X CG  1 
ATOM   440  O OD1 . ASN A 1 55  ? -22.930 6.210   -13.816 0.50 23.39 ? 55   ASN X OD1 1 
ATOM   441  N ND2 . ASN A 1 55  ? -22.696 6.694   -15.991 0.50 22.04 ? 55   ASN X ND2 1 
ATOM   442  N N   . GLY A 1 56  ? -18.719 6.351   -12.163 1.00 19.53 ? 56   GLY X N   1 
ATOM   443  C CA  . GLY A 1 56  ? -17.853 5.179   -11.994 1.00 18.73 ? 56   GLY X CA  1 
ATOM   444  C C   . GLY A 1 56  ? -16.661 5.056   -12.927 1.00 18.38 ? 56   GLY X C   1 
ATOM   445  O O   . GLY A 1 56  ? -15.996 4.008   -12.935 1.00 17.51 ? 56   GLY X O   1 
ATOM   446  N N   . VAL A 1 57  ? -16.406 6.110   -13.707 1.00 18.24 ? 57   VAL X N   1 
ATOM   447  C CA  A VAL A 1 57  ? -15.242 6.151   -14.592 0.50 17.98 ? 57   VAL X CA  1 
ATOM   448  C CA  B VAL A 1 57  ? -15.270 6.173   -14.636 0.50 18.22 ? 57   VAL X CA  1 
ATOM   449  C C   . VAL A 1 57  ? -14.437 7.441   -14.397 1.00 18.28 ? 57   VAL X C   1 
ATOM   450  O O   . VAL A 1 57  ? -14.997 8.538   -14.251 1.00 18.22 ? 57   VAL X O   1 
ATOM   451  C CB  A VAL A 1 57  ? -15.608 5.902   -16.092 0.50 18.51 ? 57   VAL X CB  1 
ATOM   452  C CB  B VAL A 1 57  ? -15.741 6.139   -16.115 0.50 18.74 ? 57   VAL X CB  1 
ATOM   453  C CG1 A VAL A 1 57  ? -16.246 7.129   -16.736 0.50 17.60 ? 57   VAL X CG1 1 
ATOM   454  C CG1 B VAL A 1 57  ? -14.546 6.134   -17.069 0.50 18.44 ? 57   VAL X CG1 1 
ATOM   455  C CG2 A VAL A 1 57  ? -14.377 5.459   -16.882 0.50 17.78 ? 57   VAL X CG2 1 
ATOM   456  C CG2 B VAL A 1 57  ? -16.622 4.923   -16.366 0.50 19.10 ? 57   VAL X CG2 1 
ATOM   457  N N   . ILE A 1 58  ? -13.116 7.288   -14.365 1.00 17.66 ? 58   ILE X N   1 
ATOM   458  C CA  . ILE A 1 58  ? -12.186 8.418   -14.250 1.00 16.68 ? 58   ILE X CA  1 
ATOM   459  C C   . ILE A 1 58  ? -11.113 8.413   -15.341 1.00 17.07 ? 58   ILE X C   1 
ATOM   460  O O   . ILE A 1 58  ? -10.936 7.422   -16.066 1.00 17.06 ? 58   ILE X O   1 
ATOM   461  C CB  . ILE A 1 58  ? -11.525 8.514   -12.823 1.00 16.65 ? 58   ILE X CB  1 
ATOM   462  C CG1 . ILE A 1 58  ? -10.680 7.266   -12.508 1.00 16.79 ? 58   ILE X CG1 1 
ATOM   463  C CG2 . ILE A 1 58  ? -12.602 8.756   -11.733 1.00 15.83 ? 58   ILE X CG2 1 
ATOM   464  C CD1 . ILE A 1 58  ? -9.798  7.439   -11.257 1.00 15.66 ? 58   ILE X CD1 1 
ATOM   465  N N   . THR A 1 59  ? -10.388 9.525   -15.445 1.00 16.55 ? 59   THR X N   1 
ATOM   466  C CA  . THR A 1 59  ? -9.297  9.644   -16.421 1.00 17.27 ? 59   THR X CA  1 
ATOM   467  C C   . THR A 1 59  ? -7.974  9.200   -15.795 1.00 16.97 ? 59   THR X C   1 
ATOM   468  O O   . THR A 1 59  ? -7.863  9.081   -14.555 1.00 17.03 ? 59   THR X O   1 
ATOM   469  C CB  . THR A 1 59  ? -9.152  11.099  -16.940 1.00 17.76 ? 59   THR X CB  1 
ATOM   470  O OG1 . THR A 1 59  ? -8.734  11.956  -15.870 1.00 17.37 ? 59   THR X OG1 1 
ATOM   471  C CG2 . THR A 1 59  ? -10.491 11.622  -17.535 1.00 17.35 ? 59   THR X CG2 1 
ATOM   472  N N   . LYS A 1 60  ? -6.960  8.990   -16.635 1.00 17.19 ? 60   LYS X N   1 
ATOM   473  C CA  . LYS A 1 60  ? -5.635  8.644   -16.140 1.00 17.05 ? 60   LYS X CA  1 
ATOM   474  C C   . LYS A 1 60  ? -5.074  9.752   -15.236 1.00 16.49 ? 60   LYS X C   1 
ATOM   475  O O   . LYS A 1 60  ? -4.526  9.464   -14.180 1.00 16.36 ? 60   LYS X O   1 
ATOM   476  C CB  . LYS A 1 60  ? -4.671  8.340   -17.286 1.00 17.58 ? 60   LYS X CB  1 
ATOM   477  C CG  . LYS A 1 60  ? -3.331  7.781   -16.824 1.00 19.83 ? 60   LYS X CG  1 
ATOM   478  C CD  . LYS A 1 60  ? -2.535  7.303   -18.009 1.00 24.00 ? 60   LYS X CD  1 
ATOM   479  C CE  . LYS A 1 60  ? -1.292  6.577   -17.570 1.00 27.29 ? 60   LYS X CE  1 
ATOM   480  N NZ  . LYS A 1 60  ? -0.252  7.557   -17.199 1.00 31.07 ? 60   LYS X NZ  1 
ATOM   481  N N   . ASP A 1 61  ? -5.217  11.011  -15.654 1.00 16.74 ? 61   ASP X N   1 
ATOM   482  C CA  . ASP A 1 61  ? -4.773  12.130  -14.818 1.00 16.85 ? 61   ASP X CA  1 
ATOM   483  C C   . ASP A 1 61  ? -5.458  12.085  -13.449 1.00 15.93 ? 61   ASP X C   1 
ATOM   484  O O   . ASP A 1 61  ? -4.806  12.285  -12.421 1.00 16.08 ? 61   ASP X O   1 
ATOM   485  C CB  . ASP A 1 61  ? -5.025  13.479  -15.501 1.00 17.24 ? 61   ASP X CB  1 
ATOM   486  C CG  . ASP A 1 61  ? -4.046  13.758  -16.634 1.00 20.77 ? 61   ASP X CG  1 
ATOM   487  O OD1 . ASP A 1 61  ? -3.150  12.926  -16.887 1.00 24.81 ? 61   ASP X OD1 1 
ATOM   488  O OD2 . ASP A 1 61  ? -4.167  14.826  -17.270 1.00 24.66 ? 61   ASP X OD2 1 
ATOM   489  N N   . GLU A 1 62  ? -6.764  11.827  -13.430 1.00 14.81 ? 62   GLU X N   1 
ATOM   490  C CA  . GLU A 1 62  ? -7.496  11.755  -12.161 1.00 14.56 ? 62   GLU X CA  1 
ATOM   491  C C   . GLU A 1 62  ? -6.998  10.588  -11.306 1.00 14.02 ? 62   GLU X C   1 
ATOM   492  O O   . GLU A 1 62  ? -6.793  10.748  -10.111 1.00 13.22 ? 62   GLU X O   1 
ATOM   493  C CB  . GLU A 1 62  ? -9.011  11.669  -12.393 1.00 13.93 ? 62   GLU X CB  1 
ATOM   494  C CG  . GLU A 1 62  ? -9.602  12.983  -12.959 1.00 15.80 ? 62   GLU X CG  1 
ATOM   495  C CD  . GLU A 1 62  ? -11.051 12.869  -13.397 1.00 15.63 ? 62   GLU X CD  1 
ATOM   496  O OE1 . GLU A 1 62  ? -11.517 11.748  -13.710 1.00 14.18 ? 62   GLU X OE1 1 
ATOM   497  O OE2 . GLU A 1 62  ? -11.726 13.921  -13.436 1.00 17.68 ? 62   GLU X OE2 1 
ATOM   498  N N   . ALA A 1 63  ? -6.803  9.420   -11.923 1.00 13.54 ? 63   ALA X N   1 
ATOM   499  C CA  . ALA A 1 63  ? -6.209  8.274   -11.215 1.00 13.60 ? 63   ALA X CA  1 
ATOM   500  C C   . ALA A 1 63  ? -4.877  8.634   -10.541 1.00 13.66 ? 63   ALA X C   1 
ATOM   501  O O   . ALA A 1 63  ? -4.647  8.331   -9.354  1.00 13.70 ? 63   ALA X O   1 
ATOM   502  C CB  . ALA A 1 63  ? -6.015  7.107   -12.179 1.00 13.76 ? 63   ALA X CB  1 
ATOM   503  N N   . GLU A 1 64  ? -4.012  9.302   -11.303 1.00 13.36 ? 64   GLU X N   1 
ATOM   504  C CA  . GLU A 1 64  ? -2.695  9.682   -10.813 1.00 13.84 ? 64   GLU X CA  1 
ATOM   505  C C   . GLU A 1 64  ? -2.762  10.724  -9.691  1.00 13.33 ? 64   GLU X C   1 
ATOM   506  O O   . GLU A 1 64  ? -1.965  10.692  -8.747  1.00 13.25 ? 64   GLU X O   1 
ATOM   507  C CB  . GLU A 1 64  ? -1.807  10.137  -11.964 1.00 14.01 ? 64   GLU X CB  1 
ATOM   508  C CG  . GLU A 1 64  ? -1.449  8.975   -12.895 1.00 15.28 ? 64   GLU X CG  1 
ATOM   509  C CD  . GLU A 1 64  ? -0.698  9.408   -14.130 1.00 20.48 ? 64   GLU X CD  1 
ATOM   510  O OE1 . GLU A 1 64  ? -0.752  10.605  -14.477 1.00 20.45 ? 64   GLU X OE1 1 
ATOM   511  O OE2 . GLU A 1 64  ? -0.066  8.529   -14.758 1.00 22.20 ? 64   GLU X OE2 1 
ATOM   512  N N   . LYS A 1 65  ? -3.739  11.626  -9.784  1.00 13.31 ? 65   LYS X N   1 
ATOM   513  C CA  . LYS A 1 65  ? -3.937  12.629  -8.736  1.00 13.82 ? 65   LYS X CA  1 
ATOM   514  C C   . LYS A 1 65  ? -4.313  11.955  -7.407  1.00 13.22 ? 65   LYS X C   1 
ATOM   515  O O   . LYS A 1 65  ? -3.715  12.253  -6.383  1.00 13.55 ? 65   LYS X O   1 
ATOM   516  C CB  . LYS A 1 65  ? -5.010  13.644  -9.154  1.00 14.16 ? 65   LYS X CB  1 
ATOM   517  C CG  . LYS A 1 65  ? -5.194  14.804  -8.169  1.00 15.95 ? 65   LYS X CG  1 
ATOM   518  C CD  . LYS A 1 65  ? -6.103  15.848  -8.810  1.00 18.51 ? 65   LYS X CD  1 
ATOM   519  C CE  . LYS A 1 65  ? -6.595  16.898  -7.820  1.00 21.36 ? 65   LYS X CE  1 
ATOM   520  N NZ  . LYS A 1 65  ? -5.540  17.899  -7.528  1.00 20.77 ? 65   LYS X NZ  1 
ATOM   521  N N   . LEU A 1 66  ? -5.288  11.030  -7.439  1.00 13.66 ? 66   LEU X N   1 
ATOM   522  C CA  . LEU A 1 66  ? -5.651  10.254  -6.238  1.00 13.69 ? 66   LEU X CA  1 
ATOM   523  C C   . LEU A 1 66  ? -4.447  9.473   -5.695  1.00 13.18 ? 66   LEU X C   1 
ATOM   524  O O   . LEU A 1 66  ? -4.222  9.424   -4.479  1.00 13.01 ? 66   LEU X O   1 
ATOM   525  C CB  . LEU A 1 66  ? -6.819  9.297   -6.539  1.00 14.44 ? 66   LEU X CB  1 
ATOM   526  C CG  . LEU A 1 66  ? -8.192  9.942   -6.836  1.00 14.38 ? 66   LEU X CG  1 
ATOM   527  C CD1 . LEU A 1 66  ? -9.271  8.839   -7.071  1.00 15.45 ? 66   LEU X CD1 1 
ATOM   528  C CD2 . LEU A 1 66  ? -8.646  10.942  -5.746  1.00 17.58 ? 66   LEU X CD2 1 
ATOM   529  N N   . PHE A 1 67  ? -3.687  8.870   -6.600  1.00 13.52 ? 67   PHE X N   1 
ATOM   530  C CA  . PHE A 1 67  ? -2.507  8.072   -6.239  1.00 13.10 ? 67   PHE X CA  1 
ATOM   531  C C   . PHE A 1 67  ? -1.498  8.921   -5.475  1.00 13.44 ? 67   PHE X C   1 
ATOM   532  O O   . PHE A 1 67  ? -1.009  8.515   -4.419  1.00 13.37 ? 67   PHE X O   1 
ATOM   533  C CB  . PHE A 1 67  ? -1.901  7.482   -7.510  1.00 13.74 ? 67   PHE X CB  1 
ATOM   534  C CG  . PHE A 1 67  ? -0.736  6.556   -7.283  1.00 14.52 ? 67   PHE X CG  1 
ATOM   535  C CD1 . PHE A 1 67  ? -0.735  5.623   -6.229  1.00 14.70 ? 67   PHE X CD1 1 
ATOM   536  C CD2 . PHE A 1 67  ? 0.362   6.603   -8.153  1.00 14.12 ? 67   PHE X CD2 1 
ATOM   537  C CE1 . PHE A 1 67  ? 0.363   4.744   -6.058  1.00 14.94 ? 67   PHE X CE1 1 
ATOM   538  C CE2 . PHE A 1 67  ? 1.444   5.734   -7.989  1.00 14.69 ? 67   PHE X CE2 1 
ATOM   539  C CZ  . PHE A 1 67  ? 1.445   4.811   -6.937  1.00 15.25 ? 67   PHE X CZ  1 
ATOM   540  N N   . ASN A 1 68  ? -1.191  10.101  -6.005  1.00 13.77 ? 68   ASN X N   1 
ATOM   541  C CA  . ASN A 1 68  ? -0.262  11.000  -5.333  1.00 14.08 ? 68   ASN X CA  1 
ATOM   542  C C   . ASN A 1 68  ? -0.760  11.385  -3.936  1.00 13.63 ? 68   ASN X C   1 
ATOM   543  O O   . ASN A 1 68  ? 0.014   11.430  -2.971  1.00 13.66 ? 68   ASN X O   1 
ATOM   544  C CB  . ASN A 1 68  ? -0.006  12.244  -6.188  1.00 14.92 ? 68   ASN X CB  1 
ATOM   545  C CG  . ASN A 1 68  ? 1.230   13.035  -5.735  1.00 17.66 ? 68   ASN X CG  1 
ATOM   546  O OD1 . ASN A 1 68  ? 1.725   12.906  -4.587  1.00 23.06 ? 68   ASN X OD1 1 
ATOM   547  N ND2 . ASN A 1 68  ? 1.722   13.882  -6.629  1.00 20.55 ? 68   ASN X ND2 1 
ATOM   548  N N   . GLN A 1 69  ? -2.056  11.655  -3.817  1.00 13.82 ? 69   GLN X N   1 
ATOM   549  C CA  . GLN A 1 69  ? -2.625  11.961  -2.519  1.00 14.13 ? 69   GLN X CA  1 
ATOM   550  C C   . GLN A 1 69  ? -2.497  10.785  -1.546  1.00 14.34 ? 69   GLN X C   1 
ATOM   551  O O   . GLN A 1 69  ? -2.212  10.977  -0.366  1.00 14.66 ? 69   GLN X O   1 
ATOM   552  C CB  . GLN A 1 69  ? -4.095  12.364  -2.656  1.00 14.70 ? 69   GLN X CB  1 
ATOM   553  C CG  . GLN A 1 69  ? -4.242  13.750  -3.272  1.00 14.45 ? 69   GLN X CG  1 
ATOM   554  C CD  . GLN A 1 69  ? -5.662  14.179  -3.532  1.00 14.88 ? 69   GLN X CD  1 
ATOM   555  O OE1 . GLN A 1 69  ? -5.884  15.332  -3.897  1.00 14.20 ? 69   GLN X OE1 1 
ATOM   556  N NE2 . GLN A 1 69  ? -6.635  13.263  -3.353  1.00 15.10 ? 69   GLN X NE2 1 
ATOM   557  N N   . ASP A 1 70  ? -2.722  9.573   -2.067  1.00 14.11 ? 70   ASP X N   1 
ATOM   558  C CA  . ASP A 1 70  ? -2.755  8.353   -1.268  1.00 14.04 ? 70   ASP X CA  1 
ATOM   559  C C   . ASP A 1 70  ? -1.352  8.020   -0.761  1.00 14.11 ? 70   ASP X C   1 
ATOM   560  O O   . ASP A 1 70  ? -1.185  7.674   0.415   1.00 14.05 ? 70   ASP X O   1 
ATOM   561  C CB  . ASP A 1 70  ? -3.346  7.192   -2.093  1.00 14.27 ? 70   ASP X CB  1 
ATOM   562  C CG  . ASP A 1 70  ? -4.874  7.306   -2.292  1.00 14.25 ? 70   ASP X CG  1 
ATOM   563  O OD1 . ASP A 1 70  ? -5.533  8.206   -1.709  1.00 14.28 ? 70   ASP X OD1 1 
ATOM   564  O OD2 . ASP A 1 70  ? -5.405  6.476   -3.062  1.00 15.44 ? 70   ASP X OD2 1 
ATOM   565  N N   . VAL A 1 71  ? -0.360  8.190   -1.635  1.00 14.42 ? 71   VAL X N   1 
ATOM   566  C CA  . VAL A 1 71  ? 1.040   7.965   -1.244  1.00 14.88 ? 71   VAL X CA  1 
ATOM   567  C C   . VAL A 1 71  ? 1.439   8.986   -0.168  1.00 15.20 ? 71   VAL X C   1 
ATOM   568  O O   . VAL A 1 71  ? 1.971   8.615   0.881   1.00 15.09 ? 71   VAL X O   1 
ATOM   569  C CB  . VAL A 1 71  ? 1.990   8.031   -2.453  1.00 15.29 ? 71   VAL X CB  1 
ATOM   570  C CG1 . VAL A 1 71  ? 3.449   7.966   -1.998  1.00 15.26 ? 71   VAL X CG1 1 
ATOM   571  C CG2 . VAL A 1 71  ? 1.705   6.881   -3.444  1.00 14.85 ? 71   VAL X CG2 1 
ATOM   572  N N   . ASP A 1 72  ? 1.124   10.263  -0.415  1.00 15.26 ? 72   ASP X N   1 
ATOM   573  C CA  . ASP A 1 72  ? 1.455   11.346  0.523   1.00 16.21 ? 72   ASP X CA  1 
ATOM   574  C C   . ASP A 1 72  ? 0.814   11.024  1.888   1.00 16.79 ? 72   ASP X C   1 
ATOM   575  O O   . ASP A 1 72  ? 1.477   11.056  2.929   1.00 16.94 ? 72   ASP X O   1 
ATOM   576  C CB  . ASP A 1 72  ? 0.954   12.678  -0.072  1.00 16.62 ? 72   ASP X CB  1 
ATOM   577  C CG  . ASP A 1 72  ? 1.483   13.913  0.647   1.00 20.99 ? 72   ASP X CG  1 
ATOM   578  O OD1 . ASP A 1 72  ? 2.335   13.808  1.552   1.00 24.24 ? 72   ASP X OD1 1 
ATOM   579  O OD2 . ASP A 1 72  ? 1.034   15.016  0.275   1.00 22.62 ? 72   ASP X OD2 1 
ATOM   580  N N   . ALA A 1 73  ? -0.468  10.664  1.868   1.00 17.40 ? 73   ALA X N   1 
ATOM   581  C CA  . ALA A 1 73  ? -1.192  10.337  3.101   1.00 17.99 ? 73   ALA X CA  1 
ATOM   582  C C   . ALA A 1 73  ? -0.601  9.141   3.862   1.00 18.03 ? 73   ALA X C   1 
ATOM   583  O O   . ALA A 1 73  ? -0.577  9.149   5.117   1.00 17.94 ? 73   ALA X O   1 
ATOM   584  C CB  . ALA A 1 73  ? -2.678  10.114  2.805   1.00 18.40 ? 73   ALA X CB  1 
ATOM   585  N N   . ALA A 1 74  ? -0.134  8.132   3.124   1.00 16.97 ? 74   ALA X N   1 
ATOM   586  C CA  . ALA A 1 74  ? 0.492   6.947   3.725   1.00 16.76 ? 74   ALA X CA  1 
ATOM   587  C C   . ALA A 1 74  ? 1.770   7.346   4.491   1.00 16.64 ? 74   ALA X C   1 
ATOM   588  O O   . ALA A 1 74  ? 1.972   6.955   5.652   1.00 16.01 ? 74   ALA X O   1 
ATOM   589  C CB  . ALA A 1 74  ? 0.812   5.898   2.647   1.00 16.34 ? 74   ALA X CB  1 
ATOM   590  N N   . VAL A 1 75  ? 2.622   8.130   3.830   1.00 16.57 ? 75   VAL X N   1 
ATOM   591  C CA  . VAL A 1 75  ? 3.868   8.599   4.450   1.00 17.77 ? 75   VAL X CA  1 
ATOM   592  C C   . VAL A 1 75  ? 3.572   9.484   5.658   1.00 18.51 ? 75   VAL X C   1 
ATOM   593  O O   . VAL A 1 75  ? 4.129   9.266   6.745   1.00 18.31 ? 75   VAL X O   1 
ATOM   594  C CB  . VAL A 1 75  ? 4.745   9.386   3.453   1.00 18.31 ? 75   VAL X CB  1 
ATOM   595  C CG1 . VAL A 1 75  ? 6.039   9.861   4.157   1.00 19.26 ? 75   VAL X CG1 1 
ATOM   596  C CG2 . VAL A 1 75  ? 5.072   8.523   2.269   1.00 17.95 ? 75   VAL X CG2 1 
ATOM   597  N N   . ARG A 1 76  ? 2.708   10.483  5.465   1.00 19.25 ? 76   ARG X N   1 
ATOM   598  C CA  . ARG A 1 76  ? 2.381   11.392  6.566   1.00 20.28 ? 76   ARG X CA  1 
ATOM   599  C C   . ARG A 1 76  ? 1.837   10.624  7.776   1.00 20.21 ? 76   ARG X C   1 
ATOM   600  O O   . ARG A 1 76  ? 2.216   10.916  8.920   1.00 21.29 ? 76   ARG X O   1 
ATOM   601  C CB  . ARG A 1 76  ? 1.462   12.555  6.126   1.00 20.54 ? 76   ARG X CB  1 
ATOM   602  C CG  . ARG A 1 76  ? 2.230   13.836  5.742   0.50 21.65 ? 76   ARG X CG  1 
ATOM   603  C CD  . ARG A 1 76  ? 3.410   14.142  6.718   0.50 20.91 ? 76   ARG X CD  1 
ATOM   604  N NE  . ARG A 1 76  ? 3.336   15.345  7.570   0.50 20.25 ? 76   ARG X NE  1 
ATOM   605  C CZ  . ARG A 1 76  ? 2.943   16.565  7.187   0.50 18.27 ? 76   ARG X CZ  1 
ATOM   606  N NH1 . ARG A 1 76  ? 2.540   16.800  5.948   0.50 19.59 ? 76   ARG X NH1 1 
ATOM   607  N NH2 . ARG A 1 76  ? 2.963   17.561  8.059   0.50 14.66 ? 76   ARG X NH2 1 
ATOM   608  N N   . GLY A 1 77  ? 1.000   9.619   7.516   1.00 19.46 ? 77   GLY X N   1 
ATOM   609  C CA  . GLY A 1 77  ? 0.491   8.722   8.559   1.00 19.40 ? 77   GLY X CA  1 
ATOM   610  C C   . GLY A 1 77  ? 1.575   7.982   9.335   1.00 19.00 ? 77   GLY X C   1 
ATOM   611  O O   . GLY A 1 77  ? 1.517   7.892   10.563  1.00 19.02 ? 77   GLY X O   1 
ATOM   612  N N   . ILE A 1 78  ? 2.568   7.460   8.621   1.00 17.61 ? 78   ILE X N   1 
ATOM   613  C CA  . ILE A 1 78  ? 3.702   6.800   9.268   1.00 17.13 ? 78   ILE X CA  1 
ATOM   614  C C   . ILE A 1 78  ? 4.382   7.772   10.243  1.00 17.32 ? 78   ILE X C   1 
ATOM   615  O O   . ILE A 1 78  ? 4.632   7.433   11.408  1.00 17.39 ? 78   ILE X O   1 
ATOM   616  C CB  . ILE A 1 78  ? 4.706   6.267   8.219   1.00 16.54 ? 78   ILE X CB  1 
ATOM   617  C CG1 . ILE A 1 78  ? 4.152   4.986   7.572   1.00 15.88 ? 78   ILE X CG1 1 
ATOM   618  C CG2 . ILE A 1 78  ? 6.070   5.961   8.851   1.00 16.45 ? 78   ILE X CG2 1 
ATOM   619  C CD1 . ILE A 1 78  ? 4.841   4.618   6.241   1.00 16.68 ? 78   ILE X CD1 1 
ATOM   620  N N   . LEU A 1 79  ? 4.639   8.986   9.768   1.00 18.43 ? 79   LEU X N   1 
ATOM   621  C CA  . LEU A 1 79  ? 5.355   9.992   10.568  1.00 19.20 ? 79   LEU X CA  1 
ATOM   622  C C   . LEU A 1 79  ? 4.578   10.440  11.806  1.00 20.01 ? 79   LEU X C   1 
ATOM   623  O O   . LEU A 1 79  ? 5.183   10.852  12.803  1.00 20.63 ? 79   LEU X O   1 
ATOM   624  C CB  . LEU A 1 79  ? 5.784   11.188  9.707   1.00 19.50 ? 79   LEU X CB  1 
ATOM   625  C CG  . LEU A 1 79  ? 6.733   10.875  8.535   1.00 20.69 ? 79   LEU X CG  1 
ATOM   626  C CD1 . LEU A 1 79  ? 7.137   12.146  7.790   1.00 23.02 ? 79   LEU X CD1 1 
ATOM   627  C CD2 . LEU A 1 79  ? 7.988   10.125  9.012   1.00 21.93 ? 79   LEU X CD2 1 
ATOM   628  N N   . ARG A 1 80  ? 3.249   10.348  11.747  1.00 20.00 ? 80   ARG X N   1 
ATOM   629  C CA  . ARG A 1 80  ? 2.393   10.715  12.881  1.00 20.74 ? 80   ARG X CA  1 
ATOM   630  C C   . ARG A 1 80  ? 2.132   9.551   13.839  1.00 21.28 ? 80   ARG X C   1 
ATOM   631  O O   . ARG A 1 80  ? 1.466   9.713   14.875  1.00 22.63 ? 80   ARG X O   1 
ATOM   632  C CB  . ARG A 1 80  ? 1.072   11.299  12.354  1.00 20.68 ? 80   ARG X CB  1 
ATOM   633  C CG  . ARG A 1 80  ? 1.268   12.677  11.761  0.50 20.26 ? 80   ARG X CG  1 
ATOM   634  C CD  . ARG A 1 80  ? 0.057   13.184  10.996  0.50 20.71 ? 80   ARG X CD  1 
ATOM   635  N NE  . ARG A 1 80  ? 0.232   14.591  10.644  0.50 21.45 ? 80   ARG X NE  1 
ATOM   636  C CZ  . ARG A 1 80  ? -0.208  15.155  9.523   0.50 20.87 ? 80   ARG X CZ  1 
ATOM   637  N NH1 . ARG A 1 80  ? -0.851  14.438  8.613   0.50 21.56 ? 80   ARG X NH1 1 
ATOM   638  N NH2 . ARG A 1 80  ? 0.008   16.446  9.309   0.50 23.20 ? 80   ARG X NH2 1 
ATOM   639  N N   . ASN A 1 81  ? 2.633   8.367   13.485  1.00 21.48 ? 81   ASN X N   1 
ATOM   640  C CA  . ASN A 1 81  ? 2.443   7.175   14.285  1.00 20.78 ? 81   ASN X CA  1 
ATOM   641  C C   . ASN A 1 81  ? 3.669   6.898   15.142  1.00 20.90 ? 81   ASN X C   1 
ATOM   642  O O   . ASN A 1 81  ? 4.769   6.663   14.626  1.00 20.79 ? 81   ASN X O   1 
ATOM   643  C CB  . ASN A 1 81  ? 2.099   5.974   13.402  1.00 20.94 ? 81   ASN X CB  1 
ATOM   644  C CG  . ASN A 1 81  ? 1.682   4.754   14.205  1.00 21.41 ? 81   ASN X CG  1 
ATOM   645  O OD1 . ASN A 1 81  ? 2.371   4.337   15.142  1.00 21.52 ? 81   ASN X OD1 1 
ATOM   646  N ND2 . ASN A 1 81  ? 0.551   4.158   13.826  1.00 21.51 ? 81   ASN X ND2 1 
ATOM   647  N N   . ALA A 1 82  ? 3.472   6.923   16.457  1.00 20.94 ? 82   ALA X N   1 
ATOM   648  C CA  . ALA A 1 82  ? 4.600   6.854   17.397  1.00 21.26 ? 82   ALA X CA  1 
ATOM   649  C C   . ALA A 1 82  ? 5.329   5.523   17.375  1.00 21.15 ? 82   ALA X C   1 
ATOM   650  O O   . ALA A 1 82  ? 6.509   5.451   17.752  1.00 22.10 ? 82   ALA X O   1 
ATOM   651  C CB  . ALA A 1 82  ? 4.140   7.188   18.809  1.00 21.16 ? 82   ALA X CB  1 
ATOM   652  N N   . LYS A 1 83  ? 4.639   4.476   16.933  1.00 21.08 ? 83   LYS X N   1 
ATOM   653  C CA  . LYS A 1 83  ? 5.254   3.158   16.777  1.00 21.51 ? 83   LYS X CA  1 
ATOM   654  C C   . LYS A 1 83  ? 6.021   3.030   15.449  1.00 20.52 ? 83   LYS X C   1 
ATOM   655  O O   . LYS A 1 83  ? 7.095   2.409   15.394  1.00 21.94 ? 83   LYS X O   1 
ATOM   656  C CB  . LYS A 1 83  ? 4.204   2.053   16.901  1.00 21.83 ? 83   LYS X CB  1 
ATOM   657  C CG  . LYS A 1 83  ? 3.592   1.928   18.304  1.00 24.05 ? 83   LYS X CG  1 
ATOM   658  C CD  . LYS A 1 83  ? 2.571   0.814   18.337  1.00 26.36 ? 83   LYS X CD  1 
ATOM   659  N N   . LEU A 1 84  ? 5.479   3.609   14.385  1.00 19.13 ? 84   LEU X N   1 
ATOM   660  C CA  . LEU A 1 84  ? 6.081   3.451   13.060  1.00 17.21 ? 84   LEU X CA  1 
ATOM   661  C C   . LEU A 1 84  ? 7.196   4.450   12.789  1.00 16.71 ? 84   LEU X C   1 
ATOM   662  O O   . LEU A 1 84  ? 8.221   4.087   12.175  1.00 15.78 ? 84   LEU X O   1 
ATOM   663  C CB  . LEU A 1 84  ? 5.011   3.508   11.953  1.00 17.35 ? 84   LEU X CB  1 
ATOM   664  C CG  . LEU A 1 84  ? 3.827   2.543   12.143  1.00 17.91 ? 84   LEU X CG  1 
ATOM   665  C CD1 . LEU A 1 84  ? 2.771   2.763   11.073  1.00 16.86 ? 84   LEU X CD1 1 
ATOM   666  C CD2 . LEU A 1 84  ? 4.313   1.094   12.120  1.00 18.36 ? 84   LEU X CD2 1 
ATOM   667  N N   . LYS A 1 85  ? 7.016   5.693   13.233  1.00 15.11 ? 85   LYS X N   1 
ATOM   668  C CA  . LYS A 1 85  ? 7.990   6.742   12.911  1.00 15.53 ? 85   LYS X CA  1 
ATOM   669  C C   . LYS A 1 85  ? 9.454   6.354   13.228  1.00 14.75 ? 85   LYS X C   1 
ATOM   670  O O   . LYS A 1 85  ? 10.325  6.527   12.368  1.00 14.69 ? 85   LYS X O   1 
ATOM   671  C CB  . LYS A 1 85  ? 7.635   8.091   13.560  1.00 15.44 ? 85   LYS X CB  1 
ATOM   672  C CG  . LYS A 1 85  ? 8.653   9.175   13.244  1.00 16.28 ? 85   LYS X CG  1 
ATOM   673  C CD  . LYS A 1 85  ? 8.327   10.490  13.905  1.00 20.22 ? 85   LYS X CD  1 
ATOM   674  C CE  . LYS A 1 85  ? 9.125   11.625  13.270  1.00 23.42 ? 85   LYS X CE  1 
ATOM   675  N NZ  . LYS A 1 85  ? 10.586  11.530  13.534  1.00 27.00 ? 85   LYS X NZ  1 
ATOM   676  N N   . PRO A 1 86  ? 9.737   5.879   14.462  1.00 15.43 ? 86   PRO X N   1 
ATOM   677  C CA  . PRO A 1 86  ? 11.159  5.597   14.776  1.00 15.56 ? 86   PRO X CA  1 
ATOM   678  C C   . PRO A 1 86  ? 11.738  4.487   13.894  1.00 14.76 ? 86   PRO X C   1 
ATOM   679  O O   . PRO A 1 86  ? 12.905  4.563   13.496  1.00 15.84 ? 86   PRO X O   1 
ATOM   680  C CB  . PRO A 1 86  ? 11.133  5.170   16.251  1.00 16.17 ? 86   PRO X CB  1 
ATOM   681  C CG  . PRO A 1 86  ? 9.716   4.841   16.558  1.00 17.31 ? 86   PRO X CG  1 
ATOM   682  C CD  . PRO A 1 86  ? 8.860   5.635   15.627  1.00 15.64 ? 86   PRO X CD  1 
ATOM   683  N N   . VAL A 1 87  ? 10.921  3.498   13.539  1.00 13.57 ? 87   VAL X N   1 
ATOM   684  C CA  . VAL A 1 87  ? 11.399  2.427   12.671  1.00 13.62 ? 87   VAL X CA  1 
ATOM   685  C C   . VAL A 1 87  ? 11.653  2.983   11.257  1.00 12.87 ? 87   VAL X C   1 
ATOM   686  O O   . VAL A 1 87  ? 12.715  2.787   10.675  1.00 12.58 ? 87   VAL X O   1 
ATOM   687  C CB  . VAL A 1 87  ? 10.457  1.209   12.655  1.00 13.87 ? 87   VAL X CB  1 
ATOM   688  C CG1 . VAL A 1 87  ? 11.093  0.080   11.829  1.00 13.24 ? 87   VAL X CG1 1 
ATOM   689  C CG2 . VAL A 1 87  ? 10.157  0.729   14.085  1.00 13.96 ? 87   VAL X CG2 1 
ATOM   690  N N   . TYR A 1 88  ? 10.687  3.736   10.745  1.00 13.06 ? 88   TYR X N   1 
ATOM   691  C CA  . TYR A 1 88  ? 10.802  4.370   9.431   1.00 13.12 ? 88   TYR X CA  1 
ATOM   692  C C   . TYR A 1 88  ? 12.064  5.242   9.341   1.00 13.61 ? 88   TYR X C   1 
ATOM   693  O O   . TYR A 1 88  ? 12.828  5.144   8.381   1.00 14.43 ? 88   TYR X O   1 
ATOM   694  C CB  . TYR A 1 88  ? 9.543   5.188   9.159   1.00 14.09 ? 88   TYR X CB  1 
ATOM   695  C CG  . TYR A 1 88  ? 9.515   5.849   7.814   1.00 14.43 ? 88   TYR X CG  1 
ATOM   696  C CD1 . TYR A 1 88  ? 9.065   5.162   6.676   1.00 14.45 ? 88   TYR X CD1 1 
ATOM   697  C CD2 . TYR A 1 88  ? 9.938   7.171   7.664   1.00 15.57 ? 88   TYR X CD2 1 
ATOM   698  C CE1 . TYR A 1 88  ? 9.030   5.772   5.431   1.00 14.96 ? 88   TYR X CE1 1 
ATOM   699  C CE2 . TYR A 1 88  ? 9.914   7.790   6.419   1.00 16.30 ? 88   TYR X CE2 1 
ATOM   700  C CZ  . TYR A 1 88  ? 9.457   7.085   5.304   1.00 16.56 ? 88   TYR X CZ  1 
ATOM   701  O OH  . TYR A 1 88  ? 9.422   7.680   4.059   1.00 17.06 ? 88   TYR X OH  1 
ATOM   702  N N   . ASP A 1 89  ? 12.283  6.072   10.361  1.00 13.72 ? 89   ASP X N   1 
ATOM   703  C CA  . ASP A 1 89  ? 13.441  6.991   10.373  1.00 14.37 ? 89   ASP X CA  1 
ATOM   704  C C   . ASP A 1 89  ? 14.769  6.240   10.436  1.00 13.67 ? 89   ASP X C   1 
ATOM   705  O O   . ASP A 1 89  ? 15.788  6.698   9.896   1.00 13.36 ? 89   ASP X O   1 
ATOM   706  C CB  . ASP A 1 89  ? 13.326  7.964   11.544  1.00 15.12 ? 89   ASP X CB  1 
ATOM   707  C CG  . ASP A 1 89  ? 12.344  9.094   11.264  1.00 17.57 ? 89   ASP X CG  1 
ATOM   708  O OD1 . ASP A 1 89  ? 11.962  9.308   10.084  1.00 20.47 ? 89   ASP X OD1 1 
ATOM   709  O OD2 . ASP A 1 89  ? 11.982  9.786   12.229  1.00 22.38 ? 89   ASP X OD2 1 
ATOM   710  N N   . SER A 1 90  ? 14.745  5.052   11.032  1.00 12.42 ? 90   SER X N   1 
ATOM   711  C CA  . SER A 1 90  ? 15.942  4.224   11.109  1.00 12.86 ? 90   SER X CA  1 
ATOM   712  C C   . SER A 1 90  ? 16.372  3.594   9.772   1.00 13.09 ? 90   SER X C   1 
ATOM   713  O O   . SER A 1 90  ? 17.515  3.147   9.636   1.00 13.32 ? 90   SER X O   1 
ATOM   714  C CB  . SER A 1 90  ? 15.769  3.125   12.160  1.00 12.87 ? 90   SER X CB  1 
ATOM   715  O OG  . SER A 1 90  ? 15.035  2.024   11.656  1.00 10.86 ? 90   SER X OG  1 
ATOM   716  N N   . LEU A 1 91  ? 15.438  3.507   8.815   1.00 12.67 ? 91   LEU X N   1 
ATOM   717  C CA  . LEU A 1 91  ? 15.669  2.835   7.521   1.00 12.65 ? 91   LEU X CA  1 
ATOM   718  C C   . LEU A 1 91  ? 16.347  3.731   6.493   1.00 12.64 ? 91   LEU X C   1 
ATOM   719  O O   . LEU A 1 91  ? 16.206  4.943   6.558   1.00 12.63 ? 91   LEU X O   1 
ATOM   720  C CB  . LEU A 1 91  ? 14.330  2.354   6.927   1.00 11.89 ? 91   LEU X CB  1 
ATOM   721  C CG  . LEU A 1 91  ? 13.543  1.326   7.755   1.00 12.82 ? 91   LEU X CG  1 
ATOM   722  C CD1 . LEU A 1 91  ? 12.138  1.115   7.157   1.00 16.50 ? 91   LEU X CD1 1 
ATOM   723  C CD2 . LEU A 1 91  ? 14.309  0.002   7.833   1.00 12.59 ? 91   LEU X CD2 1 
ATOM   724  N N   . ASP A 1 92  ? 17.051  3.111   5.541   1.00 12.80 ? 92   ASP X N   1 
ATOM   725  C CA  . ASP A 1 92  ? 17.468  3.753   4.271   1.00 12.31 ? 92   ASP X CA  1 
ATOM   726  C C   . ASP A 1 92  ? 16.243  3.988   3.342   1.00 12.48 ? 92   ASP X C   1 
ATOM   727  O O   . ASP A 1 92  ? 15.155  3.426   3.577   1.00 12.65 ? 92   ASP X O   1 
ATOM   728  C CB  . ASP A 1 92  ? 18.436  2.813   3.548   1.00 12.87 ? 92   ASP X CB  1 
ATOM   729  C CG  . ASP A 1 92  ? 17.793  1.470   3.287   1.00 12.50 ? 92   ASP X CG  1 
ATOM   730  O OD1 . ASP A 1 92  ? 17.818  0.616   4.204   1.00 14.04 ? 92   ASP X OD1 1 
ATOM   731  O OD2 . ASP A 1 92  ? 17.198  1.305   2.203   1.00 11.37 ? 92   ASP X OD2 1 
ATOM   732  N N   . ALA A 1 93  ? 16.427  4.783   2.274   1.00 12.70 ? 93   ALA X N   1 
ATOM   733  C CA  . ALA A 1 93  ? 15.299  5.175   1.400   1.00 12.75 ? 93   ALA X CA  1 
ATOM   734  C C   . ALA A 1 93  ? 14.626  4.001   0.674   1.00 12.72 ? 93   ALA X C   1 
ATOM   735  O O   . ALA A 1 93  ? 13.405  4.032   0.417   1.00 12.98 ? 93   ALA X O   1 
ATOM   736  C CB  . ALA A 1 93  ? 15.735  6.234   0.357   1.00 13.09 ? 93   ALA X CB  1 
ATOM   737  N N   . VAL A 1 94  ? 15.398  2.974   0.337   1.00 12.13 ? 94   VAL X N   1 
ATOM   738  C CA  . VAL A 1 94  ? 14.804  1.843   -0.411  1.00 12.23 ? 94   VAL X CA  1 
ATOM   739  C C   . VAL A 1 94  ? 13.853  1.105   0.527   1.00 11.91 ? 94   VAL X C   1 
ATOM   740  O O   . VAL A 1 94  ? 12.684  0.849   0.188   1.00 11.26 ? 94   VAL X O   1 
ATOM   741  C CB  . VAL A 1 94  ? 15.863  0.888   -0.987  1.00 11.88 ? 94   VAL X CB  1 
ATOM   742  C CG1 . VAL A 1 94  ? 15.195  -0.354  -1.687  1.00 12.73 ? 94   VAL X CG1 1 
ATOM   743  C CG2 . VAL A 1 94  ? 16.776  1.625   -1.987  1.00 13.01 ? 94   VAL X CG2 1 
ATOM   744  N N   . ARG A 1 95  ? 14.351  0.773   1.717   1.00 12.23 ? 95   ARG X N   1 
ATOM   745  C CA  . ARG A 1 95  ? 13.504  0.091   2.702   1.00 11.87 ? 95   ARG X CA  1 
ATOM   746  C C   . ARG A 1 95  ? 12.313  0.941   3.166   1.00 12.20 ? 95   ARG X C   1 
ATOM   747  O O   . ARG A 1 95  ? 11.227  0.408   3.441   1.00 11.18 ? 95   ARG X O   1 
ATOM   748  C CB  . ARG A 1 95  ? 14.337  -0.387  3.879   1.00 12.15 ? 95   ARG X CB  1 
ATOM   749  C CG  . ARG A 1 95  ? 15.337  -1.466  3.445   1.00 11.53 ? 95   ARG X CG  1 
ATOM   750  C CD  . ARG A 1 95  ? 16.011  -2.042  4.664   1.00 12.21 ? 95   ARG X CD  1 
ATOM   751  N NE  . ARG A 1 95  ? 16.819  -3.228  4.353   1.00 12.94 ? 95   ARG X NE  1 
ATOM   752  C CZ  . ARG A 1 95  ? 18.123  -3.199  4.058   1.00 14.01 ? 95   ARG X CZ  1 
ATOM   753  N NH1 . ARG A 1 95  ? 18.778  -2.031  3.963   1.00 14.29 ? 95   ARG X NH1 1 
ATOM   754  N NH2 . ARG A 1 95  ? 18.774  -4.344  3.827   1.00 14.39 ? 95   ARG X NH2 1 
ATOM   755  N N   . ARG A 1 96  ? 12.497  2.262   3.242   1.00 11.17 ? 96   ARG X N   1 
ATOM   756  C CA  . ARG A 1 96  ? 11.351  3.148   3.482   1.00 11.76 ? 96   ARG X CA  1 
ATOM   757  C C   . ARG A 1 96  ? 10.198  2.951   2.479   1.00 11.58 ? 96   ARG X C   1 
ATOM   758  O O   . ARG A 1 96  ? 9.017   3.001   2.843   1.00 11.93 ? 96   ARG X O   1 
ATOM   759  C CB  . ARG A 1 96  ? 11.800  4.600   3.518   1.00 11.86 ? 96   ARG X CB  1 
ATOM   760  C CG  . ARG A 1 96  ? 12.480  4.966   4.837   1.00 11.93 ? 96   ARG X CG  1 
ATOM   761  C CD  . ARG A 1 96  ? 13.006  6.402   4.782   1.00 14.17 ? 96   ARG X CD  1 
ATOM   762  N NE  . ARG A 1 96  ? 13.806  6.693   5.964   1.00 13.85 ? 96   ARG X NE  1 
ATOM   763  C CZ  . ARG A 1 96  ? 14.484  7.818   6.166   1.00 15.92 ? 96   ARG X CZ  1 
ATOM   764  N NH1 . ARG A 1 96  ? 14.456  8.777   5.256   1.00 18.26 ? 96   ARG X NH1 1 
ATOM   765  N NH2 . ARG A 1 96  ? 15.202  7.977   7.283   1.00 15.69 ? 96   ARG X NH2 1 
ATOM   766  N N   . ALA A 1 97  ? 10.548  2.748   1.213   1.00 11.93 ? 97   ALA X N   1 
ATOM   767  C CA  . ALA A 1 97  ? 9.550   2.463   0.160   1.00 11.75 ? 97   ALA X CA  1 
ATOM   768  C C   . ALA A 1 97  ? 8.786   1.156   0.447   1.00 12.12 ? 97   ALA X C   1 
ATOM   769  O O   . ALA A 1 97  ? 7.560   1.111   0.311   1.00 12.02 ? 97   ALA X O   1 
ATOM   770  C CB  . ALA A 1 97  ? 10.204  2.431   -1.200  1.00 12.57 ? 97   ALA X CB  1 
ATOM   771  N N   . ALA A 1 98  ? 9.499   0.126   0.905   1.00 11.40 ? 98   ALA X N   1 
ATOM   772  C CA  . ALA A 1 98  ? 8.845   -1.129  1.316   1.00 11.55 ? 98   ALA X CA  1 
ATOM   773  C C   . ALA A 1 98  ? 7.811   -0.873  2.439   1.00 12.04 ? 98   ALA X C   1 
ATOM   774  O O   . ALA A 1 98  ? 6.680   -1.399  2.409   1.00 12.54 ? 98   ALA X O   1 
ATOM   775  C CB  . ALA A 1 98  ? 9.891   -2.153  1.739   1.00 12.05 ? 98   ALA X CB  1 
ATOM   776  N N   . ALA A 1 99  ? 8.199   -0.042  3.406   1.00 11.80 ? 99   ALA X N   1 
ATOM   777  C CA  . ALA A 1 99  ? 7.308   0.348   4.517   1.00 12.40 ? 99   ALA X CA  1 
ATOM   778  C C   . ALA A 1 99  ? 6.044   1.067   4.021   1.00 12.15 ? 99   ALA X C   1 
ATOM   779  O O   . ALA A 1 99  ? 4.919   0.745   4.453   1.00 12.15 ? 99   ALA X O   1 
ATOM   780  C CB  . ALA A 1 99  ? 8.058   1.240   5.515   1.00 11.85 ? 99   ALA X CB  1 
ATOM   781  N N   . ILE A 1 100 ? 6.238   2.036   3.124   1.00 12.37 ? 100  ILE X N   1 
ATOM   782  C CA  . ILE A 1 100 ? 5.107   2.798   2.554   1.00 12.06 ? 100  ILE X CA  1 
ATOM   783  C C   . ILE A 1 100 ? 4.151   1.876   1.791   1.00 12.11 ? 100  ILE X C   1 
ATOM   784  O O   . ILE A 1 100 ? 2.909   1.986   1.946   1.00 11.66 ? 100  ILE X O   1 
ATOM   785  C CB  . ILE A 1 100 ? 5.581   3.977   1.681   1.00 13.08 ? 100  ILE X CB  1 
ATOM   786  C CG1 . ILE A 1 100 ? 6.360   4.974   2.552   1.00 11.64 ? 100  ILE X CG1 1 
ATOM   787  C CG2 . ILE A 1 100 ? 4.386   4.679   0.985   1.00 11.65 ? 100  ILE X CG2 1 
ATOM   788  C CD1 . ILE A 1 100 ? 7.294   5.828   1.728   1.00 12.27 ? 100  ILE X CD1 1 
ATOM   789  N N   . ASN A 1 101 ? 4.737   0.954   1.027   1.00 12.06 ? 101  ASN X N   1 
ATOM   790  C CA  . ASN A 1 101 ? 3.986   -0.054  0.294   1.00 12.27 ? 101  ASN X CA  1 
ATOM   791  C C   . ASN A 1 101 ? 3.034   -0.827  1.228   1.00 12.37 ? 101  ASN X C   1 
ATOM   792  O O   . ASN A 1 101 ? 1.821   -0.877  0.990   1.00 13.47 ? 101  ASN X O   1 
ATOM   793  C CB  . ASN A 1 101 ? 4.966   -0.970  -0.446  1.00 12.46 ? 101  ASN X CB  1 
ATOM   794  C CG  . ASN A 1 101 ? 4.297   -1.827  -1.496  1.00 12.83 ? 101  ASN X CG  1 
ATOM   795  O OD1 . ASN A 1 101 ? 3.327   -2.530  -1.222  1.00 12.35 ? 101  ASN X OD1 1 
ATOM   796  N ND2 . ASN A 1 101 ? 4.847   -1.796  -2.711  1.00 13.39 ? 101  ASN X ND2 1 
ATOM   797  N N   . MET A 1 102 ? 3.569   -1.371  2.320   1.00 12.23 ? 102  MET X N   1 
ATOM   798  C CA  . MET A 1 102 ? 2.744   -2.086  3.297   1.00 12.84 ? 102  MET X CA  1 
ATOM   799  C C   . MET A 1 102 ? 1.593   -1.238  3.870   1.00 13.16 ? 102  MET X C   1 
ATOM   800  O O   . MET A 1 102 ? 0.428   -1.674  3.873   1.00 12.83 ? 102  MET X O   1 
ATOM   801  C CB  . MET A 1 102 ? 3.609   -2.662  4.406   1.00 12.76 ? 102  MET X CB  1 
ATOM   802  C CG  . MET A 1 102 ? 4.525   -3.792  3.892   1.00 13.14 ? 102  MET X CG  1 
ATOM   803  S SD  . MET A 1 102 ? 5.263   -4.718  5.252   1.00 13.90 ? 102  MET X SD  1 
ATOM   804  C CE  . MET A 1 102 ? 3.867   -5.618  5.913   1.00 17.46 ? 102  MET X CE  1 
ATOM   805  N N   . VAL A 1 103 ? 1.906   -0.028  4.323   1.00 13.04 ? 103  VAL X N   1 
ATOM   806  C CA  . VAL A 1 103 ? 0.873   0.858   4.856   1.00 13.95 ? 103  VAL X CA  1 
ATOM   807  C C   . VAL A 1 103 ? -0.196  1.188   3.781   1.00 13.74 ? 103  VAL X C   1 
ATOM   808  O O   . VAL A 1 103 ? -1.402  1.232   4.071   1.00 14.06 ? 103  VAL X O   1 
ATOM   809  C CB  . VAL A 1 103 ? 1.502   2.112   5.468   1.00 14.23 ? 103  VAL X CB  1 
ATOM   810  C CG1 . VAL A 1 103 ? 0.418   3.120   5.871   1.00 15.52 ? 103  VAL X CG1 1 
ATOM   811  C CG2 . VAL A 1 103 ? 2.357   1.728   6.692   1.00 14.89 ? 103  VAL X CG2 1 
ATOM   812  N N   . PHE A 1 104 ? 0.244   1.372   2.540   1.00 13.16 ? 104  PHE X N   1 
ATOM   813  C CA  . PHE A 1 104 ? -0.656  1.658   1.417   1.00 13.13 ? 104  PHE X CA  1 
ATOM   814  C C   . PHE A 1 104 ? -1.666  0.506   1.274   1.00 13.44 ? 104  PHE X C   1 
ATOM   815  O O   . PHE A 1 104 ? -2.879  0.738   1.179   1.00 13.71 ? 104  PHE X O   1 
ATOM   816  C CB  . PHE A 1 104 ? 0.154   1.874   0.136   1.00 13.45 ? 104  PHE X CB  1 
ATOM   817  C CG  . PHE A 1 104 ? -0.653  2.370   -1.032  1.00 14.31 ? 104  PHE X CG  1 
ATOM   818  C CD1 . PHE A 1 104 ? -1.436  1.480   -1.773  1.00 14.42 ? 104  PHE X CD1 1 
ATOM   819  C CD2 . PHE A 1 104 ? -0.620  3.719   -1.404  1.00 15.66 ? 104  PHE X CD2 1 
ATOM   820  C CE1 . PHE A 1 104 ? -2.192  1.933   -2.867  1.00 14.20 ? 104  PHE X CE1 1 
ATOM   821  C CE2 . PHE A 1 104 ? -1.355  4.181   -2.506  1.00 13.54 ? 104  PHE X CE2 1 
ATOM   822  C CZ  . PHE A 1 104 ? -2.151  3.294   -3.228  1.00 15.05 ? 104  PHE X CZ  1 
ATOM   823  N N   . GLN A 1 105 ? -1.164  -0.728  1.324   1.00 13.19 ? 105  GLN X N   1 
ATOM   824  C CA  . GLN A 1 105 ? -2.016  -1.911  1.157   1.00 13.82 ? 105  GLN X CA  1 
ATOM   825  C C   . GLN A 1 105 ? -2.964  -2.227  2.338   1.00 14.90 ? 105  GLN X C   1 
ATOM   826  O O   . GLN A 1 105 ? -4.144  -2.581  2.128   1.00 14.94 ? 105  GLN X O   1 
ATOM   827  C CB  . GLN A 1 105 ? -1.149  -3.135  0.901   1.00 13.58 ? 105  GLN X CB  1 
ATOM   828  C CG  . GLN A 1 105 ? -1.993  -4.386  0.621   1.00 13.33 ? 105  GLN X CG  1 
ATOM   829  C CD  . GLN A 1 105 ? -1.155  -5.581  0.240   1.00 14.65 ? 105  GLN X CD  1 
ATOM   830  O OE1 . GLN A 1 105 ? 0.065   -5.540  0.293   1.00 12.32 ? 105  GLN X OE1 1 
ATOM   831  N NE2 . GLN A 1 105 ? -1.815  -6.662  -0.144  1.00 14.74 ? 105  GLN X NE2 1 
ATOM   832  N N   . MET A 1 106 ? -2.445  -2.132  3.558   1.00 15.13 ? 106  MET X N   1 
ATOM   833  C CA  A MET A 1 106 ? -3.176  -2.638  4.721   0.50 15.83 ? 106  MET X CA  1 
ATOM   834  C CA  B MET A 1 106 ? -3.152  -2.633  4.737   0.50 17.09 ? 106  MET X CA  1 
ATOM   835  C C   . MET A 1 106 ? -3.548  -1.575  5.746   1.00 16.98 ? 106  MET X C   1 
ATOM   836  O O   . MET A 1 106 ? -4.341  -1.844  6.667   1.00 16.70 ? 106  MET X O   1 
ATOM   837  C CB  A MET A 1 106 ? -2.440  -3.828  5.373   0.50 15.78 ? 106  MET X CB  1 
ATOM   838  C CB  B MET A 1 106 ? -2.300  -3.683  5.436   0.50 16.80 ? 106  MET X CB  1 
ATOM   839  C CG  A MET A 1 106 ? -1.067  -3.528  5.979   0.50 14.50 ? 106  MET X CG  1 
ATOM   840  C CG  B MET A 1 106 ? -2.102  -4.932  4.628   0.50 17.64 ? 106  MET X CG  1 
ATOM   841  S SD  A MET A 1 106 ? -0.296  -4.977  6.741   0.50 15.81 ? 106  MET X SD  1 
ATOM   842  S SD  B MET A 1 106 ? -1.071  -6.062  5.550   0.50 20.83 ? 106  MET X SD  1 
ATOM   843  C CE  A MET A 1 106 ? 0.270   -5.874  5.310   0.50 14.50 ? 106  MET X CE  1 
ATOM   844  C CE  B MET A 1 106 ? 0.544   -5.463  5.090   0.50 20.62 ? 106  MET X CE  1 
ATOM   845  N N   . GLY A 1 107 ? -2.994  -0.377  5.587   1.00 17.82 ? 107  GLY X N   1 
ATOM   846  C CA  . GLY A 1 107 ? -3.237  0.706   6.528   1.00 18.95 ? 107  GLY X CA  1 
ATOM   847  C C   . GLY A 1 107 ? -2.404  0.553   7.793   1.00 20.50 ? 107  GLY X C   1 
ATOM   848  O O   . GLY A 1 107 ? -1.755  -0.478  8.020   1.00 19.81 ? 107  GLY X O   1 
ATOM   849  N N   . GLU A 1 108 ? -2.392  1.597   8.615   1.00 21.89 ? 108  GLU X N   1 
ATOM   850  C CA  . GLU A 1 108 ? -1.730  1.533   9.920   1.00 23.62 ? 108  GLU X CA  1 
ATOM   851  C C   . GLU A 1 108 ? -2.298  0.426   10.828  0.50 23.77 ? 108  GLU X C   1 
ATOM   852  O O   . GLU A 1 108 ? -1.546  -0.244  11.539  0.50 23.59 ? 108  GLU X O   1 
ATOM   853  C CB  . GLU A 1 108 ? -1.784  2.896   10.603  1.00 24.10 ? 108  GLU X CB  1 
ATOM   854  C CG  . GLU A 1 108 ? -0.862  3.899   9.941   1.00 25.19 ? 108  GLU X CG  1 
ATOM   855  C CD  . GLU A 1 108 ? -1.018  5.282   10.500  1.00 26.67 ? 108  GLU X CD  1 
ATOM   856  O OE1 . GLU A 1 108 ? -1.151  5.423   11.741  1.00 27.22 ? 108  GLU X OE1 1 
ATOM   857  O OE2 . GLU A 1 108 ? -1.028  6.219   9.682   1.00 27.85 ? 108  GLU X OE2 1 
ATOM   858  N N   . THR A 1 109 ? -3.615  0.231   10.780  1.00 24.71 ? 109  THR X N   1 
ATOM   859  C CA  . THR A 1 109 ? -4.289  -0.883  11.469  0.50 24.85 ? 109  THR X CA  1 
ATOM   860  C C   . THR A 1 109 ? -3.699  -2.246  11.075  0.50 24.81 ? 109  THR X C   1 
ATOM   861  O O   . THR A 1 109 ? -3.394  -3.075  11.935  0.50 24.67 ? 109  THR X O   1 
ATOM   862  C CB  . THR A 1 109 ? -5.819  -0.887  11.175  0.50 25.01 ? 109  THR X CB  1 
ATOM   863  O OG1 . THR A 1 109 ? -6.407  0.333   11.646  0.50 25.64 ? 109  THR X OG1 1 
ATOM   864  C CG2 . THR A 1 109 ? -6.517  -2.072  11.841  0.50 25.22 ? 109  THR X CG2 1 
ATOM   865  N N   . GLY A 1 110 ? -3.569  -2.470  9.771   1.00 25.13 ? 110  GLY X N   1 
ATOM   866  C CA  . GLY A 1 110 ? -2.977  -3.695  9.232   1.00 24.87 ? 110  GLY X CA  1 
ATOM   867  C C   . GLY A 1 110 ? -1.555  -3.921  9.717   0.50 24.50 ? 110  GLY X C   1 
ATOM   868  O O   . GLY A 1 110 ? -1.196  -5.044  10.086  0.50 24.18 ? 110  GLY X O   1 
ATOM   869  N N   . VAL A 1 111 ? -0.740  -2.864  9.716   1.00 24.18 ? 111  VAL X N   1 
ATOM   870  C CA  . VAL A 1 111 ? 0.672   -3.012  10.106  1.00 24.32 ? 111  VAL X CA  1 
ATOM   871  C C   . VAL A 1 111 ? 0.853   -3.084  11.630  0.50 23.69 ? 111  VAL X C   1 
ATOM   872  O O   . VAL A 1 111 ? 1.956   -3.343  12.118  0.50 22.85 ? 111  VAL X O   1 
ATOM   873  C CB  . VAL A 1 111 ? 1.612   -1.952  9.463   1.00 24.79 ? 111  VAL X CB  1 
ATOM   874  C CG1 . VAL A 1 111 ? 1.396   -1.886  7.950   1.00 25.04 ? 111  VAL X CG1 1 
ATOM   875  C CG2 . VAL A 1 111 ? 1.424   -0.598  10.089  1.00 27.04 ? 111  VAL X CG2 1 
ATOM   876  N N   . ALA A 1 112 ? -0.240  -2.867  12.365  0.50 23.29 ? 112  ALA X N   1 
ATOM   877  C CA  . ALA A 1 112 ? -0.239  -2.973  13.825  0.50 22.83 ? 112  ALA X CA  1 
ATOM   878  C C   . ALA A 1 112 ? 0.112   -4.386  14.273  1.00 22.81 ? 112  ALA X C   1 
ATOM   879  O O   . ALA A 1 112 ? 0.687   -4.595  15.351  1.00 22.55 ? 112  ALA X O   1 
ATOM   880  C CB  . ALA A 1 112 ? -1.608  -2.570  14.382  0.50 23.12 ? 112  ALA X CB  1 
ATOM   881  N N   . GLY A 1 113 ? -0.245  -5.357  13.433  0.50 21.56 ? 113  GLY X N   1 
ATOM   882  C CA  . GLY A 1 113 ? 0.028   -6.757  13.719  0.50 20.75 ? 113  GLY X CA  1 
ATOM   883  C C   . GLY A 1 113 ? 1.495   -7.123  13.569  0.50 19.87 ? 113  GLY X C   1 
ATOM   884  O O   . GLY A 1 113 ? 1.883   -8.243  13.885  0.50 19.92 ? 113  GLY X O   1 
ATOM   885  N N   . PHE A 1 114 ? 2.318   -6.174  13.115  1.00 19.74 ? 114  PHE X N   1 
ATOM   886  C CA  . PHE A 1 114 ? 3.715   -6.473  12.786  1.00 18.52 ? 114  PHE X CA  1 
ATOM   887  C C   . PHE A 1 114 ? 4.781   -6.009  13.799  1.00 18.41 ? 114  PHE X C   1 
ATOM   888  O O   . PHE A 1 114 ? 5.954   -5.831  13.449  1.00 17.46 ? 114  PHE X O   1 
ATOM   889  C CB  . PHE A 1 114 ? 4.031   -5.977  11.367  1.00 18.82 ? 114  PHE X CB  1 
ATOM   890  C CG  . PHE A 1 114 ? 3.346   -6.768  10.286  1.00 18.10 ? 114  PHE X CG  1 
ATOM   891  C CD1 . PHE A 1 114 ? 2.001   -6.529  9.967   1.00 20.85 ? 114  PHE X CD1 1 
ATOM   892  C CD2 . PHE A 1 114 ? 4.030   -7.779  9.606   1.00 18.47 ? 114  PHE X CD2 1 
ATOM   893  C CE1 . PHE A 1 114 ? 1.364   -7.266  8.961   1.00 20.36 ? 114  PHE X CE1 1 
ATOM   894  C CE2 . PHE A 1 114 ? 3.396   -8.518  8.602   1.00 18.52 ? 114  PHE X CE2 1 
ATOM   895  C CZ  . PHE A 1 114 ? 2.053   -8.265  8.292   1.00 19.91 ? 114  PHE X CZ  1 
ATOM   896  N N   . THR A 1 115 ? 4.385   -5.862  15.059  1.00 18.77 ? 115  THR X N   1 
ATOM   897  C CA  . THR A 1 115 ? 5.309   -5.493  16.142  1.00 18.84 ? 115  THR X CA  1 
ATOM   898  C C   . THR A 1 115 ? 6.668   -6.219  16.146  1.00 18.85 ? 115  THR X C   1 
ATOM   899  O O   . THR A 1 115 ? 7.727   -5.584  16.300  1.00 18.39 ? 115  THR X O   1 
ATOM   900  C CB  . THR A 1 115 ? 4.629   -5.669  17.520  1.00 19.70 ? 115  THR X CB  1 
ATOM   901  O OG1 . THR A 1 115 ? 3.345   -5.031  17.483  1.00 22.20 ? 115  THR X OG1 1 
ATOM   902  C CG2 . THR A 1 115 ? 5.486   -5.042  18.635  1.00 20.97 ? 115  THR X CG2 1 
ATOM   903  N N   . ASN A 1 116 ? 6.664   -7.547  15.975  1.00 17.21 ? 116  ASN X N   1 
ATOM   904  C CA  . ASN A 1 116 ? 7.922   -8.285  16.035  1.00 17.87 ? 116  ASN X CA  1 
ATOM   905  C C   . ASN A 1 116 ? 8.799   -8.037  14.797  1.00 16.35 ? 116  ASN X C   1 
ATOM   906  O O   . ASN A 1 116 ? 10.017  -7.919  14.911  1.00 17.27 ? 116  ASN X O   1 
ATOM   907  C CB  . ASN A 1 116 ? 7.666   -9.788  16.273  1.00 17.99 ? 116  ASN X CB  1 
ATOM   908  C CG  . ASN A 1 116 ? 6.969   -10.045 17.598  1.00 20.82 ? 116  ASN X CG  1 
ATOM   909  O OD1 . ASN A 1 116 ? 7.236   -9.356  18.601  1.00 22.80 ? 116  ASN X OD1 1 
ATOM   910  N ND2 . ASN A 1 116 ? 6.061   -11.013 17.615  1.00 20.66 ? 116  ASN X ND2 1 
ATOM   911  N N   . SER A 1 117 ? 8.167   -7.933  13.623  1.00 15.83 ? 117  SER X N   1 
ATOM   912  C CA  . SER A 1 117 ? 8.883   -7.575  12.383  1.00 15.52 ? 117  SER X CA  1 
ATOM   913  C C   . SER A 1 117 ? 9.484   -6.176  12.513  1.00 15.25 ? 117  SER X C   1 
ATOM   914  O O   . SER A 1 117 ? 10.636  -5.950  12.160  1.00 15.25 ? 117  SER X O   1 
ATOM   915  C CB  . SER A 1 117 ? 7.947   -7.591  11.165  1.00 15.93 ? 117  SER X CB  1 
ATOM   916  O OG  . SER A 1 117 ? 7.505   -8.903  10.840  1.00 20.43 ? 117  SER X OG  1 
ATOM   917  N N   . LEU A 1 118 ? 8.689   -5.238  13.023  1.00 14.67 ? 118  LEU X N   1 
ATOM   918  C CA  . LEU A 1 118 ? 9.164   -3.849  13.192  1.00 15.06 ? 118  LEU X CA  1 
ATOM   919  C C   . LEU A 1 118 ? 10.445  -3.796  14.031  1.00 14.70 ? 118  LEU X C   1 
ATOM   920  O O   . LEU A 1 118 ? 11.412  -3.100  13.676  1.00 14.57 ? 118  LEU X O   1 
ATOM   921  C CB  . LEU A 1 118 ? 8.088   -2.958  13.810  1.00 15.34 ? 118  LEU X CB  1 
ATOM   922  C CG  . LEU A 1 118 ? 6.895   -2.622  12.923  1.00 16.34 ? 118  LEU X CG  1 
ATOM   923  C CD1 . LEU A 1 118 ? 5.748   -2.028  13.759  1.00 16.95 ? 118  LEU X CD1 1 
ATOM   924  C CD2 . LEU A 1 118 ? 7.330   -1.681  11.794  1.00 17.75 ? 118  LEU X CD2 1 
ATOM   925  N N   . ARG A 1 119 ? 10.449  -4.546  15.134  1.00 15.14 ? 119  ARG X N   1 
ATOM   926  C CA  . ARG A 1 119 ? 11.618  -4.584  16.011  1.00 16.05 ? 119  ARG X CA  1 
ATOM   927  C C   . ARG A 1 119 ? 12.843  -5.115  15.262  1.00 15.41 ? 119  ARG X C   1 
ATOM   928  O O   . ARG A 1 119 ? 13.932  -4.521  15.325  1.00 14.65 ? 119  ARG X O   1 
ATOM   929  C CB  . ARG A 1 119 ? 11.339  -5.405  17.280  1.00 15.84 ? 119  ARG X CB  1 
ATOM   930  C CG  . ARG A 1 119 ? 12.557  -5.471  18.222  1.00 18.72 ? 119  ARG X CG  1 
ATOM   931  C CD  . ARG A 1 119 ? 12.312  -6.380  19.438  1.00 20.03 ? 119  ARG X CD  1 
ATOM   932  N NE  . ARG A 1 119 ? 11.072  -6.053  20.147  1.00 28.34 ? 119  ARG X NE  1 
ATOM   933  C CZ  . ARG A 1 119 ? 9.938   -6.761  20.127  0.50 29.37 ? 119  ARG X CZ  1 
ATOM   934  N NH1 . ARG A 1 119 ? 9.826   -7.895  19.428  1.00 31.17 ? 119  ARG X NH1 1 
ATOM   935  N NH2 . ARG A 1 119 ? 8.897   -6.328  20.831  1.00 30.22 ? 119  ARG X NH2 1 
ATOM   936  N N   . MET A 1 120 ? 12.672  -6.227  14.538  1.00 14.32 ? 120  MET X N   1 
ATOM   937  C CA  . MET A 1 120 ? 13.791  -6.812  13.785  1.00 14.81 ? 120  MET X CA  1 
ATOM   938  C C   . MET A 1 120 ? 14.308  -5.870  12.680  1.00 13.71 ? 120  MET X C   1 
ATOM   939  O O   . MET A 1 120 ? 15.509  -5.806  12.427  1.00 13.52 ? 120  MET X O   1 
ATOM   940  C CB  . MET A 1 120 ? 13.394  -8.159  13.187  1.00 15.04 ? 120  MET X CB  1 
ATOM   941  C CG  . MET A 1 120 ? 13.044  -9.212  14.236  1.00 16.11 ? 120  MET X CG  1 
ATOM   942  S SD  . MET A 1 120 ? 12.408  -10.664 13.357  1.00 17.05 ? 120  MET X SD  1 
ATOM   943  C CE  . MET A 1 120 ? 11.578  -11.510 14.695  1.00 18.74 ? 120  MET X CE  1 
ATOM   944  N N   . LEU A 1 121 ? 13.395  -5.141  12.050  1.00 12.93 ? 121  LEU X N   1 
ATOM   945  C CA  . LEU A 1 121 ? 13.766  -4.120  11.058  1.00 12.59 ? 121  LEU X CA  1 
ATOM   946  C C   . LEU A 1 121 ? 14.544  -2.978  11.720  1.00 12.89 ? 121  LEU X C   1 
ATOM   947  O O   . LEU A 1 121 ? 15.567  -2.568  11.181  1.00 12.94 ? 121  LEU X O   1 
ATOM   948  C CB  . LEU A 1 121 ? 12.534  -3.590  10.305  1.00 13.11 ? 121  LEU X CB  1 
ATOM   949  C CG  . LEU A 1 121 ? 11.841  -4.580  9.357   1.00 11.66 ? 121  LEU X CG  1 
ATOM   950  C CD1 . LEU A 1 121 ? 10.476  -4.006  8.878   1.00 13.96 ? 121  LEU X CD1 1 
ATOM   951  C CD2 . LEU A 1 121 ? 12.713  -4.914  8.150   1.00 13.19 ? 121  LEU X CD2 1 
ATOM   952  N N   . GLN A 1 122 ? 14.084  -2.498  12.888  1.00 13.48 ? 122  GLN X N   1 
ATOM   953  C CA  . GLN A 1 122 ? 14.854  -1.441  13.594  1.00 14.09 ? 122  GLN X CA  1 
ATOM   954  C C   . GLN A 1 122 ? 16.257  -1.938  14.007  1.00 14.03 ? 122  GLN X C   1 
ATOM   955  O O   . GLN A 1 122 ? 17.242  -1.167  13.985  1.00 14.53 ? 122  GLN X O   1 
ATOM   956  C CB  . GLN A 1 122 ? 14.104  -0.805  14.779  1.00 15.37 ? 122  GLN X CB  1 
ATOM   957  C CG  . GLN A 1 122 ? 14.884  0.449   15.249  1.00 18.70 ? 122  GLN X CG  1 
ATOM   958  C CD  . GLN A 1 122 ? 14.151  1.361   16.201  1.00 24.04 ? 122  GLN X CD  1 
ATOM   959  O OE1 . GLN A 1 122 ? 12.980  1.163   16.487  1.00 27.25 ? 122  GLN X OE1 1 
ATOM   960  N NE2 . GLN A 1 122 ? 14.856  2.390   16.699  1.00 26.74 ? 122  GLN X NE2 1 
ATOM   961  N N   . GLN A 1 123 ? 16.358  -3.225  14.332  1.00 13.37 ? 123  GLN X N   1 
ATOM   962  C CA  . GLN A 1 123 ? 17.650  -3.858  14.675  1.00 13.94 ? 123  GLN X CA  1 
ATOM   963  C C   . GLN A 1 123 ? 18.534  -4.154  13.463  1.00 13.89 ? 123  GLN X C   1 
ATOM   964  O O   . GLN A 1 123 ? 19.697  -4.572  13.612  1.00 13.11 ? 123  GLN X O   1 
ATOM   965  C CB  . GLN A 1 123 ? 17.395  -5.167  15.426  1.00 14.98 ? 123  GLN X CB  1 
ATOM   966  C CG  . GLN A 1 123 ? 16.726  -4.937  16.778  1.00 16.14 ? 123  GLN X CG  1 
ATOM   967  C CD  . GLN A 1 123 ? 16.307  -6.231  17.456  1.00 18.64 ? 123  GLN X CD  1 
ATOM   968  O OE1 . GLN A 1 123 ? 16.547  -6.417  18.663  1.00 23.68 ? 123  GLN X OE1 1 
ATOM   969  N NE2 . GLN A 1 123 ? 15.654  -7.117  16.708  1.00 16.47 ? 123  GLN X NE2 1 
ATOM   970  N N   . LYS A 1 124 ? 17.957  -4.000  12.267  1.00 12.90 ? 124  LYS X N   1 
ATOM   971  C CA  . LYS A 1 124 ? 18.635  -4.308  11.005  1.00 13.26 ? 124  LYS X CA  1 
ATOM   972  C C   . LYS A 1 124 ? 19.064  -5.797  10.921  1.00 13.73 ? 124  LYS X C   1 
ATOM   973  O O   . LYS A 1 124 ? 20.117  -6.136  10.369  1.00 13.94 ? 124  LYS X O   1 
ATOM   974  C CB  . LYS A 1 124 ? 19.822  -3.351  10.781  1.00 13.59 ? 124  LYS X CB  1 
ATOM   975  C CG  . LYS A 1 124 ? 19.407  -1.889  10.816  1.00 14.75 ? 124  LYS X CG  1 
ATOM   976  C CD  . LYS A 1 124 ? 20.479  -0.995  10.177  1.00 14.67 ? 124  LYS X CD  1 
ATOM   977  C CE  . LYS A 1 124 ? 20.083  0.476   10.225  1.00 16.00 ? 124  LYS X CE  1 
ATOM   978  N NZ  . LYS A 1 124 ? 18.938  0.764   9.323   1.00 13.83 ? 124  LYS X NZ  1 
ATOM   979  N N   . ARG A 1 125 ? 18.207  -6.671  11.457  1.00 12.37 ? 125  ARG X N   1 
ATOM   980  C CA  . ARG A 1 125 ? 18.355  -8.130  11.354  1.00 13.31 ? 125  ARG X CA  1 
ATOM   981  C C   . ARG A 1 125 ? 17.509  -8.552  10.153  1.00 12.88 ? 125  ARG X C   1 
ATOM   982  O O   . ARG A 1 125 ? 16.383  -9.035  10.298  1.00 12.78 ? 125  ARG X O   1 
ATOM   983  C CB  . ARG A 1 125 ? 17.893  -8.812  12.654  1.00 13.05 ? 125  ARG X CB  1 
ATOM   984  C CG  . ARG A 1 125 ? 18.679  -8.326  13.872  1.00 14.80 ? 125  ARG X CG  1 
ATOM   985  C CD  . ARG A 1 125 ? 18.265  -8.980  15.158  1.00 18.46 ? 125  ARG X CD  1 
ATOM   986  N NE  . ARG A 1 125 ? 19.063  -8.409  16.247  1.00 20.56 ? 125  ARG X NE  1 
ATOM   987  C CZ  . ARG A 1 125 ? 18.873  -8.667  17.537  1.00 22.85 ? 125  ARG X CZ  1 
ATOM   988  N NH1 . ARG A 1 125 ? 17.893  -9.476  17.921  1.00 23.44 ? 125  ARG X NH1 1 
ATOM   989  N NH2 . ARG A 1 125 ? 19.653  -8.092  18.449  1.00 25.67 ? 125  ARG X NH2 1 
ATOM   990  N N   . TRP A 1 126 ? 18.046  -8.303  8.959   1.00 13.09 ? 126  TRP X N   1 
ATOM   991  C CA  . TRP A 1 126 ? 17.210  -8.297  7.745   1.00 12.78 ? 126  TRP X CA  1 
ATOM   992  C C   . TRP A 1 126 ? 16.634  -9.664  7.393   1.00 12.93 ? 126  TRP X C   1 
ATOM   993  O O   . TRP A 1 126 ? 15.467  -9.778  7.010   1.00 13.08 ? 126  TRP X O   1 
ATOM   994  C CB  . TRP A 1 126 ? 18.013  -7.758  6.554   1.00 13.11 ? 126  TRP X CB  1 
ATOM   995  C CG  . TRP A 1 126 ? 18.597  -6.363  6.776   1.00 13.03 ? 126  TRP X CG  1 
ATOM   996  C CD1 . TRP A 1 126 ? 19.911  -5.999  6.624   1.00 13.23 ? 126  TRP X CD1 1 
ATOM   997  C CD2 . TRP A 1 126 ? 17.890  -5.165  7.154   1.00 13.06 ? 126  TRP X CD2 1 
ATOM   998  N NE1 . TRP A 1 126 ? 20.071  -4.653  6.884   1.00 12.23 ? 126  TRP X NE1 1 
ATOM   999  C CE2 . TRP A 1 126 ? 18.849  -4.115  7.207   1.00 13.73 ? 126  TRP X CE2 1 
ATOM   1000 C CE3 . TRP A 1 126 ? 16.544  -4.872  7.452   1.00 12.42 ? 126  TRP X CE3 1 
ATOM   1001 C CZ2 . TRP A 1 126 ? 18.505  -2.798  7.543   1.00 13.12 ? 126  TRP X CZ2 1 
ATOM   1002 C CZ3 . TRP A 1 126 ? 16.200  -3.567  7.810   1.00 12.87 ? 126  TRP X CZ3 1 
ATOM   1003 C CH2 . TRP A 1 126 ? 17.177  -2.538  7.831   1.00 13.90 ? 126  TRP X CH2 1 
ATOM   1004 N N   . ASP A 1 127 ? 17.441  -10.702 7.530   1.00 12.88 ? 127  ASP X N   1 
ATOM   1005 C CA  . ASP A 1 127 ? 16.969  -12.054 7.164   1.00 13.65 ? 127  ASP X CA  1 
ATOM   1006 C C   . ASP A 1 127 ? 15.889  -12.521 8.152   1.00 13.56 ? 127  ASP X C   1 
ATOM   1007 O O   . ASP A 1 127 ? 14.870  -13.105 7.767   1.00 13.97 ? 127  ASP X O   1 
ATOM   1008 C CB  . ASP A 1 127 ? 18.156  -13.029 7.119   1.00 14.02 ? 127  ASP X CB  1 
ATOM   1009 C CG  . ASP A 1 127 ? 18.933  -12.970 5.786   1.00 16.44 ? 127  ASP X CG  1 
ATOM   1010 O OD1 . ASP A 1 127 ? 18.947  -11.908 5.138   1.00 17.17 ? 127  ASP X OD1 1 
ATOM   1011 O OD2 . ASP A 1 127 ? 19.539  -14.003 5.381   1.00 19.53 ? 127  ASP X OD2 1 
ATOM   1012 N N   . GLU A 1 128 ? 16.109  -12.235 9.425   1.00 14.06 ? 128  GLU X N   1 
ATOM   1013 C CA  . GLU A 1 128 ? 15.141  -12.542 10.474  1.00 14.15 ? 128  GLU X CA  1 
ATOM   1014 C C   . GLU A 1 128 ? 13.825  -11.782 10.266  1.00 14.03 ? 128  GLU X C   1 
ATOM   1015 O O   . GLU A 1 128 ? 12.732  -12.371 10.379  1.00 13.82 ? 128  GLU X O   1 
ATOM   1016 C CB  . GLU A 1 128 ? 15.748  -12.201 11.834  1.00 15.11 ? 128  GLU X CB  1 
ATOM   1017 C CG  . GLU A 1 128 ? 16.889  -13.152 12.207  1.00 17.17 ? 128  GLU X CG  1 
ATOM   1018 C CD  . GLU A 1 128 ? 18.245  -12.774 11.583  1.00 22.13 ? 128  GLU X CD  1 
ATOM   1019 O OE1 . GLU A 1 128 ? 19.164  -13.631 11.670  1.00 25.42 ? 128  GLU X OE1 1 
ATOM   1020 O OE2 . GLU A 1 128 ? 18.398  -11.661 10.994  1.00 19.92 ? 128  GLU X OE2 1 
ATOM   1021 N N   . ALA A 1 129 ? 13.939  -10.488 9.973   1.00 13.39 ? 129  ALA X N   1 
ATOM   1022 C CA  . ALA A 1 129 ? 12.773  -9.667  9.633   1.00 13.20 ? 129  ALA X CA  1 
ATOM   1023 C C   . ALA A 1 129 ? 11.998  -10.324 8.497   1.00 12.97 ? 129  ALA X C   1 
ATOM   1024 O O   . ALA A 1 129 ? 10.761  -10.479 8.573   1.00 13.14 ? 129  ALA X O   1 
ATOM   1025 C CB  . ALA A 1 129 ? 13.195  -8.241  9.248   1.00 13.70 ? 129  ALA X CB  1 
ATOM   1026 N N   . ALA A 1 130 ? 12.730  -10.709 7.453   1.00 12.72 ? 130  ALA X N   1 
ATOM   1027 C CA  . ALA A 1 130 ? 12.141  -11.305 6.251   1.00 13.06 ? 130  ALA X CA  1 
ATOM   1028 C C   . ALA A 1 130 ? 11.349  -12.578 6.588   1.00 13.68 ? 130  ALA X C   1 
ATOM   1029 O O   . ALA A 1 130 ? 10.188  -12.736 6.176   1.00 12.61 ? 130  ALA X O   1 
ATOM   1030 C CB  . ALA A 1 130 ? 13.219  -11.587 5.216   1.00 13.19 ? 130  ALA X CB  1 
ATOM   1031 N N   . VAL A 1 131 ? 11.964  -13.471 7.363   1.00 13.25 ? 131  VAL X N   1 
ATOM   1032 C CA  . VAL A 1 131 ? 11.265  -14.674 7.835   1.00 13.52 ? 131  VAL X CA  1 
ATOM   1033 C C   . VAL A 1 131 ? 9.990   -14.327 8.641   1.00 13.25 ? 131  VAL X C   1 
ATOM   1034 O O   . VAL A 1 131 ? 8.912   -14.900 8.432   1.00 13.24 ? 131  VAL X O   1 
ATOM   1035 C CB  . VAL A 1 131 ? 12.231  -15.563 8.655   1.00 13.45 ? 131  VAL X CB  1 
ATOM   1036 C CG1 . VAL A 1 131 ? 11.469  -16.672 9.411   1.00 14.78 ? 131  VAL X CG1 1 
ATOM   1037 C CG2 . VAL A 1 131 ? 13.292  -16.155 7.725   1.00 14.50 ? 131  VAL X CG2 1 
ATOM   1038 N N   . ASN A 1 132 ? 10.103  -13.362 9.547   1.00 12.55 ? 132  ASN X N   1 
ATOM   1039 C CA  . ASN A 1 132 ? 8.964   -13.008 10.377  1.00 13.04 ? 132  ASN X CA  1 
ATOM   1040 C C   . ASN A 1 132 ? 7.807   -12.383 9.557   1.00 12.87 ? 132  ASN X C   1 
ATOM   1041 O O   . ASN A 1 132 ? 6.625   -12.671 9.804   1.00 13.21 ? 132  ASN X O   1 
ATOM   1042 C CB  . ASN A 1 132 ? 9.414   -12.079 11.491  1.00 13.88 ? 132  ASN X CB  1 
ATOM   1043 C CG  . ASN A 1 132 ? 8.341   -11.869 12.517  1.00 13.57 ? 132  ASN X CG  1 
ATOM   1044 O OD1 . ASN A 1 132 ? 7.617   -10.877 12.481  1.00 15.59 ? 132  ASN X OD1 1 
ATOM   1045 N ND2 . ASN A 1 132 ? 8.187   -12.842 13.413  1.00 15.07 ? 132  ASN X ND2 1 
ATOM   1046 N N   . LEU A 1 133 ? 8.159   -11.556 8.575   1.00 12.83 ? 133  LEU X N   1 
ATOM   1047 C CA  . LEU A 1 133 ? 7.164   -10.876 7.731   1.00 12.79 ? 133  LEU X CA  1 
ATOM   1048 C C   . LEU A 1 133 ? 6.275   -11.881 6.984   1.00 12.46 ? 133  LEU X C   1 
ATOM   1049 O O   . LEU A 1 133 ? 5.082   -11.617 6.770   1.00 13.55 ? 133  LEU X O   1 
ATOM   1050 C CB  . LEU A 1 133 ? 7.854   -9.953  6.716   1.00 12.45 ? 133  LEU X CB  1 
ATOM   1051 C CG  . LEU A 1 133 ? 8.313   -8.605  7.323   1.00 11.39 ? 133  LEU X CG  1 
ATOM   1052 C CD1 . LEU A 1 133 ? 9.347   -7.991  6.409   1.00 11.41 ? 133  LEU X CD1 1 
ATOM   1053 C CD2 . LEU A 1 133 ? 7.141   -7.637  7.589   1.00 11.84 ? 133  LEU X CD2 1 
ATOM   1054 N N   . ALA A 1 134 ? 6.856   -13.022 6.607   1.00 12.81 ? 134  ALA X N   1 
ATOM   1055 C CA  . ALA A 1 134 ? 6.125   -14.026 5.806   1.00 13.44 ? 134  ALA X CA  1 
ATOM   1056 C C   . ALA A 1 134 ? 5.148   -14.868 6.631   1.00 13.77 ? 134  ALA X C   1 
ATOM   1057 O O   . ALA A 1 134 ? 4.297   -15.582 6.066   1.00 14.34 ? 134  ALA X O   1 
ATOM   1058 C CB  . ALA A 1 134 ? 7.086   -14.927 5.043   1.00 13.68 ? 134  ALA X CB  1 
ATOM   1059 N N   . LYS A 1 135 ? 5.277   -14.796 7.959   1.00 13.31 ? 135  LYS X N   1 
ATOM   1060 C CA  . LYS A 1 135 ? 4.385   -15.507 8.877   1.00 13.03 ? 135  LYS X CA  1 
ATOM   1061 C C   . LYS A 1 135 ? 3.125   -14.675 9.146   1.00 12.69 ? 135  LYS X C   1 
ATOM   1062 O O   . LYS A 1 135 ? 2.884   -14.193 10.257  1.00 13.35 ? 135  LYS X O   1 
ATOM   1063 C CB  . LYS A 1 135 ? 5.117   -15.838 10.183  1.00 12.83 ? 135  LYS X CB  1 
ATOM   1064 C CG  . LYS A 1 135 ? 6.238   -16.852 9.996   1.00 15.77 ? 135  LYS X CG  1 
ATOM   1065 C CD  . LYS A 1 135 ? 6.947   -17.116 11.314  1.00 20.11 ? 135  LYS X CD  1 
ATOM   1066 C CE  . LYS A 1 135 ? 8.171   -18.031 11.126  1.00 23.06 ? 135  LYS X CE  1 
ATOM   1067 N NZ  . LYS A 1 135 ? 8.954   -18.185 12.418  1.00 24.58 ? 135  LYS X NZ  1 
ATOM   1068 N N   . SER A 1 136 ? 2.338   -14.458 8.098   1.00 12.16 ? 136  SER X N   1 
ATOM   1069 C CA  . SER A 1 136 ? 1.278   -13.459 8.166   1.00 12.03 ? 136  SER X CA  1 
ATOM   1070 C C   . SER A 1 136 ? 0.122   -13.787 7.219   1.00 12.05 ? 136  SER X C   1 
ATOM   1071 O O   . SER A 1 136 ? 0.319   -14.421 6.167   1.00 11.16 ? 136  SER X O   1 
ATOM   1072 C CB  . SER A 1 136 ? 1.853   -12.072 7.825   1.00 11.83 ? 136  SER X CB  1 
ATOM   1073 O OG  . SER A 1 136 ? 2.349   -12.038 6.477   1.00 12.12 ? 136  SER X OG  1 
ATOM   1074 N N   . ARG A 1 137 ? -1.079  -13.346 7.598   1.00 12.70 ? 137  ARG X N   1 
ATOM   1075 C CA  . ARG A 1 137 ? -2.203  -13.376 6.670   1.00 12.69 ? 137  ARG X CA  1 
ATOM   1076 C C   . ARG A 1 137 ? -1.811  -12.675 5.365   1.00 12.67 ? 137  ARG X C   1 
ATOM   1077 O O   . ARG A 1 137 ? -2.056  -13.180 4.271   1.00 11.75 ? 137  ARG X O   1 
ATOM   1078 C CB  . ARG A 1 137 ? -3.459  -12.734 7.280   1.00 13.18 ? 137  ARG X CB  1 
ATOM   1079 C CG  . ARG A 1 137 ? -4.652  -12.800 6.299   1.00 13.43 ? 137  ARG X CG  1 
ATOM   1080 C CD  . ARG A 1 137 ? -5.898  -12.093 6.780   1.00 15.42 ? 137  ARG X CD  1 
ATOM   1081 N NE  . ARG A 1 137 ? -6.977  -12.314 5.812   1.00 17.82 ? 137  ARG X NE  1 
ATOM   1082 C CZ  . ARG A 1 137 ? -7.176  -11.549 4.740   1.00 20.11 ? 137  ARG X CZ  1 
ATOM   1083 N NH1 . ARG A 1 137 ? -6.384  -10.507 4.505   1.00 18.72 ? 137  ARG X NH1 1 
ATOM   1084 N NH2 . ARG A 1 137 ? -8.176  -11.821 3.898   1.00 19.26 ? 137  ARG X NH2 1 
ATOM   1085 N N   . TRP A 1 138 ? -1.158  -11.517 5.489   1.00 11.77 ? 138  TRP X N   1 
ATOM   1086 C CA  . TRP A 1 138 ? -0.743  -10.733 4.313   1.00 12.55 ? 138  TRP X CA  1 
ATOM   1087 C C   . TRP A 1 138 ? -0.010  -11.597 3.285   1.00 12.60 ? 138  TRP X C   1 
ATOM   1088 O O   . TRP A 1 138 ? -0.378  -11.623 2.102   1.00 12.71 ? 138  TRP X O   1 
ATOM   1089 C CB  . TRP A 1 138 ? 0.170   -9.621  4.803   1.00 12.51 ? 138  TRP X CB  1 
ATOM   1090 C CG  . TRP A 1 138 ? 0.899   -8.828  3.747   1.00 12.87 ? 138  TRP X CG  1 
ATOM   1091 C CD1 . TRP A 1 138 ? 0.351   -8.098  2.723   1.00 12.94 ? 138  TRP X CD1 1 
ATOM   1092 C CD2 . TRP A 1 138 ? 2.324   -8.630  3.672   1.00 11.93 ? 138  TRP X CD2 1 
ATOM   1093 N NE1 . TRP A 1 138 ? 1.355   -7.481  1.988   1.00 13.05 ? 138  TRP X NE1 1 
ATOM   1094 C CE2 . TRP A 1 138 ? 2.572   -7.781  2.556   1.00 13.11 ? 138  TRP X CE2 1 
ATOM   1095 C CE3 . TRP A 1 138 ? 3.414   -9.099  4.434   1.00 12.94 ? 138  TRP X CE3 1 
ATOM   1096 C CZ2 . TRP A 1 138 ? 3.868   -7.366  2.194   1.00 13.07 ? 138  TRP X CZ2 1 
ATOM   1097 C CZ3 . TRP A 1 138 ? 4.709   -8.698  4.075   1.00 12.90 ? 138  TRP X CZ3 1 
ATOM   1098 C CH2 . TRP A 1 138 ? 4.924   -7.835  2.951   1.00 13.99 ? 138  TRP X CH2 1 
ATOM   1099 N N   . TYR A 1 139 ? 1.027   -12.300 3.740   1.00 12.30 ? 139  TYR X N   1 
ATOM   1100 C CA  . TYR A 1 139 ? 1.839   -13.136 2.864   1.00 13.37 ? 139  TYR X CA  1 
ATOM   1101 C C   . TYR A 1 139 ? 0.970   -14.220 2.214   1.00 12.76 ? 139  TYR X C   1 
ATOM   1102 O O   . TYR A 1 139 ? 1.019   -14.440 0.998   1.00 12.93 ? 139  TYR X O   1 
ATOM   1103 C CB  . TYR A 1 139 ? 2.997   -13.778 3.653   1.00 14.92 ? 139  TYR X CB  1 
ATOM   1104 C CG  . TYR A 1 139 ? 3.855   -14.659 2.772   1.00 16.94 ? 139  TYR X CG  1 
ATOM   1105 C CD1 . TYR A 1 139 ? 4.948   -14.132 2.100   1.00 17.12 ? 139  TYR X CD1 1 
ATOM   1106 C CD2 . TYR A 1 139 ? 3.537   -16.013 2.579   1.00 19.42 ? 139  TYR X CD2 1 
ATOM   1107 C CE1 . TYR A 1 139 ? 5.725   -14.920 1.278   1.00 19.94 ? 139  TYR X CE1 1 
ATOM   1108 C CE2 . TYR A 1 139 ? 4.310   -16.816 1.737   1.00 21.69 ? 139  TYR X CE2 1 
ATOM   1109 C CZ  . TYR A 1 139 ? 5.405   -16.253 1.087   1.00 21.18 ? 139  TYR X CZ  1 
ATOM   1110 O OH  . TYR A 1 139 ? 6.203   -17.026 0.241   1.00 24.45 ? 139  TYR X OH  1 
ATOM   1111 N N   . ASN A 1 140 ? 0.170   -14.890 3.026   1.00 12.29 ? 140  ASN X N   1 
ATOM   1112 C CA  . ASN A 1 140 ? -0.679  -15.971 2.502   1.00 12.53 ? 140  ASN X CA  1 
ATOM   1113 C C   . ASN A 1 140 ? -1.699  -15.534 1.457   1.00 12.61 ? 140  ASN X C   1 
ATOM   1114 O O   . ASN A 1 140 ? -1.946  -16.256 0.491   1.00 13.10 ? 140  ASN X O   1 
ATOM   1115 C CB  . ASN A 1 140 ? -1.333  -16.734 3.647   1.00 12.98 ? 140  ASN X CB  1 
ATOM   1116 C CG  . ASN A 1 140 ? -0.334  -17.644 4.360   1.00 14.93 ? 140  ASN X CG  1 
ATOM   1117 O OD1 . ASN A 1 140 ? 0.216   -17.296 5.416   1.00 16.69 ? 140  ASN X OD1 1 
ATOM   1118 N ND2 . ASN A 1 140 ? -0.122  -18.822 3.798   1.00 15.04 ? 140  ASN X ND2 1 
ATOM   1119 N N   . GLN A 1 141 ? -2.253  -14.339 1.622   1.00 12.46 ? 141  GLN X N   1 
ATOM   1120 C CA  . GLN A 1 141 ? -3.328  -13.874 0.735   1.00 12.26 ? 141  GLN X CA  1 
ATOM   1121 C C   . GLN A 1 141 ? -2.782  -13.206 -0.534  1.00 12.72 ? 141  GLN X C   1 
ATOM   1122 O O   . GLN A 1 141 ? -3.427  -13.251 -1.595  1.00 13.48 ? 141  GLN X O   1 
ATOM   1123 C CB  . GLN A 1 141 ? -4.280  -12.934 1.486   1.00 12.37 ? 141  GLN X CB  1 
ATOM   1124 C CG  . GLN A 1 141 ? -4.986  -13.558 2.721   1.00 12.34 ? 141  GLN X CG  1 
ATOM   1125 C CD  . GLN A 1 141 ? -5.784  -14.841 2.435   1.00 13.15 ? 141  GLN X CD  1 
ATOM   1126 O OE1 . GLN A 1 141 ? -5.692  -15.816 3.188   1.00 14.10 ? 141  GLN X OE1 1 
ATOM   1127 N NE2 . GLN A 1 141 ? -6.585  -14.835 1.363   1.00 11.40 ? 141  GLN X NE2 1 
ATOM   1128 N N   . THR A 1 142 ? -1.609  -12.573 -0.421  1.00 12.07 ? 142  THR X N   1 
ATOM   1129 C CA  . THR A 1 142 ? -0.954  -11.931 -1.584  1.00 11.99 ? 142  THR X CA  1 
ATOM   1130 C C   . THR A 1 142 ? 0.522   -12.301 -1.593  1.00 11.96 ? 142  THR X C   1 
ATOM   1131 O O   . THR A 1 142 ? 1.392   -11.430 -1.382  1.00 12.64 ? 142  THR X O   1 
ATOM   1132 C CB  . THR A 1 142 ? -1.122  -10.367 -1.618  1.00 12.30 ? 142  THR X CB  1 
ATOM   1133 O OG1 . THR A 1 142 ? -0.720  -9.788  -0.360  1.00 12.82 ? 142  THR X OG1 1 
ATOM   1134 C CG2 . THR A 1 142 ? -2.567  -9.989  -1.923  1.00 11.74 ? 142  THR X CG2 1 
ATOM   1135 N N   . PRO A 1 143 ? 0.824   -13.592 -1.842  1.00 12.40 ? 143  PRO X N   1 
ATOM   1136 C CA  . PRO A 1 143 ? 2.207   -14.052 -1.693  1.00 12.18 ? 143  PRO X CA  1 
ATOM   1137 C C   . PRO A 1 143 ? 3.176   -13.412 -2.685  1.00 12.61 ? 143  PRO X C   1 
ATOM   1138 O O   . PRO A 1 143 ? 4.320   -13.113 -2.327  1.00 12.68 ? 143  PRO X O   1 
ATOM   1139 C CB  . PRO A 1 143 ? 2.094   -15.582 -1.901  1.00 12.91 ? 143  PRO X CB  1 
ATOM   1140 C CG  . PRO A 1 143 ? 0.826   -15.766 -2.705  1.00 12.60 ? 143  PRO X CG  1 
ATOM   1141 C CD  . PRO A 1 143 ? -0.099  -14.698 -2.183  1.00 12.57 ? 143  PRO X CD  1 
ATOM   1142 N N   . ASN A 1 144 ? 2.751   -13.209 -3.926  1.00 12.48 ? 144  ASN X N   1 
ATOM   1143 C CA  . ASN A 1 144 ? 3.688   -12.699 -4.919  1.00 13.32 ? 144  ASN X CA  1 
ATOM   1144 C C   . ASN A 1 144 ? 4.094   -11.246 -4.604  1.00 12.59 ? 144  ASN X C   1 
ATOM   1145 O O   . ASN A 1 144 ? 5.285   -10.921 -4.603  1.00 12.24 ? 144  ASN X O   1 
ATOM   1146 C CB  . ASN A 1 144 ? 3.162   -12.915 -6.333  1.00 14.21 ? 144  ASN X CB  1 
ATOM   1147 C CG  . ASN A 1 144 ? 3.234   -14.379 -6.744  1.00 17.49 ? 144  ASN X CG  1 
ATOM   1148 O OD1 . ASN A 1 144 ? 3.819   -15.208 -6.026  1.00 22.02 ? 144  ASN X OD1 1 
ATOM   1149 N ND2 . ASN A 1 144 ? 2.708   -14.695 -7.919  1.00 21.94 ? 144  ASN X ND2 1 
ATOM   1150 N N   . ARG A 1 145 ? 3.112   -10.416 -4.263  1.00 11.83 ? 145  ARG X N   1 
ATOM   1151 C CA  . ARG A 1 145 ? 3.399   -9.043  -3.842  1.00 12.59 ? 145  ARG X CA  1 
ATOM   1152 C C   . ARG A 1 145 ? 4.202   -9.032  -2.548  1.00 12.74 ? 145  ARG X C   1 
ATOM   1153 O O   . ARG A 1 145 ? 5.196   -8.308  -2.435  1.00 11.77 ? 145  ARG X O   1 
ATOM   1154 C CB  . ARG A 1 145 ? 2.120   -8.215  -3.686  1.00 13.55 ? 145  ARG X CB  1 
ATOM   1155 C CG  . ARG A 1 145 ? 2.458   -6.779  -3.234  1.00 15.68 ? 145  ARG X CG  1 
ATOM   1156 C CD  . ARG A 1 145 ? 1.272   -6.093  -2.725  1.00 17.91 ? 145  ARG X CD  1 
ATOM   1157 N NE  . ARG A 1 145 ? 1.489   -4.664  -2.482  1.00 13.18 ? 145  ARG X NE  1 
ATOM   1158 C CZ  . ARG A 1 145 ? 0.489   -3.800  -2.602  1.00 13.75 ? 145  ARG X CZ  1 
ATOM   1159 N NH1 . ARG A 1 145 ? -0.704  -4.259  -2.981  1.00 15.01 ? 145  ARG X NH1 1 
ATOM   1160 N NH2 . ARG A 1 145 ? 0.663   -2.504  -2.382  1.00 13.00 ? 145  ARG X NH2 1 
ATOM   1161 N N   . ALA A 1 146 ? 3.789   -9.842  -1.578  1.00 12.30 ? 146  ALA X N   1 
ATOM   1162 C CA  . ALA A 1 146 ? 4.504   -9.904  -0.284  1.00 12.92 ? 146  ALA X CA  1 
ATOM   1163 C C   . ALA A 1 146 ? 5.976   -10.301 -0.474  1.00 12.78 ? 146  ALA X C   1 
ATOM   1164 O O   . ALA A 1 146 ? 6.868   -9.709  0.158   1.00 12.90 ? 146  ALA X O   1 
ATOM   1165 C CB  . ALA A 1 146 ? 3.794   -10.837 0.679   1.00 13.77 ? 146  ALA X CB  1 
ATOM   1166 N N   . LYS A 1 147 ? 6.233   -11.285 -1.338  1.00 12.41 ? 147  LYS X N   1 
ATOM   1167 C CA  . LYS A 1 147 ? 7.624   -11.697 -1.622  1.00 13.14 ? 147  LYS X CA  1 
ATOM   1168 C C   . LYS A 1 147 ? 8.444   -10.519 -2.165  1.00 12.68 ? 147  LYS X C   1 
ATOM   1169 O O   . LYS A 1 147 ? 9.621   -10.373 -1.829  1.00 12.31 ? 147  LYS X O   1 
ATOM   1170 C CB  . LYS A 1 147 ? 7.664   -12.864 -2.619  1.00 13.14 ? 147  LYS X CB  1 
ATOM   1171 C CG  . LYS A 1 147 ? 7.183   -14.198 -2.030  1.00 14.19 ? 147  LYS X CG  1 
ATOM   1172 C CD  . LYS A 1 147 ? 7.178   -15.280 -3.102  1.00 15.07 ? 147  LYS X CD  1 
ATOM   1173 N N   . ARG A 1 148 ? 7.834   -9.693  -3.022  1.00 12.10 ? 148  ARG X N   1 
ATOM   1174 C CA  . ARG A 1 148 ? 8.556   -8.536  -3.593  1.00 11.32 ? 148  ARG X CA  1 
ATOM   1175 C C   . ARG A 1 148 ? 8.892   -7.540  -2.490  1.00 11.53 ? 148  ARG X C   1 
ATOM   1176 O O   . ARG A 1 148 ? 10.022  -7.057  -2.387  1.00 11.26 ? 148  ARG X O   1 
ATOM   1177 C CB  . ARG A 1 148 ? 7.767   -7.841  -4.709  1.00 11.26 ? 148  ARG X CB  1 
ATOM   1178 C CG  . ARG A 1 148 ? 7.722   -8.636  -6.013  1.00 11.95 ? 148  ARG X CG  1 
ATOM   1179 C CD  . ARG A 1 148 ? 7.164   -7.768  -7.172  1.00 10.92 ? 148  ARG X CD  1 
ATOM   1180 N NE  . ARG A 1 148 ? 5.745   -7.436  -7.021  1.00 12.05 ? 148  ARG X NE  1 
ATOM   1181 C CZ  . ARG A 1 148 ? 4.730   -8.228  -7.373  1.00 15.02 ? 148  ARG X CZ  1 
ATOM   1182 N NH1 . ARG A 1 148 ? 4.951   -9.435  -7.914  1.00 15.40 ? 148  ARG X NH1 1 
ATOM   1183 N NH2 . ARG A 1 148 ? 3.480   -7.804  -7.186  1.00 14.25 ? 148  ARG X NH2 1 
ATOM   1184 N N   . VAL A 1 149 ? 7.901   -7.241  -1.654  1.00 11.77 ? 149  VAL X N   1 
ATOM   1185 C CA  . VAL A 1 149 ? 8.089   -6.257  -0.593  1.00 11.67 ? 149  VAL X CA  1 
ATOM   1186 C C   . VAL A 1 149 ? 9.105   -6.779  0.428   1.00 12.13 ? 149  VAL X C   1 
ATOM   1187 O O   . VAL A 1 149 ? 10.004  -6.035  0.866   1.00 12.01 ? 149  VAL X O   1 
ATOM   1188 C CB  . VAL A 1 149 ? 6.739   -5.909  0.071   1.00 11.38 ? 149  VAL X CB  1 
ATOM   1189 C CG1 . VAL A 1 149 ? 6.963   -4.994  1.294   1.00 12.38 ? 149  VAL X CG1 1 
ATOM   1190 C CG2 . VAL A 1 149 ? 5.828   -5.214  -0.953  1.00 12.26 ? 149  VAL X CG2 1 
ATOM   1191 N N   . ILE A 1 150 ? 8.975   -8.058  0.794   1.00 12.01 ? 150  ILE X N   1 
ATOM   1192 C CA  . ILE A 1 150 ? 9.929   -8.687  1.721   1.00 12.71 ? 150  ILE X CA  1 
ATOM   1193 C C   . ILE A 1 150 ? 11.375  -8.662  1.184   1.00 12.86 ? 150  ILE X C   1 
ATOM   1194 O O   . ILE A 1 150 ? 12.300  -8.342  1.930   1.00 13.22 ? 150  ILE X O   1 
ATOM   1195 C CB  . ILE A 1 150 ? 9.481   -10.115 2.112   1.00 12.48 ? 150  ILE X CB  1 
ATOM   1196 C CG1 . ILE A 1 150 ? 8.192   -10.016 2.955   1.00 11.22 ? 150  ILE X CG1 1 
ATOM   1197 C CG2 . ILE A 1 150 ? 10.641  -10.867 2.818   1.00 11.58 ? 150  ILE X CG2 1 
ATOM   1198 C CD1 . ILE A 1 150 ? 7.457   -11.359 3.255   1.00 14.20 ? 150  ILE X CD1 1 
ATOM   1199 N N   . THR A 1 151 ? 11.562  -9.001  -0.099  1.00 12.58 ? 151  THR X N   1 
ATOM   1200 C CA  . THR A 1 151 ? 12.895  -8.963  -0.723  1.00 13.62 ? 151  THR X CA  1 
ATOM   1201 C C   . THR A 1 151 ? 13.508  -7.548  -0.617  1.00 13.68 ? 151  THR X C   1 
ATOM   1202 O O   . THR A 1 151 ? 14.713  -7.389  -0.369  1.00 13.38 ? 151  THR X O   1 
ATOM   1203 C CB  . THR A 1 151 ? 12.825  -9.443  -2.184  1.00 13.71 ? 151  THR X CB  1 
ATOM   1204 O OG1 . THR A 1 151 ? 12.652  -10.863 -2.180  1.00 15.36 ? 151  THR X OG1 1 
ATOM   1205 C CG2 . THR A 1 151 ? 14.104  -9.068  -2.982  1.00 15.36 ? 151  THR X CG2 1 
ATOM   1206 N N   . THR A 1 152 ? 12.659  -6.543  -0.809  1.00 12.36 ? 152  THR X N   1 
ATOM   1207 C CA  . THR A 1 152 ? 13.062  -5.145  -0.688  1.00 13.23 ? 152  THR X CA  1 
ATOM   1208 C C   . THR A 1 152 ? 13.528  -4.825  0.743   1.00 12.75 ? 152  THR X C   1 
ATOM   1209 O O   . THR A 1 152 ? 14.599  -4.226  0.924   1.00 13.17 ? 152  THR X O   1 
ATOM   1210 C CB  . THR A 1 152 ? 11.943  -4.164  -1.164  1.00 12.92 ? 152  THR X CB  1 
ATOM   1211 O OG1 . THR A 1 152 ? 11.441  -4.580  -2.447  1.00 12.91 ? 152  THR X OG1 1 
ATOM   1212 C CG2 . THR A 1 152 ? 12.494  -2.724  -1.266  1.00 13.03 ? 152  THR X CG2 1 
ATOM   1213 N N   . PHE A 1 153 ? 12.761  -5.249  1.750   1.00 12.96 ? 153  PHE X N   1 
ATOM   1214 C CA  . PHE A 1 153 ? 13.210  -5.122  3.155   1.00 12.97 ? 153  PHE X CA  1 
ATOM   1215 C C   . PHE A 1 153 ? 14.485  -5.931  3.448   1.00 13.40 ? 153  PHE X C   1 
ATOM   1216 O O   . PHE A 1 153 ? 15.346  -5.499  4.235   1.00 14.48 ? 153  PHE X O   1 
ATOM   1217 C CB  . PHE A 1 153 ? 12.133  -5.592  4.132   1.00 12.91 ? 153  PHE X CB  1 
ATOM   1218 C CG  . PHE A 1 153 ? 11.114  -4.546  4.512   1.00 13.18 ? 153  PHE X CG  1 
ATOM   1219 C CD1 . PHE A 1 153 ? 11.505  -3.311  5.066   1.00 12.90 ? 153  PHE X CD1 1 
ATOM   1220 C CD2 . PHE A 1 153 ? 9.749   -4.821  4.389   1.00 13.33 ? 153  PHE X CD2 1 
ATOM   1221 C CE1 . PHE A 1 153 ? 10.560  -2.370  5.464   1.00 13.55 ? 153  PHE X CE1 1 
ATOM   1222 C CE2 . PHE A 1 153 ? 8.790   -3.868  4.800   1.00 14.49 ? 153  PHE X CE2 1 
ATOM   1223 C CZ  . PHE A 1 153 ? 9.196   -2.646  5.319   1.00 14.69 ? 153  PHE X CZ  1 
ATOM   1224 N N   . ARG A 1 154 ? 14.557  -7.129  2.889   1.00 13.16 ? 154  ARG X N   1 
ATOM   1225 C CA  A ARG A 1 154 ? 15.701  -7.969  3.150   0.50 13.08 ? 154  ARG X CA  1 
ATOM   1226 C CA  B ARG A 1 154 ? 15.701  -7.966  3.151   0.50 13.25 ? 154  ARG X CA  1 
ATOM   1227 C C   . ARG A 1 154 ? 17.018  -7.414  2.622   1.00 13.25 ? 154  ARG X C   1 
ATOM   1228 O O   . ARG A 1 154 ? 17.997  -7.489  3.303   1.00 13.33 ? 154  ARG X O   1 
ATOM   1229 C CB  A ARG A 1 154 ? 15.511  -9.402  2.692   0.50 12.65 ? 154  ARG X CB  1 
ATOM   1230 C CB  B ARG A 1 154 ? 15.506  -9.394  2.688   0.50 12.61 ? 154  ARG X CB  1 
ATOM   1231 C CG  A ARG A 1 154 ? 16.602  -10.385 3.040   0.50 11.69 ? 154  ARG X CG  1 
ATOM   1232 C CG  B ARG A 1 154 ? 16.571  -10.391 3.050   0.50 13.27 ? 154  ARG X CG  1 
ATOM   1233 C CD  A ARG A 1 154 ? 16.344  -11.840 2.425   0.50 13.93 ? 154  ARG X CD  1 
ATOM   1234 C CD  B ARG A 1 154 ? 16.226  -11.841 2.478   0.50 14.06 ? 154  ARG X CD  1 
ATOM   1235 N NE  A ARG A 1 154 ? 16.293  -11.950 0.978   0.50 14.37 ? 154  ARG X NE  1 
ATOM   1236 N NE  B ARG A 1 154 ? 16.046  -11.931 1.043   0.50 16.71 ? 154  ARG X NE  1 
ATOM   1237 C CZ  A ARG A 1 154 ? 17.349  -11.964 0.138   0.00 25.08 ? 154  ARG X CZ  1 
ATOM   1238 C CZ  B ARG A 1 154 ? 14.872  -12.120 0.385   1.00 22.48 ? 154  ARG X CZ  1 
ATOM   1239 N NH1 A ARG A 1 154 ? 18.593  -11.890 0.585   0.50 19.92 ? 154  ARG X NH1 1 
ATOM   1240 N NH1 B ARG A 1 154 ? 13.656  -12.315 0.990   0.50 15.68 ? 154  ARG X NH1 1 
ATOM   1241 N NH2 A ARG A 1 154 ? 17.166  -12.030 -1.186  0.50 16.29 ? 154  ARG X NH2 1 
ATOM   1242 N NH2 B ARG A 1 154 ? 14.910  -12.148 -0.940  0.50 19.61 ? 154  ARG X NH2 1 
ATOM   1243 N N   . THR A 1 155 ? 16.963  -6.890  1.405   1.00 13.18 ? 155  THR X N   1 
ATOM   1244 C CA  . THR A 1 155 ? 18.167  -6.499  0.637   1.00 13.91 ? 155  THR X CA  1 
ATOM   1245 C C   . THR A 1 155 ? 18.480  -5.005  0.551   1.00 13.67 ? 155  THR X C   1 
ATOM   1246 O O   . THR A 1 155 ? 19.632  -4.633  0.267   1.00 13.95 ? 155  THR X O   1 
ATOM   1247 C CB  . THR A 1 155 ? 18.102  -7.025  -0.821  1.00 14.30 ? 155  THR X CB  1 
ATOM   1248 O OG1 . THR A 1 155 ? 17.040  -6.369  -1.526  1.00 14.30 ? 155  THR X OG1 1 
ATOM   1249 C CG2 . THR A 1 155 ? 17.899  -8.544  -0.839  1.00 14.82 ? 155  THR X CG2 1 
ATOM   1250 N N   . GLY A 1 156 ? 17.462  -4.161  0.732   1.00 12.79 ? 156  GLY X N   1 
ATOM   1251 C CA  . GLY A 1 156 ? 17.616  -2.724  0.540   1.00 14.19 ? 156  GLY X CA  1 
ATOM   1252 C C   . GLY A 1 156 ? 17.938  -2.410  -0.922  1.00 14.02 ? 156  GLY X C   1 
ATOM   1253 O O   . GLY A 1 156 ? 18.561  -1.386  -1.226  1.00 15.22 ? 156  GLY X O   1 
ATOM   1254 N N   . THR A 1 157 ? 17.550  -3.320  -1.820  1.00 13.77 ? 157  THR X N   1 
ATOM   1255 C CA  . THR A 1 157 ? 17.684  -3.118  -3.266  1.00 13.84 ? 157  THR X CA  1 
ATOM   1256 C C   . THR A 1 157 ? 16.317  -3.212  -3.947  1.00 13.48 ? 157  THR X C   1 
ATOM   1257 O O   . THR A 1 157 ? 15.334  -3.650  -3.352  1.00 13.62 ? 157  THR X O   1 
ATOM   1258 C CB  . THR A 1 157 ? 18.598  -4.171  -3.964  1.00 14.27 ? 157  THR X CB  1 
ATOM   1259 O OG1 . THR A 1 157 ? 17.911  -5.425  -4.067  1.00 14.97 ? 157  THR X OG1 1 
ATOM   1260 C CG2 . THR A 1 157 ? 19.923  -4.350  -3.206  1.00 15.06 ? 157  THR X CG2 1 
ATOM   1261 N N   . TRP A 1 158 ? 16.292  -2.829  -5.213  1.00 13.44 ? 158  TRP X N   1 
ATOM   1262 C CA  . TRP A 1 158 ? 15.088  -2.903  -6.037  1.00 14.57 ? 158  TRP X CA  1 
ATOM   1263 C C   . TRP A 1 158 ? 15.022  -4.181  -6.898  1.00 14.76 ? 158  TRP X C   1 
ATOM   1264 O O   . TRP A 1 158 ? 14.272  -4.236  -7.881  1.00 14.94 ? 158  TRP X O   1 
ATOM   1265 C CB  . TRP A 1 158 ? 15.053  -1.661  -6.933  1.00 14.92 ? 158  TRP X CB  1 
ATOM   1266 C CG  . TRP A 1 158 ? 14.743  -0.394  -6.202  1.00 15.06 ? 158  TRP X CG  1 
ATOM   1267 C CD1 . TRP A 1 158 ? 15.581  0.675   -6.033  1.00 15.47 ? 158  TRP X CD1 1 
ATOM   1268 C CD2 . TRP A 1 158 ? 13.512  -0.052  -5.539  1.00 15.20 ? 158  TRP X CD2 1 
ATOM   1269 N NE1 . TRP A 1 158 ? 14.947  1.664   -5.317  1.00 16.92 ? 158  TRP X NE1 1 
ATOM   1270 C CE2 . TRP A 1 158 ? 13.675  1.249   -5.005  1.00 14.86 ? 158  TRP X CE2 1 
ATOM   1271 C CE3 . TRP A 1 158 ? 12.279  -0.716  -5.355  1.00 14.85 ? 158  TRP X CE3 1 
ATOM   1272 C CZ2 . TRP A 1 158 ? 12.648  1.911   -4.297  1.00 16.62 ? 158  TRP X CZ2 1 
ATOM   1273 C CZ3 . TRP A 1 158 ? 11.252  -0.051  -4.645  1.00 16.58 ? 158  TRP X CZ3 1 
ATOM   1274 C CH2 . TRP A 1 158 ? 11.454  1.243   -4.124  1.00 15.52 ? 158  TRP X CH2 1 
ATOM   1275 N N   . ASP A 1 159 ? 15.791  -5.203  -6.508  1.00 14.73 ? 159  ASP X N   1 
ATOM   1276 C CA  . ASP A 1 159 ? 15.943  -6.433  -7.313  1.00 15.72 ? 159  ASP X CA  1 
ATOM   1277 C C   . ASP A 1 159 ? 14.602  -7.112  -7.652  1.00 15.83 ? 159  ASP X C   1 
ATOM   1278 O O   . ASP A 1 159 ? 14.418  -7.623  -8.774  1.00 16.23 ? 159  ASP X O   1 
ATOM   1279 C CB  . ASP A 1 159 ? 16.909  -7.403  -6.627  1.00 16.59 ? 159  ASP X CB  1 
ATOM   1280 C CG  . ASP A 1 159 ? 18.380  -6.948  -6.740  1.00 19.10 ? 159  ASP X CG  1 
ATOM   1281 O OD1 . ASP A 1 159 ? 18.638  -5.847  -7.264  1.00 20.68 ? 159  ASP X OD1 1 
ATOM   1282 O OD2 . ASP A 1 159 ? 19.263  -7.701  -6.297  1.00 24.70 ? 159  ASP X OD2 1 
ATOM   1283 N N   . ALA A 1 160 ? 13.658  -7.084  -6.708  1.00 14.70 ? 160  ALA X N   1 
ATOM   1284 C CA  . ALA A 1 160 ? 12.364  -7.754  -6.916  1.00 15.32 ? 160  ALA X CA  1 
ATOM   1285 C C   . ALA A 1 160 ? 11.454  -7.015  -7.896  1.00 15.90 ? 160  ALA X C   1 
ATOM   1286 O O   . ALA A 1 160 ? 10.435  -7.578  -8.328  1.00 16.03 ? 160  ALA X O   1 
ATOM   1287 C CB  . ALA A 1 160 ? 11.630  -7.999  -5.567  1.00 15.53 ? 160  ALA X CB  1 
ATOM   1288 N N   . TYR A 1 161 ? 11.804  -5.790  -8.280  1.00 16.58 ? 161  TYR X N   1 
ATOM   1289 C CA  . TYR A 1 161 ? 10.981  -4.982  -9.163  1.00 17.82 ? 161  TYR X CA  1 
ATOM   1290 C C   . TYR A 1 161 ? 11.516  -4.743  -10.593 1.00 20.31 ? 161  TYR X C   1 
ATOM   1291 O O   . TYR A 1 161 ? 11.038  -3.957  -11.294 1.00 20.46 ? 161  TYR X O   1 
ATOM   1292 C CB  . TYR A 1 161 ? 10.587  -3.681  -8.485  1.00 16.72 ? 161  TYR X CB  1 
ATOM   1293 C CG  . TYR A 1 161 ? 9.576   -3.875  -7.363  1.00 15.40 ? 161  TYR X CG  1 
ATOM   1294 C CD1 . TYR A 1 161 ? 9.989   -4.099  -6.098  1.00 13.79 ? 161  TYR X CD1 1 
ATOM   1295 C CD2 . TYR A 1 161 ? 8.216   -3.864  -7.607  1.00 12.19 ? 161  TYR X CD2 1 
ATOM   1296 C CE1 . TYR A 1 161 ? 9.121   -4.287  -5.105  1.00 14.12 ? 161  TYR X CE1 1 
ATOM   1297 C CE2 . TYR A 1 161 ? 7.350   -4.024  -6.627  1.00 11.69 ? 161  TYR X CE2 1 
ATOM   1298 C CZ  . TYR A 1 161 ? 7.772   -4.258  -5.346  1.00 13.87 ? 161  TYR X CZ  1 
ATOM   1299 O OH  . TYR A 1 161 ? 6.872   -4.459  -4.361  1.00 13.85 ? 161  TYR X OH  1 
ATOM   1300 N N   . LYS A 1 162 ? 12.531  -5.536  -10.918 1.00 20.00 ? 162  LYS X N   1 
ATOM   1301 C CA  . LYS A 1 162 ? 13.413  -5.426  -12.072 1.00 20.00 ? 162  LYS X CA  1 
ATOM   1302 C C   . LYS A 1 162 ? 13.677  -4.034  -12.559 1.00 20.00 ? 162  LYS X C   1 
ATOM   1303 O O   . LYS A 1 162 ? 13.294  -3.645  -13.657 1.00 25.75 ? 162  LYS X O   1 
ATOM   1304 C CB  . LYS A 1 162 ? 13.014  -6.388  -13.149 1.00 20.00 ? 162  LYS X CB  1 
ATOM   1305 C CG  . LYS A 1 162 ? 12.689  -5.785  -14.418 1.00 20.00 ? 162  LYS X CG  1 
ATOM   1306 C CD  . LYS A 1 162 ? 12.823  -6.769  -15.499 1.00 20.00 ? 162  LYS X CD  1 
ATOM   1307 C CE  . LYS A 1 162 ? 11.866  -7.918  -15.324 1.00 20.00 ? 162  LYS X CE  1 
ATOM   1308 N NZ  . LYS A 1 162 ? 12.593  -9.101  -14.919 1.00 20.00 ? 162  LYS X NZ  1 
HETATM 1309 P P   . PO4 B 2 .   ? 18.657  2.557   17.389  0.50 27.38 ? 2001 PO4 X P   1 
HETATM 1310 O O1  . PO4 B 2 .   ? 18.101  3.791   18.051  0.50 28.17 ? 2001 PO4 X O1  1 
HETATM 1311 O O2  . PO4 B 2 .   ? 18.402  1.340   18.248  0.50 28.12 ? 2001 PO4 X O2  1 
HETATM 1312 O O3  . PO4 B 2 .   ? 17.971  2.380   16.054  0.50 25.87 ? 2001 PO4 X O3  1 
HETATM 1313 O O4  . PO4 B 2 .   ? 20.139  2.742   17.216  0.50 26.60 ? 2001 PO4 X O4  1 
HETATM 1314 C CAA . 261 C 3 .   ? 6.486   -4.225  8.833   1.00 18.85 ? 1001 261 X CAA 1 
HETATM 1315 C CAG . 261 C 3 .   ? 6.028   -2.799  8.469   1.00 18.11 ? 1001 261 X CAG 1 
HETATM 1316 O OAH . 261 C 3 .   ? 7.242   -1.998  8.257   1.00 18.13 ? 1001 261 X OAH 1 
HETATM 1317 C CAJ . 261 C 3 .   ? 7.106   -0.659  8.458   1.00 16.32 ? 1001 261 X CAJ 1 
HETATM 1318 C CAF . 261 C 3 .   ? 5.914   0.022   8.270   1.00 15.92 ? 1001 261 X CAF 1 
HETATM 1319 C CAD . 261 C 3 .   ? 5.845   1.405   8.484   1.00 15.58 ? 1001 261 X CAD 1 
HETATM 1320 C CAC . 261 C 3 .   ? 6.980   2.102   8.877   1.00 14.68 ? 1001 261 X CAC 1 
HETATM 1321 C CAE . 261 C 3 .   ? 8.177   1.424   9.074   1.00 14.72 ? 1001 261 X CAE 1 
HETATM 1322 C CAI . 261 C 3 .   ? 8.249   0.046   8.846   1.00 15.48 ? 1001 261 X CAI 1 
HETATM 1323 O OAB . 261 C 3 .   ? 9.421   -0.621  9.006   1.00 15.85 ? 1001 261 X OAB 1 
HETATM 1324 C CAA . 261 D 3 .   ? -5.801  -3.363  -11.797 0.70 22.97 ? 1002 261 X CAA 1 
HETATM 1325 C CAG . 261 D 3 .   ? -7.254  -3.852  -11.899 0.70 23.13 ? 1002 261 X CAG 1 
HETATM 1326 O OAH . 261 D 3 .   ? -7.560  -4.120  -13.286 0.70 23.08 ? 1002 261 X OAH 1 
HETATM 1327 C CAJ . 261 D 3 .   ? -8.788  -4.652  -13.595 0.70 24.12 ? 1002 261 X CAJ 1 
HETATM 1328 C CAF . 261 D 3 .   ? -9.718  -5.043  -12.616 0.70 22.89 ? 1002 261 X CAF 1 
HETATM 1329 C CAD . 261 D 3 .   ? -10.950 -5.574  -13.001 0.70 23.16 ? 1002 261 X CAD 1 
HETATM 1330 C CAC . 261 D 3 .   ? -11.257 -5.728  -14.350 0.70 24.16 ? 1002 261 X CAC 1 
HETATM 1331 C CAE . 261 D 3 .   ? -10.332 -5.353  -15.323 0.70 24.21 ? 1002 261 X CAE 1 
HETATM 1332 C CAI . 261 D 3 .   ? -9.101  -4.820  -14.947 0.70 24.69 ? 1002 261 X CAI 1 
HETATM 1333 O OAB . 261 D 3 .   ? -8.198  -4.446  -15.904 0.70 23.68 ? 1002 261 X OAB 1 
HETATM 1334 O O   . HOH E 4 .   ? -4.465  5.636   -5.520  1.00 14.80 ? 2002 HOH X O   1 
HETATM 1335 O O   . HOH E 4 .   ? 19.441  3.279   11.787  1.00 14.72 ? 2003 HOH X O   1 
HETATM 1336 O O   . HOH E 4 .   ? 13.423  -5.429  -4.332  1.00 14.84 ? 2004 HOH X O   1 
HETATM 1337 O O   . HOH E 4 .   ? -8.129  16.647  -4.728  1.00 13.89 ? 2005 HOH X O   1 
HETATM 1338 O O   . HOH E 4 .   ? 0.263   -11.133 -4.695  1.00 15.14 ? 2006 HOH X O   1 
HETATM 1339 O O   . HOH E 4 .   ? -5.224  -3.547  -7.250  1.00 9.68  ? 2007 HOH X O   1 
HETATM 1340 O O   . HOH E 4 .   ? -5.617  6.140   -8.015  1.00 14.58 ? 2008 HOH X O   1 
HETATM 1341 O O   . HOH E 4 .   ? 2.644   -4.430  0.841   1.00 13.53 ? 2009 HOH X O   1 
HETATM 1342 O O   . HOH E 4 .   ? 16.559  -0.065  10.584  1.00 13.39 ? 2010 HOH X O   1 
HETATM 1343 O O   . HOH E 4 .   ? 6.013   1.109   -12.515 1.00 16.85 ? 2011 HOH X O   1 
HETATM 1344 O O   . HOH E 4 .   ? 19.266  0.491   6.631   1.00 13.64 ? 2012 HOH X O   1 
HETATM 1345 O O   . HOH E 4 .   ? 20.081  -11.142 9.171   1.00 19.80 ? 2013 HOH X O   1 
HETATM 1346 O O   . HOH E 4 .   ? -5.820  -11.573 -1.567  1.00 17.52 ? 2014 HOH X O   1 
HETATM 1347 O O   . HOH E 4 .   ? -16.338 -2.400  -1.137  1.00 17.20 ? 2015 HOH X O   1 
HETATM 1348 O O   . HOH E 4 .   ? -1.127  -10.109 8.096   1.00 15.68 ? 2016 HOH X O   1 
HETATM 1349 O O   . HOH E 4 .   ? -9.617  13.567  -3.127  1.00 13.28 ? 2017 HOH X O   1 
HETATM 1350 O O   . HOH E 4 .   ? 8.698   -17.421 7.093   1.00 17.22 ? 2018 HOH X O   1 
HETATM 1351 O O   . HOH E 4 .   ? -5.931  -2.253  -4.830  1.00 15.31 ? 2019 HOH X O   1 
HETATM 1352 O O   . HOH E 4 .   ? -2.910  -9.521  1.603   1.00 17.21 ? 2020 HOH X O   1 
HETATM 1353 O O   . HOH E 4 .   ? 7.060   -12.384 -6.190  1.00 15.75 ? 2021 HOH X O   1 
HETATM 1354 O O   . HOH E 4 .   ? -1.934  14.618  -0.266  1.00 20.52 ? 2022 HOH X O   1 
HETATM 1355 O O   . HOH E 4 .   ? 20.967  -8.837  8.005   1.00 13.96 ? 2023 HOH X O   1 
HETATM 1356 O O   . HOH E 4 .   ? -4.369  20.444  -7.253  1.00 17.04 ? 2024 HOH X O   1 
HETATM 1357 O O   . HOH E 4 .   ? 18.308  6.701   5.998   1.00 13.81 ? 2025 HOH X O   1 
HETATM 1358 O O   . HOH E 4 .   ? -11.203 -11.855 -1.718  1.00 14.77 ? 2026 HOH X O   1 
HETATM 1359 O O   . HOH E 4 .   ? 9.196   7.736   -11.672 1.00 15.67 ? 2027 HOH X O   1 
HETATM 1360 O O   . HOH E 4 .   ? -20.447 10.227  0.047   1.00 27.87 ? 2028 HOH X O   1 
HETATM 1361 O O   . HOH E 4 .   ? 15.252  -14.364 5.129   1.00 20.22 ? 2029 HOH X O   1 
HETATM 1362 O O   . HOH E 4 .   ? 7.399   -10.781 -8.727  1.00 16.04 ? 2030 HOH X O   1 
HETATM 1363 O O   . HOH E 4 .   ? 21.716  -6.277  -0.295  1.00 24.15 ? 2031 HOH X O   1 
HETATM 1364 O O   . HOH E 4 .   ? -7.952  -13.121 -0.521  1.00 16.70 ? 2032 HOH X O   1 
HETATM 1365 O O   . HOH E 4 .   ? 20.922  -9.909  5.373   1.00 16.08 ? 2033 HOH X O   1 
HETATM 1366 O O   . HOH E 4 .   ? -5.908  11.700  -18.341 1.00 24.52 ? 2034 HOH X O   1 
HETATM 1367 O O   . HOH E 4 .   ? 10.815  6.006   -3.290  1.00 18.89 ? 2035 HOH X O   1 
HETATM 1368 O O   . HOH E 4 .   ? 10.934  -12.664 -0.448  1.00 14.89 ? 2036 HOH X O   1 
HETATM 1369 O O   . HOH E 4 .   ? -2.092  -6.710  -3.620  1.00 21.03 ? 2037 HOH X O   1 
HETATM 1370 O O   . HOH E 4 .   ? -4.827  18.692  -10.340 1.00 15.32 ? 2038 HOH X O   1 
HETATM 1371 O O   . HOH E 4 .   ? 10.552  -14.518 3.917   1.00 14.40 ? 2039 HOH X O   1 
HETATM 1372 O O   . HOH E 4 .   ? 18.107  7.360   3.223   1.00 20.48 ? 2040 HOH X O   1 
HETATM 1373 O O   . HOH E 4 .   ? 0.467   -7.161  -6.800  1.00 15.38 ? 2041 HOH X O   1 
HETATM 1374 O O   . HOH E 4 .   ? -6.947  10.501  -2.598  1.00 17.41 ? 2042 HOH X O   1 
HETATM 1375 O O   . HOH E 4 .   ? -4.024  -2.117  -1.734  1.00 15.19 ? 2043 HOH X O   1 
HETATM 1376 O O   . HOH E 4 .   ? -2.288  14.776  -6.566  1.00 19.78 ? 2044 HOH X O   1 
HETATM 1377 O O   . HOH E 4 .   ? -5.352  -9.391  0.220   1.00 17.62 ? 2045 HOH X O   1 
HETATM 1378 O O   . HOH E 4 .   ? -9.296  15.042  -6.575  1.00 17.56 ? 2046 HOH X O   1 
HETATM 1379 O O   . HOH E 4 .   ? 18.488  1.389   13.611  1.00 17.72 ? 2047 HOH X O   1 
HETATM 1380 O O   . HOH E 4 .   ? -5.378  -0.157  -9.247  1.00 21.25 ? 2048 HOH X O   1 
HETATM 1381 O O   . HOH E 4 .   ? 14.803  5.820   14.852  1.00 19.97 ? 2049 HOH X O   1 
HETATM 1382 O O   . HOH E 4 .   ? 12.673  -14.475 12.153  1.00 17.42 ? 2050 HOH X O   1 
HETATM 1383 O O   . HOH E 4 .   ? -5.944  -0.128  -1.771  1.00 15.90 ? 2051 HOH X O   1 
HETATM 1384 O O   . HOH E 4 .   ? 10.087  -15.197 13.137  1.00 20.22 ? 2052 HOH X O   1 
HETATM 1385 O O   . HOH E 4 .   ? -8.632  -7.249  -8.026  1.00 19.13 ? 2053 HOH X O   1 
HETATM 1386 O O   . HOH E 4 .   ? -2.654  14.074  -12.170 1.00 21.30 ? 2054 HOH X O   1 
HETATM 1387 O O   . HOH E 4 .   ? 9.355   -13.928 1.436   1.00 17.15 ? 2055 HOH X O   1 
HETATM 1388 O O   . HOH E 4 .   ? -1.424  -8.930  -5.463  1.00 19.86 ? 2056 HOH X O   1 
HETATM 1389 O O   . HOH E 4 .   ? 18.640  -1.686  -6.474  1.00 17.82 ? 2057 HOH X O   1 
HETATM 1390 O O   . HOH E 4 .   ? 5.397   3.685   -13.604 1.00 18.90 ? 2058 HOH X O   1 
HETATM 1391 O O   . HOH E 4 .   ? -8.058  -1.534  -2.850  1.00 15.23 ? 2059 HOH X O   1 
HETATM 1392 O O   . HOH E 4 .   ? -3.827  16.844  -5.560  1.00 21.16 ? 2060 HOH X O   1 
HETATM 1393 O O   . HOH E 4 .   ? 8.892   -16.549 0.641   1.00 18.84 ? 2061 HOH X O   1 
HETATM 1394 O O   . HOH E 4 .   ? 8.222   -3.302  17.737  1.00 20.60 ? 2062 HOH X O   1 
HETATM 1395 O O   . HOH E 4 .   ? 9.987   -10.187 -8.547  1.00 17.57 ? 2063 HOH X O   1 
HETATM 1396 O O   . HOH E 4 .   ? -16.712 10.334  -15.839 1.00 24.60 ? 2064 HOH X O   1 
HETATM 1397 O O   . HOH E 4 .   ? -7.375  8.767   -19.515 1.00 20.57 ? 2065 HOH X O   1 
HETATM 1398 O O   . HOH E 4 .   ? 12.994  5.313   -11.311 1.00 23.57 ? 2066 HOH X O   1 
HETATM 1399 O O   . HOH E 4 .   ? -22.038 -5.548  -4.297  1.00 18.27 ? 2067 HOH X O   1 
HETATM 1400 O O   . HOH E 4 .   ? -17.483 -4.858  -2.227  1.00 20.05 ? 2068 HOH X O   1 
HETATM 1401 O O   . HOH E 4 .   ? 10.046  10.303  4.164   1.00 27.70 ? 2069 HOH X O   1 
HETATM 1402 O O   . HOH E 4 .   ? 10.079  -17.112 4.611   1.00 19.64 ? 2070 HOH X O   1 
HETATM 1403 O O   . HOH E 4 .   ? -13.629 -11.616 -3.206  1.00 15.46 ? 2071 HOH X O   1 
HETATM 1404 O O   . HOH E 4 .   ? -0.750  13.111  -13.846 1.00 21.21 ? 2072 HOH X O   1 
HETATM 1405 O O   . HOH E 4 .   ? -3.924  16.504  -11.958 1.00 18.29 ? 2073 HOH X O   1 
HETATM 1406 O O   . HOH E 4 .   ? 0.793   10.418  -9.278  1.00 24.79 ? 2074 HOH X O   1 
HETATM 1407 O O   . HOH E 4 .   ? -6.017  -5.863  -5.928  1.00 27.49 ? 2075 HOH X O   1 
HETATM 1408 O O   . HOH E 4 .   ? -14.153 -6.291  -10.025 1.00 23.49 ? 2076 HOH X O   1 
HETATM 1409 O O   . HOH E 4 .   ? -4.765  -6.482  0.001   1.00 18.58 ? 2077 HOH X O   1 
HETATM 1410 O O   . HOH E 4 .   ? 11.068  -8.973  17.407  1.00 24.70 ? 2078 HOH X O   1 
HETATM 1411 O O   . HOH E 4 .   ? -12.204 14.599  -16.039 1.00 28.17 ? 2079 HOH X O   1 
HETATM 1412 O O   A HOH E 4 .   ? -25.629 -0.304  -5.146  0.50 18.05 ? 2080 HOH X O   1 
HETATM 1413 O O   B HOH E 4 .   ? -26.091 -0.451  -3.873  0.50 30.01 ? 2080 HOH X O   1 
HETATM 1414 O O   . HOH E 4 .   ? 8.154   0.813   17.063  1.00 26.82 ? 2081 HOH X O   1 
HETATM 1415 O O   . HOH E 4 .   ? -10.942 16.295  -12.599 1.00 20.78 ? 2082 HOH X O   1 
HETATM 1416 O O   . HOH E 4 .   ? 13.287  7.564   -9.773  1.00 20.51 ? 2083 HOH X O   1 
HETATM 1417 O O   . HOH E 4 .   ? -23.205 10.941  -4.119  1.00 27.97 ? 2084 HOH X O   1 
HETATM 1418 O O   . HOH E 4 .   ? -3.259  -2.779  -14.394 1.00 20.09 ? 2085 HOH X O   1 
HETATM 1419 O O   . HOH E 4 .   ? 4.910   5.422   -11.350 1.00 20.45 ? 2086 HOH X O   1 
HETATM 1420 O O   . HOH E 4 .   ? -0.672  8.048   12.133  1.00 22.02 ? 2087 HOH X O   1 
HETATM 1421 O O   . HOH E 4 .   ? -0.378  5.967   6.944   1.00 29.47 ? 2088 HOH X O   1 
HETATM 1422 O O   . HOH E 4 .   ? -11.627 6.835   -18.543 1.00 27.25 ? 2089 HOH X O   1 
HETATM 1423 O O   . HOH E 4 .   ? -17.650 1.979   -13.900 1.00 29.12 ? 2090 HOH X O   1 
HETATM 1424 O O   . HOH E 4 .   ? 8.666   0.966   -13.366 1.00 26.67 ? 2091 HOH X O   1 
HETATM 1425 O O   . HOH E 4 .   ? 9.846   -1.452  16.623  1.00 24.72 ? 2092 HOH X O   1 
HETATM 1426 O O   A HOH E 4 .   ? -6.508  3.298   -0.417  0.50 12.16 ? 2093 HOH X O   1 
HETATM 1427 O O   B HOH E 4 .   ? -6.477  4.280   -1.043  0.50 15.10 ? 2093 HOH X O   1 
HETATM 1428 O O   . HOH E 4 .   ? -24.115 6.829   -5.945  1.00 26.41 ? 2094 HOH X O   1 
HETATM 1429 O O   . HOH E 4 .   ? -8.954  14.484  -16.530 1.00 24.12 ? 2095 HOH X O   1 
HETATM 1430 O O   . HOH E 4 .   ? -15.189 -8.457  0.452   1.00 29.23 ? 2096 HOH X O   1 
HETATM 1431 O O   . HOH E 4 .   ? 5.385   -8.101  20.284  1.00 31.11 ? 2097 HOH X O   1 
HETATM 1432 O O   A HOH E 4 .   ? -5.883  8.731   0.921   0.50 17.35 ? 2098 HOH X O   1 
HETATM 1433 O O   B HOH E 4 .   ? -5.389  10.489  0.263   0.50 16.84 ? 2098 HOH X O   1 
HETATM 1434 O O   . HOH E 4 .   ? 11.465  6.010   -0.351  1.00 23.47 ? 2099 HOH X O   1 
HETATM 1435 O O   . HOH E 4 .   ? 11.952  -11.810 -4.452  1.00 27.36 ? 2100 HOH X O   1 
HETATM 1436 O O   . HOH E 4 .   ? -14.178 10.297  -17.332 1.00 25.28 ? 2101 HOH X O   1 
HETATM 1437 O O   . HOH E 4 .   ? -14.083 9.390   -1.225  1.00 24.70 ? 2102 HOH X O   1 
HETATM 1438 O O   . HOH E 4 .   ? -7.931  -3.658  0.535   1.00 20.61 ? 2103 HOH X O   1 
HETATM 1439 O O   . HOH E 4 .   ? -13.082 17.275  -10.854 1.00 28.96 ? 2104 HOH X O   1 
HETATM 1440 O O   . HOH E 4 .   ? -2.409  10.233  6.589   1.00 26.15 ? 2105 HOH X O   1 
HETATM 1441 O O   . HOH E 4 .   ? 9.774   -11.854 -6.108  1.00 21.40 ? 2106 HOH X O   1 
HETATM 1442 O O   . HOH E 4 .   ? 2.660   -18.231 6.837   1.00 19.99 ? 2107 HOH X O   1 
HETATM 1443 O O   A HOH E 4 .   ? -17.089 -3.341  -9.975  0.50 15.30 ? 2108 HOH X O   1 
HETATM 1444 O O   B HOH E 4 .   ? -16.671 -3.989  -11.802 0.50 20.96 ? 2108 HOH X O   1 
HETATM 1445 O O   . HOH E 4 .   ? -3.782  -4.985  -4.302  1.00 25.39 ? 2109 HOH X O   1 
HETATM 1446 O O   . HOH E 4 .   ? 22.205  -2.469  13.546  1.00 28.55 ? 2110 HOH X O   1 
HETATM 1447 O O   . HOH E 4 .   ? -0.736  13.074  -10.516 1.00 22.61 ? 2111 HOH X O   1 
HETATM 1448 O O   . HOH E 4 .   ? 20.974  -6.149  15.464  1.00 23.83 ? 2112 HOH X O   1 
HETATM 1449 O O   . HOH E 4 .   ? 20.066  -1.161  14.832  1.00 22.94 ? 2113 HOH X O   1 
HETATM 1450 O O   . HOH E 4 .   ? 14.034  -9.074  17.660  1.00 25.29 ? 2114 HOH X O   1 
HETATM 1451 O O   . HOH E 4 .   ? -0.396  14.703  -8.392  1.00 31.16 ? 2115 HOH X O   1 
HETATM 1452 O O   . HOH E 4 .   ? -24.338 -2.835  -4.968  1.00 25.97 ? 2116 HOH X O   1 
HETATM 1453 O O   . HOH E 4 .   ? -8.818  1.116   -17.386 1.00 23.81 ? 2117 HOH X O   1 
HETATM 1454 O O   . HOH E 4 .   ? -18.316 14.938  -14.623 1.00 25.23 ? 2118 HOH X O   1 
HETATM 1455 O O   . HOH E 4 .   ? -10.301 -12.048 0.868   1.00 22.81 ? 2119 HOH X O   1 
HETATM 1456 O O   . HOH E 4 .   ? 1.011   -17.979 9.142   1.00 19.83 ? 2120 HOH X O   1 
HETATM 1457 O O   . HOH E 4 .   ? -5.777  -3.114  -15.500 1.00 17.12 ? 2121 HOH X O   1 
HETATM 1458 O O   . HOH E 4 .   ? -18.472 15.816  -5.585  1.00 28.87 ? 2122 HOH X O   1 
HETATM 1459 O O   . HOH E 4 .   ? -21.181 -7.337  -6.147  1.00 25.31 ? 2123 HOH X O   1 
HETATM 1460 O O   . HOH E 4 .   ? 20.988  -10.403 11.613  1.00 29.26 ? 2124 HOH X O   1 
HETATM 1461 O O   . HOH E 4 .   ? -15.283 2.069   4.389   1.00 31.66 ? 2125 HOH X O   1 
HETATM 1462 O O   . HOH E 4 .   ? -17.156 -8.452  -2.862  1.00 23.77 ? 2126 HOH X O   1 
HETATM 1463 O O   . HOH E 4 .   ? -3.028  -5.460  -7.635  1.00 23.04 ? 2127 HOH X O   1 
HETATM 1464 O O   . HOH E 4 .   ? 8.144   -18.008 2.876   1.00 30.20 ? 2128 HOH X O   1 
HETATM 1465 O O   . HOH E 4 .   ? -0.870  -2.563  -15.681 1.00 41.31 ? 2129 HOH X O   1 
HETATM 1466 O O   . HOH E 4 .   ? 12.422  8.896   14.704  1.00 32.08 ? 2130 HOH X O   1 
HETATM 1467 O O   . HOH E 4 .   ? 21.602  -2.664  -0.088  1.00 22.59 ? 2131 HOH X O   1 
HETATM 1468 O O   . HOH E 4 .   ? 19.907  -11.953 2.625   1.00 29.42 ? 2132 HOH X O   1 
HETATM 1469 O O   . HOH E 4 .   ? -19.726 -6.244  -3.032  1.00 27.20 ? 2133 HOH X O   1 
HETATM 1470 O O   . HOH E 4 .   ? 4.627   -17.972 4.971   1.00 35.48 ? 2134 HOH X O   1 
HETATM 1471 O O   . HOH E 4 .   ? -21.663 8.685   -9.977  1.00 37.60 ? 2135 HOH X O   1 
HETATM 1472 O O   . HOH E 4 .   ? -17.020 -0.597  -13.130 1.00 28.13 ? 2136 HOH X O   1 
HETATM 1473 O O   . HOH E 4 .   ? 13.200  -14.297 3.103   1.00 19.29 ? 2137 HOH X O   1 
HETATM 1474 O O   . HOH E 4 .   ? -3.161  -7.845  3.712   1.00 23.43 ? 2138 HOH X O   1 
HETATM 1475 O O   . HOH E 4 .   ? 6.073   13.045  4.794   1.00 21.95 ? 2139 HOH X O   1 
HETATM 1476 O O   . HOH E 4 .   ? 2.157   6.046   -11.375 1.00 20.54 ? 2140 HOH X O   1 
HETATM 1477 O O   . HOH E 4 .   ? 14.595  -16.462 11.337  1.00 21.66 ? 2141 HOH X O   1 
HETATM 1478 O O   . HOH E 4 .   ? 16.611  -15.770 9.764   1.00 26.39 ? 2142 HOH X O   1 
HETATM 1479 O O   . HOH E 4 .   ? 4.352   -0.248  -14.283 1.00 27.35 ? 2143 HOH X O   1 
HETATM 1480 O O   . HOH E 4 .   ? -8.669  16.348  -11.105 1.00 22.89 ? 2144 HOH X O   1 
HETATM 1481 O O   . HOH E 4 .   ? -13.892 12.886  -17.825 1.00 38.38 ? 2145 HOH X O   1 
HETATM 1482 O O   . HOH E 4 .   ? 0.866   -3.973  -12.536 1.00 30.57 ? 2146 HOH X O   1 
HETATM 1483 O O   . HOH E 4 .   ? -19.380 7.328   -9.515  1.00 34.05 ? 2147 HOH X O   1 
HETATM 1484 O O   . HOH E 4 .   ? -22.896 9.287   -6.853  1.00 31.25 ? 2148 HOH X O   1 
HETATM 1485 O O   . HOH E 4 .   ? -8.363  5.160   -0.088  1.00 34.79 ? 2149 HOH X O   1 
HETATM 1486 O O   . HOH E 4 .   ? 1.742   -20.736 4.189   1.00 26.62 ? 2150 HOH X O   1 
HETATM 1487 O O   . HOH E 4 .   ? -3.900  -9.181  5.981   1.00 30.24 ? 2151 HOH X O   1 
HETATM 1488 O O   . HOH E 4 .   ? -5.605  0.903   0.764   1.00 25.78 ? 2152 HOH X O   1 
HETATM 1489 O O   . HOH E 4 .   ? -2.352  9.997   11.334  1.00 30.04 ? 2153 HOH X O   1 
HETATM 1490 O O   . HOH E 4 .   ? -12.613 7.644   -2.216  1.00 31.09 ? 2154 HOH X O   1 
HETATM 1491 O O   . HOH E 4 .   ? -4.056  3.596   0.609   1.00 35.00 ? 2155 HOH X O   1 
HETATM 1492 O O   . HOH E 4 .   ? -17.576 -5.277  0.407   1.00 38.45 ? 2156 HOH X O   1 
HETATM 1493 O O   . HOH E 4 .   ? -22.481 12.324  -6.640  1.00 28.44 ? 2157 HOH X O   1 
HETATM 1494 O O   A HOH E 4 .   ? 3.885   -18.788 -3.660  0.50 17.11 ? 2158 HOH X O   1 
HETATM 1495 O O   B HOH E 4 .   ? 3.703   -17.310 -4.315  0.50 20.34 ? 2158 HOH X O   1 
HETATM 1496 O O   . HOH E 4 .   ? 11.827  14.242  12.865  1.00 41.48 ? 2159 HOH X O   1 
HETATM 1497 O O   . HOH E 4 .   ? -11.853 -9.744  2.214   1.00 32.41 ? 2160 HOH X O   1 
HETATM 1498 O O   . HOH E 4 .   ? -13.973 -2.870  -13.631 1.00 26.26 ? 2161 HOH X O   1 
HETATM 1499 O O   . HOH E 4 .   ? -6.593  15.355  -12.542 1.00 22.29 ? 2162 HOH X O   1 
HETATM 1500 O O   . HOH E 4 .   ? 2.201   -19.163 -0.120  1.00 28.02 ? 2163 HOH X O   1 
HETATM 1501 O O   . HOH E 4 .   ? -2.039  11.862  9.061   1.00 34.98 ? 2164 HOH X O   1 
HETATM 1502 O O   . HOH E 4 .   ? 19.829  -16.244 6.784   1.00 31.25 ? 2165 HOH X O   1 
HETATM 1503 O O   . HOH E 4 .   ? 17.112  -1.163  17.520  1.00 36.10 ? 2166 HOH X O   1 
HETATM 1504 O O   . HOH E 4 .   ? -2.219  -7.752  8.799   1.00 30.25 ? 2167 HOH X O   1 
HETATM 1505 O O   . HOH E 4 .   ? -5.563  2.034   9.363   1.00 31.08 ? 2168 HOH X O   1 
HETATM 1506 O O   . HOH E 4 .   ? 0.922   4.147   -15.547 1.00 33.15 ? 2169 HOH X O   1 
HETATM 1507 O O   . HOH E 4 .   ? 3.272   15.590  -1.701  1.00 37.41 ? 2170 HOH X O   1 
HETATM 1508 O O   . HOH E 4 .   ? 0.547   5.930   -13.733 1.00 35.75 ? 2171 HOH X O   1 
HETATM 1509 O O   . HOH E 4 .   ? 11.494  2.185   18.337  1.00 43.32 ? 2172 HOH X O   1 
HETATM 1510 O O   . HOH E 4 .   ? -20.797 -4.643  -8.221  1.00 36.12 ? 2173 HOH X O   1 
HETATM 1511 O O   . HOH E 4 .   ? 10.240  -1.487  -13.477 1.00 38.51 ? 2174 HOH X O   1 
HETATM 1512 O O   . HOH E 4 .   ? -2.344  13.007  1.207   1.00 36.27 ? 2175 HOH X O   1 
HETATM 1513 O O   . HOH E 4 .   ? -5.796  16.801  -16.886 1.00 29.41 ? 2176 HOH X O   1 
HETATM 1514 O O   . HOH E 4 .   ? 0.752   7.309   17.437  1.00 40.00 ? 2177 HOH X O   1 
HETATM 1515 O O   . HOH E 4 .   ? -6.464  -1.277  1.170   1.00 34.42 ? 2178 HOH X O   1 
HETATM 1516 O O   . HOH E 4 .   ? 4.542   -18.770 -1.180  1.00 34.27 ? 2179 HOH X O   1 
HETATM 1517 O O   . HOH E 4 .   ? -3.821  3.904   7.771   1.00 29.84 ? 2180 HOH X O   1 
HETATM 1518 O O   . HOH E 4 .   ? 0.782   3.651   17.577  1.00 40.42 ? 2181 HOH X O   1 
HETATM 1519 O O   . HOH E 4 .   ? 8.537   -13.287 16.656  1.00 33.98 ? 2182 HOH X O   1 
HETATM 1520 O O   . HOH E 4 .   ? 12.149  -1.233  17.967  1.00 39.29 ? 2183 HOH X O   1 
HETATM 1521 O O   A HOH E 4 .   ? -2.916  5.469   1.524   0.50 15.29 ? 2184 HOH X O   1 
HETATM 1522 O O   B HOH E 4 .   ? -3.419  6.932   2.008   0.50 16.66 ? 2184 HOH X O   1 
HETATM 1523 O O   . HOH E 4 .   ? -13.507 7.017   0.008   1.00 31.64 ? 2185 HOH X O   1 
HETATM 1524 O O   . HOH E 4 .   ? -7.485  16.001  -14.933 1.00 32.63 ? 2186 HOH X O   1 
HETATM 1525 O O   . HOH E 4 .   ? 4.885   10.585  15.733  1.00 34.89 ? 2187 HOH X O   1 
HETATM 1526 O O   . HOH E 4 .   ? -2.257  16.717  -16.388 1.00 35.45 ? 2188 HOH X O   1 
HETATM 1527 O O   . HOH E 4 .   ? 6.812   -14.918 -6.979  1.00 28.78 ? 2189 HOH X O   1 
HETATM 1528 O O   . HOH E 4 .   ? 0.810   -6.762  -9.465  1.00 28.04 ? 2190 HOH X O   1 
HETATM 1529 O O   . HOH E 4 .   ? 8.896   -3.686  20.301  1.00 37.99 ? 2191 HOH X O   1 
HETATM 1530 O O   . HOH E 4 .   ? -24.700 1.253   -8.880  1.00 41.68 ? 2192 HOH X O   1 
HETATM 1531 O O   . HOH E 4 .   ? -1.234  8.163   14.978  1.00 34.92 ? 2193 HOH X O   1 
HETATM 1532 O O   . HOH E 4 .   ? 12.048  2.701   -13.878 1.00 38.21 ? 2194 HOH X O   1 
HETATM 1533 O O   . HOH E 4 .   ? -20.884 11.899  -15.750 1.00 37.21 ? 2195 HOH X O   1 
HETATM 1534 O O   . HOH E 4 .   ? 18.060  -14.967 2.761   1.00 34.11 ? 2196 HOH X O   1 
HETATM 1535 O O   . HOH E 4 .   ? -2.553  3.996   3.875   1.00 37.30 ? 2197 HOH X O   1 
HETATM 1536 O O   . HOH E 4 .   ? -1.021  11.027  -17.098 1.00 33.10 ? 2198 HOH X O   1 
HETATM 1537 O O   . HOH E 4 .   ? -7.442  -2.333  4.724   1.00 41.53 ? 2199 HOH X O   1 
HETATM 1538 O O   . HOH E 4 .   ? -3.605  16.393  8.346   1.00 38.78 ? 2200 HOH X O   1 
HETATM 1539 O O   . HOH E 4 .   ? -11.158 5.293   1.057   1.00 37.28 ? 2201 HOH X O   1 
HETATM 1540 O O   . HOH E 4 .   ? 16.188  -9.191  -10.155 1.00 32.59 ? 2202 HOH X O   1 
HETATM 1541 O O   . HOH E 4 .   ? 19.279  -8.465  21.376  1.00 38.18 ? 2203 HOH X O   1 
HETATM 1542 O O   . HOH E 4 .   ? 14.911  -8.569  20.390  1.00 39.85 ? 2204 HOH X O   1 
HETATM 1543 O O   . HOH E 4 .   ? 14.863  -1.972  18.234  1.00 34.55 ? 2205 HOH X O   1 
HETATM 1544 O O   . HOH E 4 .   ? -0.194  14.708  -16.140 1.00 31.35 ? 2206 HOH X O   1 
HETATM 1545 O O   . HOH E 4 .   ? -2.637  5.196   6.048   1.00 30.87 ? 2207 HOH X O   1 
HETATM 1546 O O   . HOH E 4 .   ? -9.169  7.906   1.067   1.00 32.19 ? 2208 HOH X O   1 
HETATM 1547 O O   . HOH E 4 .   ? -18.744 11.047  -17.335 1.00 31.62 ? 2209 HOH X O   1 
HETATM 1548 O O   . HOH E 4 .   ? -8.485  -4.373  3.330   1.00 38.74 ? 2210 HOH X O   1 
HETATM 1549 O O   . HOH E 4 .   ? -5.484  -4.437  -1.818  1.00 27.85 ? 2211 HOH X O   1 
HETATM 1550 O O   . HOH E 4 .   ? 5.212   13.153  -2.624  1.00 30.35 ? 2212 HOH X O   1 
HETATM 1551 O O   . HOH E 4 .   ? 2.387   -17.910 11.561  1.00 30.50 ? 2213 HOH X O   1 
HETATM 1552 O O   . HOH E 4 .   ? -13.729 8.561   -19.546 1.00 27.06 ? 2214 HOH X O   1 
HETATM 1553 O O   . HOH E 4 .   ? 6.209   -1.400  18.026  1.00 24.87 ? 2215 HOH X O   1 
HETATM 1554 O O   . HOH E 4 .   ? -5.694  6.745   -20.393 1.00 29.33 ? 2216 HOH X O   1 
HETATM 1555 O O   . HOH E 4 .   ? 6.015   -18.596 6.908   1.00 30.00 ? 2217 HOH X O   1 
HETATM 1556 O O   A HOH E 4 .   ? 7.929   -6.905  -10.858 0.50 32.79 ? 2218 HOH X O   1 
HETATM 1557 O O   B HOH E 4 .   ? 8.827   -7.364  -12.297 0.50 32.79 ? 2218 HOH X O   1 
HETATM 1558 O O   . HOH E 4 .   ? -9.312  -14.631 4.001   1.00 26.38 ? 2219 HOH X O   1 
HETATM 1559 O O   . HOH E 4 .   ? -6.357  -5.938  -8.721  1.00 30.08 ? 2220 HOH X O   1 
HETATM 1560 O O   . HOH E 4 .   ? 13.964  -10.847 -6.280  1.00 34.11 ? 2221 HOH X O   1 
HETATM 1561 O O   A HOH E 4 .   ? 16.727  -17.296 7.221   0.50 17.30 ? 2222 HOH X O   1 
HETATM 1562 O O   B HOH E 4 .   ? 16.185  -16.685 5.888   0.50 25.21 ? 2222 HOH X O   1 
HETATM 1563 O O   . HOH E 4 .   ? -2.910  -5.801  -10.409 1.00 32.80 ? 2223 HOH X O   1 
HETATM 1564 O O   . HOH E 4 .   ? -20.700 14.925  -7.280  1.00 38.44 ? 2224 HOH X O   1 
HETATM 1565 O O   . HOH E 4 .   ? 11.461  -14.560 -2.385  1.00 33.60 ? 2225 HOH X O   1 
HETATM 1566 O O   . HOH E 4 .   ? -8.462  13.448  -8.896  1.00 32.69 ? 2226 HOH X O   1 
HETATM 1567 O O   . HOH E 4 .   ? 3.050   -2.775  -14.290 1.00 29.68 ? 2227 HOH X O   1 
HETATM 1568 O O   . HOH E 4 .   ? -14.737 -5.582  -14.266 1.00 30.40 ? 2228 HOH X O   1 
HETATM 1569 O O   . HOH E 4 .   ? -9.752  7.406   -20.355 1.00 35.32 ? 2229 HOH X O   1 
HETATM 1570 O O   . HOH E 4 .   ? -12.159 4.114   -19.160 1.00 38.40 ? 2230 HOH X O   1 
HETATM 1571 O O   . HOH E 4 .   ? 21.025  -3.135  -6.457  1.00 32.51 ? 2231 HOH X O   1 
HETATM 1572 O O   . HOH E 4 .   ? 21.555  1.741   15.230  1.00 38.16 ? 2232 HOH X O   1 
HETATM 1573 O O   . HOH E 4 .   ? 10.454  8.866   16.504  1.00 42.20 ? 2233 HOH X O   1 
HETATM 1574 O O   . HOH E 4 .   ? 21.572  -7.782  -2.618  1.00 39.51 ? 2234 HOH X O   1 
HETATM 1575 O O   . HOH E 4 .   ? -12.626 2.298   3.273   1.00 31.14 ? 2235 HOH X O   1 
HETATM 1576 O O   . HOH E 4 .   ? -19.376 1.360   -11.906 1.00 40.54 ? 2236 HOH X O   1 
HETATM 1577 O O   . HOH E 4 .   ? -15.386 -11.202 -1.201  1.00 32.29 ? 2237 HOH X O   1 
HETATM 1578 O O   . HOH E 4 .   ? 12.353  -18.660 4.466   1.00 33.31 ? 2238 HOH X O   1 
HETATM 1579 O O   . HOH E 4 .   ? 7.333   -3.796  -14.513 1.00 33.25 ? 2239 HOH X O   1 
HETATM 1580 O O   . HOH E 4 .   ? -14.617 5.580   2.255   1.00 35.38 ? 2240 HOH X O   1 
HETATM 1581 O O   . HOH E 4 .   ? 14.641  -14.936 -1.202  1.00 39.12 ? 2241 HOH X O   1 
HETATM 1582 O O   . HOH E 4 .   ? 19.425  -8.190  -3.811  1.00 45.96 ? 2242 HOH X O   1 
HETATM 1583 O O   . HOH E 4 .   ? 20.981  0.552   19.119  1.00 41.79 ? 2243 HOH X O   1 
HETATM 1584 O O   . HOH E 4 .   ? 17.994  -10.295 -4.361  1.00 40.78 ? 2244 HOH X O   1 
HETATM 1585 O O   . HOH E 4 .   ? -5.692  -4.093  6.955   1.00 42.70 ? 2245 HOH X O   1 
HETATM 1586 O O   . HOH E 4 .   ? 3.570   -2.172  16.935  1.00 42.04 ? 2246 HOH X O   1 
HETATM 1587 O O   . HOH E 4 .   ? -21.558 0.211   -12.944 1.00 38.38 ? 2247 HOH X O   1 
HETATM 1588 O O   . HOH E 4 .   ? 0.907   0.239   13.589  1.00 42.49 ? 2248 HOH X O   1 
HETATM 1589 O O   . HOH E 4 .   ? -16.703 -6.109  -10.229 1.00 46.21 ? 2249 HOH X O   1 
HETATM 1590 O O   . HOH E 4 .   ? -25.562 2.617   0.279   1.00 38.18 ? 2250 HOH X O   1 
HETATM 1591 O O   . HOH E 4 .   ? 21.420  -5.612  -6.459  1.00 39.22 ? 2251 HOH X O   1 
HETATM 1592 O O   . HOH E 4 .   ? 1.803   8.976   -16.611 1.00 35.59 ? 2252 HOH X O   1 
HETATM 1593 O O   . HOH E 4 .   ? -5.418  -6.705  3.105   1.00 39.85 ? 2253 HOH X O   1 
HETATM 1594 O O   . HOH E 4 .   ? -17.852 19.475  -10.233 1.00 34.81 ? 2254 HOH X O   1 
HETATM 1595 O O   . HOH E 4 .   ? -10.166 15.998  -8.909  1.00 34.15 ? 2255 HOH X O   1 
HETATM 1596 O O   . HOH E 4 .   ? 8.035   7.742   18.571  1.00 41.91 ? 2256 HOH X O   1 
HETATM 1597 O O   . HOH E 4 .   ? 18.298  -4.730  20.346  1.00 42.20 ? 2257 HOH X O   1 
HETATM 1598 O O   . HOH E 4 .   ? -16.484 3.743   3.614   1.00 43.83 ? 2258 HOH X O   1 
HETATM 1599 O O   . HOH E 4 .   ? -3.315  4.630   13.139  1.00 45.04 ? 2259 HOH X O   1 
HETATM 1600 O O   . HOH E 4 .   ? 20.848  -1.520  21.184  1.00 37.79 ? 2260 HOH X O   1 
HETATM 1601 O O   A HOH E 4 .   ? -19.390 -1.038  -11.522 0.50 27.65 ? 2261 HOH X O   1 
HETATM 1602 O O   B HOH E 4 .   ? -19.576 -3.121  -10.871 0.50 29.89 ? 2261 HOH X O   1 
HETATM 1603 O O   . HOH E 4 .   ? 15.368  -3.498  20.090  1.00 44.65 ? 2262 HOH X O   1 
HETATM 1604 O O   . HOH E 4 .   ? -28.033 1.332   -2.335  1.00 42.10 ? 2263 HOH X O   1 
HETATM 1605 O O   . HOH E 4 .   ? -4.546  8.734   5.743   1.00 40.94 ? 2264 HOH X O   1 
HETATM 1606 O O   . HOH E 4 .   ? 10.434  6.970   19.710  1.00 42.81 ? 2265 HOH X O   1 
# 
loop_
_pdbx_poly_seq_scheme.asym_id 
_pdbx_poly_seq_scheme.entity_id 
_pdbx_poly_seq_scheme.seq_id 
_pdbx_poly_seq_scheme.mon_id 
_pdbx_poly_seq_scheme.ndb_seq_num 
_pdbx_poly_seq_scheme.pdb_seq_num 
_pdbx_poly_seq_scheme.auth_seq_num 
_pdbx_poly_seq_scheme.pdb_mon_id 
_pdbx_poly_seq_scheme.auth_mon_id 
_pdbx_poly_seq_scheme.pdb_strand_id 
_pdbx_poly_seq_scheme.pdb_ins_code 
_pdbx_poly_seq_scheme.hetero 
A 1 1   MET 1   1   1   MET MET X . n 
A 1 2   ASN 2   2   2   ASN ASN X . n 
A 1 3   ILE 3   3   3   ILE ILE X . n 
A 1 4   PHE 4   4   4   PHE PHE X . n 
A 1 5   GLU 5   5   5   GLU GLU X . n 
A 1 6   MET 6   6   6   MET MET X . n 
A 1 7   LEU 7   7   7   LEU LEU X . n 
A 1 8   ARG 8   8   8   ARG ARG X . n 
A 1 9   ILE 9   9   9   ILE ILE X . n 
A 1 10  ASP 10  10  10  ASP ASP X . n 
A 1 11  GLU 11  11  11  GLU GLU X . n 
A 1 12  GLY 12  12  12  GLY GLY X . n 
A 1 13  LEU 13  13  13  LEU LEU X . n 
A 1 14  ARG 14  14  14  ARG ARG X . n 
A 1 15  LEU 15  15  15  LEU LEU X . n 
A 1 16  LYS 16  16  16  LYS LYS X . n 
A 1 17  ILE 17  17  17  ILE ILE X . n 
A 1 18  TYR 18  18  18  TYR TYR X . n 
A 1 19  LYS 19  19  19  LYS LYS X . n 
A 1 20  ASP 20  20  20  ASP ASP X . n 
A 1 21  THR 21  21  21  THR THR X . n 
A 1 22  GLU 22  22  22  GLU GLU X . n 
A 1 23  GLY 23  23  23  GLY GLY X . n 
A 1 24  TYR 24  24  24  TYR TYR X . n 
A 1 25  TYR 25  25  25  TYR TYR X . n 
A 1 26  THR 26  26  26  THR THR X . n 
A 1 27  ILE 27  27  27  ILE ILE X . n 
A 1 28  GLY 28  28  28  GLY GLY X . n 
A 1 29  ILE 29  29  29  ILE ILE X . n 
A 1 30  GLY 30  30  30  GLY GLY X . n 
A 1 31  HIS 31  31  31  HIS HIS X . n 
A 1 32  LEU 32  32  32  LEU LEU X . n 
A 1 33  LEU 33  33  33  LEU LEU X . n 
A 1 34  THR 34  34  34  THR THR X . n 
A 1 35  LYS 35  35  35  LYS LYS X . n 
A 1 36  SER 36  36  36  SER SER X . n 
A 1 37  PRO 37  37  37  PRO PRO X . n 
A 1 38  SER 38  38  38  SER SER X . n 
A 1 39  LEU 39  39  39  LEU LEU X . n 
A 1 40  ASN 40  40  40  ASN ASN X . n 
A 1 41  ALA 41  41  41  ALA ALA X . n 
A 1 42  ALA 42  42  42  ALA ALA X . n 
A 1 43  LYS 43  43  43  LYS LYS X . n 
A 1 44  SER 44  44  44  SER SER X . n 
A 1 45  GLU 45  45  45  GLU GLU X . n 
A 1 46  LEU 46  46  46  LEU LEU X . n 
A 1 47  ASP 47  47  47  ASP ASP X . n 
A 1 48  LYS 48  48  48  LYS LYS X . n 
A 1 49  ALA 49  49  49  ALA ALA X . n 
A 1 50  ILE 50  50  50  ILE ILE X . n 
A 1 51  GLY 51  51  51  GLY GLY X . n 
A 1 52  ARG 52  52  52  ARG ARG X . n 
A 1 53  ASN 53  53  53  ASN ASN X . n 
A 1 54  THR 54  54  54  THR THR X . n 
A 1 55  ASN 55  55  55  ASN ASN X . n 
A 1 56  GLY 56  56  56  GLY GLY X . n 
A 1 57  VAL 57  57  57  VAL VAL X . n 
A 1 58  ILE 58  58  58  ILE ILE X . n 
A 1 59  THR 59  59  59  THR THR X . n 
A 1 60  LYS 60  60  60  LYS LYS X . n 
A 1 61  ASP 61  61  61  ASP ASP X . n 
A 1 62  GLU 62  62  62  GLU GLU X . n 
A 1 63  ALA 63  63  63  ALA ALA X . n 
A 1 64  GLU 64  64  64  GLU GLU X . n 
A 1 65  LYS 65  65  65  LYS LYS X . n 
A 1 66  LEU 66  66  66  LEU LEU X . n 
A 1 67  PHE 67  67  67  PHE PHE X . n 
A 1 68  ASN 68  68  68  ASN ASN X . n 
A 1 69  GLN 69  69  69  GLN GLN X . n 
A 1 70  ASP 70  70  70  ASP ASP X . n 
A 1 71  VAL 71  71  71  VAL VAL X . n 
A 1 72  ASP 72  72  72  ASP ASP X . n 
A 1 73  ALA 73  73  73  ALA ALA X . n 
A 1 74  ALA 74  74  74  ALA ALA X . n 
A 1 75  VAL 75  75  75  VAL VAL X . n 
A 1 76  ARG 76  76  76  ARG ARG X . n 
A 1 77  GLY 77  77  77  GLY GLY X . n 
A 1 78  ILE 78  78  78  ILE ILE X . n 
A 1 79  LEU 79  79  79  LEU LEU X . n 
A 1 80  ARG 80  80  80  ARG ARG X . n 
A 1 81  ASN 81  81  81  ASN ASN X . n 
A 1 82  ALA 82  82  82  ALA ALA X . n 
A 1 83  LYS 83  83  83  LYS LYS X . n 
A 1 84  LEU 84  84  84  LEU LEU X . n 
A 1 85  LYS 85  85  85  LYS LYS X . n 
A 1 86  PRO 86  86  86  PRO PRO X . n 
A 1 87  VAL 87  87  87  VAL VAL X . n 
A 1 88  TYR 88  88  88  TYR TYR X . n 
A 1 89  ASP 89  89  89  ASP ASP X . n 
A 1 90  SER 90  90  90  SER SER X . n 
A 1 91  LEU 91  91  91  LEU LEU X . n 
A 1 92  ASP 92  92  92  ASP ASP X . n 
A 1 93  ALA 93  93  93  ALA ALA X . n 
A 1 94  VAL 94  94  94  VAL VAL X . n 
A 1 95  ARG 95  95  95  ARG ARG X . n 
A 1 96  ARG 96  96  96  ARG ARG X . n 
A 1 97  ALA 97  97  97  ALA ALA X . n 
A 1 98  ALA 98  98  98  ALA ALA X . n 
A 1 99  ALA 99  99  99  ALA ALA X . n 
A 1 100 ILE 100 100 100 ILE ILE X . n 
A 1 101 ASN 101 101 101 ASN ASN X . n 
A 1 102 MET 102 102 102 MET MET X . n 
A 1 103 VAL 103 103 103 VAL VAL X . n 
A 1 104 PHE 104 104 104 PHE PHE X . n 
A 1 105 GLN 105 105 105 GLN GLN X . n 
A 1 106 MET 106 106 106 MET MET X . n 
A 1 107 GLY 107 107 107 GLY GLY X . n 
A 1 108 GLU 108 108 108 GLU GLU X . n 
A 1 109 THR 109 109 109 THR THR X . n 
A 1 110 GLY 110 110 110 GLY GLY X . n 
A 1 111 VAL 111 111 111 VAL VAL X . n 
A 1 112 ALA 112 112 112 ALA ALA X . n 
A 1 113 GLY 113 113 113 GLY GLY X . n 
A 1 114 PHE 114 114 114 PHE PHE X . n 
A 1 115 THR 115 115 115 THR THR X . n 
A 1 116 ASN 116 116 116 ASN ASN X . n 
A 1 117 SER 117 117 117 SER SER X . n 
A 1 118 LEU 118 118 118 LEU LEU X . n 
A 1 119 ARG 119 119 119 ARG ARG X . n 
A 1 120 MET 120 120 120 MET MET X . n 
A 1 121 LEU 121 121 121 LEU LEU X . n 
A 1 122 GLN 122 122 122 GLN GLN X . n 
A 1 123 GLN 123 123 123 GLN GLN X . n 
A 1 124 LYS 124 124 124 LYS LYS X . n 
A 1 125 ARG 125 125 125 ARG ARG X . n 
A 1 126 TRP 126 126 126 TRP TRP X . n 
A 1 127 ASP 127 127 127 ASP ASP X . n 
A 1 128 GLU 128 128 128 GLU GLU X . n 
A 1 129 ALA 129 129 129 ALA ALA X . n 
A 1 130 ALA 130 130 130 ALA ALA X . n 
A 1 131 VAL 131 131 131 VAL VAL X . n 
A 1 132 ASN 132 132 132 ASN ASN X . n 
A 1 133 LEU 133 133 133 LEU LEU X . n 
A 1 134 ALA 134 134 134 ALA ALA X . n 
A 1 135 LYS 135 135 135 LYS LYS X . n 
A 1 136 SER 136 136 136 SER SER X . n 
A 1 137 ARG 137 137 137 ARG ARG X . n 
A 1 138 TRP 138 138 138 TRP TRP X . n 
A 1 139 TYR 139 139 139 TYR TYR X . n 
A 1 140 ASN 140 140 140 ASN ASN X . n 
A 1 141 GLN 141 141 141 GLN GLN X . n 
A 1 142 THR 142 142 142 THR THR X . n 
A 1 143 PRO 143 143 143 PRO PRO X . n 
A 1 144 ASN 144 144 144 ASN ASN X . n 
A 1 145 ARG 145 145 145 ARG ARG X . n 
A 1 146 ALA 146 146 146 ALA ALA X . n 
A 1 147 LYS 147 147 147 LYS LYS X . n 
A 1 148 ARG 148 148 148 ARG ARG X . n 
A 1 149 VAL 149 149 149 VAL VAL X . n 
A 1 150 ILE 150 150 150 ILE ILE X . n 
A 1 151 THR 151 151 151 THR THR X . n 
A 1 152 THR 152 152 152 THR THR X . n 
A 1 153 PHE 153 153 153 PHE PHE X . n 
A 1 154 ARG 154 154 154 ARG ARG X . n 
A 1 155 THR 155 155 155 THR THR X . n 
A 1 156 GLY 156 156 156 GLY GLY X . n 
A 1 157 THR 157 157 157 THR THR X . n 
A 1 158 TRP 158 158 158 TRP TRP X . n 
A 1 159 ASP 159 159 159 ASP ASP X . n 
A 1 160 ALA 160 160 160 ALA ALA X . n 
A 1 161 TYR 161 161 161 TYR TYR X . n 
A 1 162 LYS 162 162 162 LYS LYS X . n 
# 
loop_
_pdbx_nonpoly_scheme.asym_id 
_pdbx_nonpoly_scheme.entity_id 
_pdbx_nonpoly_scheme.mon_id 
_pdbx_nonpoly_scheme.ndb_seq_num 
_pdbx_nonpoly_scheme.pdb_seq_num 
_pdbx_nonpoly_scheme.auth_seq_num 
_pdbx_nonpoly_scheme.pdb_mon_id 
_pdbx_nonpoly_scheme.auth_mon_id 
_pdbx_nonpoly_scheme.pdb_strand_id 
_pdbx_nonpoly_scheme.pdb_ins_code 
B 2 PO4 1   2001 2001 PO4 PO4 X . 
C 3 261 1   1001 1001 261 261 X . 
D 3 261 1   1002 1002 261 261 X . 
E 4 HOH 1   2002 2002 HOH HOH X . 
E 4 HOH 2   2003 2003 HOH HOH X . 
E 4 HOH 3   2004 2004 HOH HOH X . 
E 4 HOH 4   2005 2005 HOH HOH X . 
E 4 HOH 5   2006 2006 HOH HOH X . 
E 4 HOH 6   2007 2007 HOH HOH X . 
E 4 HOH 7   2008 2008 HOH HOH X . 
E 4 HOH 8   2009 2009 HOH HOH X . 
E 4 HOH 9   2010 2010 HOH HOH X . 
E 4 HOH 10  2011 2011 HOH HOH X . 
E 4 HOH 11  2012 2012 HOH HOH X . 
E 4 HOH 12  2013 2013 HOH HOH X . 
E 4 HOH 13  2014 2014 HOH HOH X . 
E 4 HOH 14  2015 2015 HOH HOH X . 
E 4 HOH 15  2016 2016 HOH HOH X . 
E 4 HOH 16  2017 2017 HOH HOH X . 
E 4 HOH 17  2018 2018 HOH HOH X . 
E 4 HOH 18  2019 2019 HOH HOH X . 
E 4 HOH 19  2020 2020 HOH HOH X . 
E 4 HOH 20  2021 2021 HOH HOH X . 
E 4 HOH 21  2022 2022 HOH HOH X . 
E 4 HOH 22  2023 2023 HOH HOH X . 
E 4 HOH 23  2024 2024 HOH HOH X . 
E 4 HOH 24  2025 2025 HOH HOH X . 
E 4 HOH 25  2026 2026 HOH HOH X . 
E 4 HOH 26  2027 2027 HOH HOH X . 
E 4 HOH 27  2028 2028 HOH HOH X . 
E 4 HOH 28  2029 2029 HOH HOH X . 
E 4 HOH 29  2030 2030 HOH HOH X . 
E 4 HOH 30  2031 2031 HOH HOH X . 
E 4 HOH 31  2032 2032 HOH HOH X . 
E 4 HOH 32  2033 2033 HOH HOH X . 
E 4 HOH 33  2034 2034 HOH HOH X . 
E 4 HOH 34  2035 2035 HOH HOH X . 
E 4 HOH 35  2036 2036 HOH HOH X . 
E 4 HOH 36  2037 2037 HOH HOH X . 
E 4 HOH 37  2038 2038 HOH HOH X . 
E 4 HOH 38  2039 2039 HOH HOH X . 
E 4 HOH 39  2040 2040 HOH HOH X . 
E 4 HOH 40  2041 2041 HOH HOH X . 
E 4 HOH 41  2042 2042 HOH HOH X . 
E 4 HOH 42  2043 2043 HOH HOH X . 
E 4 HOH 43  2044 2044 HOH HOH X . 
E 4 HOH 44  2045 2045 HOH HOH X . 
E 4 HOH 45  2046 2046 HOH HOH X . 
E 4 HOH 46  2047 2047 HOH HOH X . 
E 4 HOH 47  2048 2048 HOH HOH X . 
E 4 HOH 48  2049 2049 HOH HOH X . 
E 4 HOH 49  2050 2050 HOH HOH X . 
E 4 HOH 50  2051 2051 HOH HOH X . 
E 4 HOH 51  2052 2052 HOH HOH X . 
E 4 HOH 52  2053 2053 HOH HOH X . 
E 4 HOH 53  2054 2054 HOH HOH X . 
E 4 HOH 54  2055 2055 HOH HOH X . 
E 4 HOH 55  2056 2056 HOH HOH X . 
E 4 HOH 56  2057 2057 HOH HOH X . 
E 4 HOH 57  2058 2058 HOH HOH X . 
E 4 HOH 58  2059 2059 HOH HOH X . 
E 4 HOH 59  2060 2060 HOH HOH X . 
E 4 HOH 60  2061 2061 HOH HOH X . 
E 4 HOH 61  2062 2062 HOH HOH X . 
E 4 HOH 62  2063 2063 HOH HOH X . 
E 4 HOH 63  2064 2064 HOH HOH X . 
E 4 HOH 64  2065 2065 HOH HOH X . 
E 4 HOH 65  2066 2066 HOH HOH X . 
E 4 HOH 66  2067 2067 HOH HOH X . 
E 4 HOH 67  2068 2068 HOH HOH X . 
E 4 HOH 68  2069 2069 HOH HOH X . 
E 4 HOH 69  2070 2070 HOH HOH X . 
E 4 HOH 70  2071 2071 HOH HOH X . 
E 4 HOH 71  2072 2072 HOH HOH X . 
E 4 HOH 72  2073 2073 HOH HOH X . 
E 4 HOH 73  2074 2074 HOH HOH X . 
E 4 HOH 74  2075 2075 HOH HOH X . 
E 4 HOH 75  2076 2076 HOH HOH X . 
E 4 HOH 76  2077 2077 HOH HOH X . 
E 4 HOH 77  2078 2078 HOH HOH X . 
E 4 HOH 78  2079 2079 HOH HOH X . 
E 4 HOH 79  2080 2080 HOH HOH X . 
E 4 HOH 80  2081 2081 HOH HOH X . 
E 4 HOH 81  2082 2082 HOH HOH X . 
E 4 HOH 82  2083 2083 HOH HOH X . 
E 4 HOH 83  2084 2084 HOH HOH X . 
E 4 HOH 84  2085 2085 HOH HOH X . 
E 4 HOH 85  2086 2086 HOH HOH X . 
E 4 HOH 86  2087 2087 HOH HOH X . 
E 4 HOH 87  2088 2088 HOH HOH X . 
E 4 HOH 88  2089 2089 HOH HOH X . 
E 4 HOH 89  2090 2090 HOH HOH X . 
E 4 HOH 90  2091 2091 HOH HOH X . 
E 4 HOH 91  2092 2092 HOH HOH X . 
E 4 HOH 92  2093 2093 HOH HOH X . 
E 4 HOH 93  2094 2094 HOH HOH X . 
E 4 HOH 94  2095 2095 HOH HOH X . 
E 4 HOH 95  2096 2096 HOH HOH X . 
E 4 HOH 96  2097 2097 HOH HOH X . 
E 4 HOH 97  2098 2098 HOH HOH X . 
E 4 HOH 98  2099 2099 HOH HOH X . 
E 4 HOH 99  2100 2100 HOH HOH X . 
E 4 HOH 100 2101 2101 HOH HOH X . 
E 4 HOH 101 2102 2102 HOH HOH X . 
E 4 HOH 102 2103 2103 HOH HOH X . 
E 4 HOH 103 2104 2104 HOH HOH X . 
E 4 HOH 104 2105 2105 HOH HOH X . 
E 4 HOH 105 2106 2106 HOH HOH X . 
E 4 HOH 106 2107 2107 HOH HOH X . 
E 4 HOH 107 2108 2108 HOH HOH X . 
E 4 HOH 108 2109 2109 HOH HOH X . 
E 4 HOH 109 2110 2110 HOH HOH X . 
E 4 HOH 110 2111 2111 HOH HOH X . 
E 4 HOH 111 2112 2112 HOH HOH X . 
E 4 HOH 112 2113 2113 HOH HOH X . 
E 4 HOH 113 2114 2114 HOH HOH X . 
E 4 HOH 114 2115 2115 HOH HOH X . 
E 4 HOH 115 2116 2116 HOH HOH X . 
E 4 HOH 116 2117 2117 HOH HOH X . 
E 4 HOH 117 2118 2118 HOH HOH X . 
E 4 HOH 118 2119 2119 HOH HOH X . 
E 4 HOH 119 2120 2120 HOH HOH X . 
E 4 HOH 120 2121 2121 HOH HOH X . 
E 4 HOH 121 2122 2122 HOH HOH X . 
E 4 HOH 122 2123 2123 HOH HOH X . 
E 4 HOH 123 2124 2124 HOH HOH X . 
E 4 HOH 124 2125 2125 HOH HOH X . 
E 4 HOH 125 2126 2126 HOH HOH X . 
E 4 HOH 126 2127 2127 HOH HOH X . 
E 4 HOH 127 2128 2128 HOH HOH X . 
E 4 HOH 128 2129 2129 HOH HOH X . 
E 4 HOH 129 2130 2130 HOH HOH X . 
E 4 HOH 130 2131 2131 HOH HOH X . 
E 4 HOH 131 2132 2132 HOH HOH X . 
E 4 HOH 132 2133 2133 HOH HOH X . 
E 4 HOH 133 2134 2134 HOH HOH X . 
E 4 HOH 134 2135 2135 HOH HOH X . 
E 4 HOH 135 2136 2136 HOH HOH X . 
E 4 HOH 136 2137 2137 HOH HOH X . 
E 4 HOH 137 2138 2138 HOH HOH X . 
E 4 HOH 138 2139 2139 HOH HOH X . 
E 4 HOH 139 2140 2140 HOH HOH X . 
E 4 HOH 140 2141 2141 HOH HOH X . 
E 4 HOH 141 2142 2142 HOH HOH X . 
E 4 HOH 142 2143 2143 HOH HOH X . 
E 4 HOH 143 2144 2144 HOH HOH X . 
E 4 HOH 144 2145 2145 HOH HOH X . 
E 4 HOH 145 2146 2146 HOH HOH X . 
E 4 HOH 146 2147 2147 HOH HOH X . 
E 4 HOH 147 2148 2148 HOH HOH X . 
E 4 HOH 148 2149 2149 HOH HOH X . 
E 4 HOH 149 2150 2150 HOH HOH X . 
E 4 HOH 150 2151 2151 HOH HOH X . 
E 4 HOH 151 2152 2152 HOH HOH X . 
E 4 HOH 152 2153 2153 HOH HOH X . 
E 4 HOH 153 2154 2154 HOH HOH X . 
E 4 HOH 154 2155 2155 HOH HOH X . 
E 4 HOH 155 2156 2156 HOH HOH X . 
E 4 HOH 156 2157 2157 HOH HOH X . 
E 4 HOH 157 2158 2158 HOH HOH X . 
E 4 HOH 158 2159 2159 HOH HOH X . 
E 4 HOH 159 2160 2160 HOH HOH X . 
E 4 HOH 160 2161 2161 HOH HOH X . 
E 4 HOH 161 2162 2162 HOH HOH X . 
E 4 HOH 162 2163 2163 HOH HOH X . 
E 4 HOH 163 2164 2164 HOH HOH X . 
E 4 HOH 164 2165 2165 HOH HOH X . 
E 4 HOH 165 2166 2166 HOH HOH X . 
E 4 HOH 166 2167 2167 HOH HOH X . 
E 4 HOH 167 2168 2168 HOH HOH X . 
E 4 HOH 168 2169 2169 HOH HOH X . 
E 4 HOH 169 2170 2170 HOH HOH X . 
E 4 HOH 170 2171 2171 HOH HOH X . 
E 4 HOH 171 2172 2172 HOH HOH X . 
E 4 HOH 172 2173 2173 HOH HOH X . 
E 4 HOH 173 2174 2174 HOH HOH X . 
E 4 HOH 174 2175 2175 HOH HOH X . 
E 4 HOH 175 2176 2176 HOH HOH X . 
E 4 HOH 176 2177 2177 HOH HOH X . 
E 4 HOH 177 2178 2178 HOH HOH X . 
E 4 HOH 178 2179 2179 HOH HOH X . 
E 4 HOH 179 2180 2180 HOH HOH X . 
E 4 HOH 180 2181 2181 HOH HOH X . 
E 4 HOH 181 2182 2182 HOH HOH X . 
E 4 HOH 182 2183 2183 HOH HOH X . 
E 4 HOH 183 2184 2184 HOH HOH X . 
E 4 HOH 184 2185 2185 HOH HOH X . 
E 4 HOH 185 2186 2186 HOH HOH X . 
E 4 HOH 186 2187 2187 HOH HOH X . 
E 4 HOH 187 2188 2188 HOH HOH X . 
E 4 HOH 188 2189 2189 HOH HOH X . 
E 4 HOH 189 2190 2190 HOH HOH X . 
E 4 HOH 190 2191 2191 HOH HOH X . 
E 4 HOH 191 2192 2192 HOH HOH X . 
E 4 HOH 192 2193 2193 HOH HOH X . 
E 4 HOH 193 2194 2194 HOH HOH X . 
E 4 HOH 194 2195 2195 HOH HOH X . 
E 4 HOH 195 2196 2196 HOH HOH X . 
E 4 HOH 196 2197 2197 HOH HOH X . 
E 4 HOH 197 2198 2198 HOH HOH X . 
E 4 HOH 198 2199 2199 HOH HOH X . 
E 4 HOH 199 2200 2200 HOH HOH X . 
E 4 HOH 200 2201 2201 HOH HOH X . 
E 4 HOH 201 2202 2202 HOH HOH X . 
E 4 HOH 202 2203 2203 HOH HOH X . 
E 4 HOH 203 2204 2204 HOH HOH X . 
E 4 HOH 204 2205 2205 HOH HOH X . 
E 4 HOH 205 2206 2206 HOH HOH X . 
E 4 HOH 206 2207 2207 HOH HOH X . 
E 4 HOH 207 2208 2208 HOH HOH X . 
E 4 HOH 208 2209 2209 HOH HOH X . 
E 4 HOH 209 2210 2210 HOH HOH X . 
E 4 HOH 210 2211 2211 HOH HOH X . 
E 4 HOH 211 2212 2212 HOH HOH X . 
E 4 HOH 212 2213 2213 HOH HOH X . 
E 4 HOH 213 2214 2214 HOH HOH X . 
E 4 HOH 214 2215 2215 HOH HOH X . 
E 4 HOH 215 2216 2216 HOH HOH X . 
E 4 HOH 216 2217 2217 HOH HOH X . 
E 4 HOH 217 2218 2218 HOH HOH X . 
E 4 HOH 218 2219 2219 HOH HOH X . 
E 4 HOH 219 2220 2220 HOH HOH X . 
E 4 HOH 220 2221 2221 HOH HOH X . 
E 4 HOH 221 2222 2222 HOH HOH X . 
E 4 HOH 222 2223 2223 HOH HOH X . 
E 4 HOH 223 2224 2224 HOH HOH X . 
E 4 HOH 224 2225 2225 HOH HOH X . 
E 4 HOH 225 2226 2226 HOH HOH X . 
E 4 HOH 226 2227 2227 HOH HOH X . 
E 4 HOH 227 2228 2228 HOH HOH X . 
E 4 HOH 228 2229 2229 HOH HOH X . 
E 4 HOH 229 2230 2230 HOH HOH X . 
E 4 HOH 230 2231 2231 HOH HOH X . 
E 4 HOH 231 2232 2232 HOH HOH X . 
E 4 HOH 232 2233 2233 HOH HOH X . 
E 4 HOH 233 2234 2234 HOH HOH X . 
E 4 HOH 234 2235 2235 HOH HOH X . 
E 4 HOH 235 2236 2236 HOH HOH X . 
E 4 HOH 236 2237 2237 HOH HOH X . 
E 4 HOH 237 2238 2238 HOH HOH X . 
E 4 HOH 238 2239 2239 HOH HOH X . 
E 4 HOH 239 2240 2240 HOH HOH X . 
E 4 HOH 240 2241 2241 HOH HOH X . 
E 4 HOH 241 2242 2242 HOH HOH X . 
E 4 HOH 242 2243 2243 HOH HOH X . 
E 4 HOH 243 2244 2244 HOH HOH X . 
E 4 HOH 244 2245 2245 HOH HOH X . 
E 4 HOH 245 2246 2246 HOH HOH X . 
E 4 HOH 246 2247 2247 HOH HOH X . 
E 4 HOH 247 2248 2248 HOH HOH X . 
E 4 HOH 248 2249 2249 HOH HOH X . 
E 4 HOH 249 2250 2250 HOH HOH X . 
E 4 HOH 250 2251 2251 HOH HOH X . 
E 4 HOH 251 2252 2252 HOH HOH X . 
E 4 HOH 252 2253 2253 HOH HOH X . 
E 4 HOH 253 2254 2254 HOH HOH X . 
E 4 HOH 254 2255 2255 HOH HOH X . 
E 4 HOH 255 2256 2256 HOH HOH X . 
E 4 HOH 256 2257 2257 HOH HOH X . 
E 4 HOH 257 2258 2258 HOH HOH X . 
E 4 HOH 258 2259 2259 HOH HOH X . 
E 4 HOH 259 2260 2260 HOH HOH X . 
E 4 HOH 260 2261 2261 HOH HOH X . 
E 4 HOH 261 2262 2262 HOH HOH X . 
E 4 HOH 262 2263 2263 HOH HOH X . 
E 4 HOH 263 2264 2264 HOH HOH X . 
E 4 HOH 264 2265 2265 HOH HOH X . 
# 
_pdbx_struct_assembly.id                   1 
_pdbx_struct_assembly.details              author_and_software_defined_assembly 
_pdbx_struct_assembly.method_details       PISA 
_pdbx_struct_assembly.oligomeric_details   monomeric 
_pdbx_struct_assembly.oligomeric_count     1 
# 
_pdbx_struct_assembly_gen.assembly_id       1 
_pdbx_struct_assembly_gen.oper_expression   1 
_pdbx_struct_assembly_gen.asym_id_list      A,B,C,D,E 
# 
_pdbx_struct_oper_list.id                   1 
_pdbx_struct_oper_list.type                 'identity operation' 
_pdbx_struct_oper_list.name                 1_555 
_pdbx_struct_oper_list.symmetry_operation   x,y,z 
_pdbx_struct_oper_list.matrix[1][1]         1.0000000000 
_pdbx_struct_oper_list.matrix[1][2]         0.0000000000 
_pdbx_struct_oper_list.matrix[1][3]         0.0000000000 
_pdbx_struct_oper_list.vector[1]            0.0000000000 
_pdbx_struct_oper_list.matrix[2][1]         0.0000000000 
_pdbx_struct_oper_list.matrix[2][2]         1.0000000000 
_pdbx_struct_oper_list.matrix[2][3]         0.0000000000 
_pdbx_struct_oper_list.vector[2]            0.0000000000 
_pdbx_struct_oper_list.matrix[3][1]         0.0000000000 
_pdbx_struct_oper_list.matrix[3][2]         0.0000000000 
_pdbx_struct_oper_list.matrix[3][3]         1.0000000000 
_pdbx_struct_oper_list.vector[3]            0.0000000000 
# 
loop_
_pdbx_audit_revision_history.ordinal 
_pdbx_audit_revision_history.data_content_type 
_pdbx_audit_revision_history.major_revision 
_pdbx_audit_revision_history.minor_revision 
_pdbx_audit_revision_history.revision_date 
1 'Structure model' 1 0 2008-06-03 
2 'Structure model' 1 1 2011-07-13 
3 'Structure model' 1 2 2017-10-25 
4 'Structure model' 1 3 2021-10-20 
5 'Structure model' 1 4 2023-08-30 
# 
_pdbx_audit_revision_details.ordinal             1 
_pdbx_audit_revision_details.revision_ordinal    1 
_pdbx_audit_revision_details.data_content_type   'Structure model' 
_pdbx_audit_revision_details.provider            repository 
_pdbx_audit_revision_details.type                'Initial release' 
_pdbx_audit_revision_details.description         ? 
_pdbx_audit_revision_details.details             ? 
# 
loop_
_pdbx_audit_revision_group.ordinal 
_pdbx_audit_revision_group.revision_ordinal 
_pdbx_audit_revision_group.data_content_type 
_pdbx_audit_revision_group.group 
1 2 'Structure model' 'Version format compliance' 
2 3 'Structure model' Advisory                    
3 3 'Structure model' 'Refinement description'    
4 4 'Structure model' Advisory                    
5 4 'Structure model' 'Database references'       
6 4 'Structure model' 'Derived calculations'      
7 5 'Structure model' 'Data collection'           
8 5 'Structure model' 'Refinement description'    
# 
loop_
_pdbx_audit_revision_category.ordinal 
_pdbx_audit_revision_category.revision_ordinal 
_pdbx_audit_revision_category.data_content_type 
_pdbx_audit_revision_category.category 
1 3 'Structure model' pdbx_unobs_or_zero_occ_atoms  
2 3 'Structure model' software                      
3 4 'Structure model' database_2                    
4 4 'Structure model' pdbx_unobs_or_zero_occ_atoms  
5 4 'Structure model' struct_ref_seq_dif            
6 4 'Structure model' struct_site                   
7 5 'Structure model' chem_comp_atom                
8 5 'Structure model' chem_comp_bond                
9 5 'Structure model' pdbx_initial_refinement_model 
# 
loop_
_pdbx_audit_revision_item.ordinal 
_pdbx_audit_revision_item.revision_ordinal 
_pdbx_audit_revision_item.data_content_type 
_pdbx_audit_revision_item.item 
1 4 'Structure model' '_database_2.pdbx_DOI'                
2 4 'Structure model' '_database_2.pdbx_database_accession' 
3 4 'Structure model' '_struct_ref_seq_dif.details'         
4 4 'Structure model' '_struct_site.pdbx_auth_asym_id'      
5 4 'Structure model' '_struct_site.pdbx_auth_comp_id'      
6 4 'Structure model' '_struct_site.pdbx_auth_seq_id'       
# 
loop_
_software.name 
_software.version 
_software.date 
_software.type 
_software.contact_author 
_software.contact_author_email 
_software.classification 
_software.location 
_software.language 
_software.citation_id 
_software.pdbx_ordinal 
DENZO       .     ?              package 'Zbyszek Otwinowski' zbyszek@mix.swmed.edu    'data reduction'  
http://www.lnls.br/infra/linhasluz/denzo-hkl.htm ?          ? 1 
SCALEPACK   .     ?              package 'Zbyszek Otwinowski' zbyszek@mix.swmed.edu    'data scaling'    
http://www.lnls.br/infra/linhasluz/denzo-hkl.htm ?          ? 2 
REFMAC      .     ?              program 'Murshudov, G.N.'    ccp4@dl.ac.uk            refinement        
http://www.ccp4.ac.uk/main.html                  Fortran_77 ? 3 
PDB_EXTRACT 3.000 'July 2, 2007' package PDB                  sw-help@rcsb.rutgers.edu 'data extraction' 
http://pdb.rutgers.edu/software/                 C++        ? 4 
HKL-2000    .     ?              ?       ?                    ?                        'data collection' ? ?          ? 5 
REFMAC      .     ?              ?       ?                    ?                        phasing           ? ?          ? 6 
# 
_pdbx_validate_rmsd_angle.id                         1 
_pdbx_validate_rmsd_angle.PDB_model_num              1 
_pdbx_validate_rmsd_angle.auth_atom_id_1             NE 
_pdbx_validate_rmsd_angle.auth_asym_id_1             X 
_pdbx_validate_rmsd_angle.auth_comp_id_1             ARG 
_pdbx_validate_rmsd_angle.auth_seq_id_1              154 
_pdbx_validate_rmsd_angle.PDB_ins_code_1             ? 
_pdbx_validate_rmsd_angle.label_alt_id_1             B 
_pdbx_validate_rmsd_angle.auth_atom_id_2             CZ 
_pdbx_validate_rmsd_angle.auth_asym_id_2             X 
_pdbx_validate_rmsd_angle.auth_comp_id_2             ARG 
_pdbx_validate_rmsd_angle.auth_seq_id_2              154 
_pdbx_validate_rmsd_angle.PDB_ins_code_2             ? 
_pdbx_validate_rmsd_angle.label_alt_id_2             B 
_pdbx_validate_rmsd_angle.auth_atom_id_3             NH1 
_pdbx_validate_rmsd_angle.auth_asym_id_3             X 
_pdbx_validate_rmsd_angle.auth_comp_id_3             ARG 
_pdbx_validate_rmsd_angle.auth_seq_id_3              154 
_pdbx_validate_rmsd_angle.PDB_ins_code_3             ? 
_pdbx_validate_rmsd_angle.label_alt_id_3             B 
_pdbx_validate_rmsd_angle.angle_value                124.89 
_pdbx_validate_rmsd_angle.angle_target_value         120.30 
_pdbx_validate_rmsd_angle.angle_deviation            4.59 
_pdbx_validate_rmsd_angle.angle_standard_deviation   0.50 
_pdbx_validate_rmsd_angle.linker_flag                N 
# 
_pdbx_validate_torsion.id              1 
_pdbx_validate_torsion.PDB_model_num   1 
_pdbx_validate_torsion.auth_comp_id    ILE 
_pdbx_validate_torsion.auth_asym_id    X 
_pdbx_validate_torsion.auth_seq_id     29 
_pdbx_validate_torsion.PDB_ins_code    ? 
_pdbx_validate_torsion.label_alt_id    ? 
_pdbx_validate_torsion.phi             -103.03 
_pdbx_validate_torsion.psi             79.75 
# 
loop_
_pdbx_unobs_or_zero_occ_atoms.id 
_pdbx_unobs_or_zero_occ_atoms.PDB_model_num 
_pdbx_unobs_or_zero_occ_atoms.polymer_flag 
_pdbx_unobs_or_zero_occ_atoms.occupancy_flag 
_pdbx_unobs_or_zero_occ_atoms.auth_asym_id 
_pdbx_unobs_or_zero_occ_atoms.auth_comp_id 
_pdbx_unobs_or_zero_occ_atoms.auth_seq_id 
_pdbx_unobs_or_zero_occ_atoms.PDB_ins_code 
_pdbx_unobs_or_zero_occ_atoms.auth_atom_id 
_pdbx_unobs_or_zero_occ_atoms.label_alt_id 
_pdbx_unobs_or_zero_occ_atoms.label_asym_id 
_pdbx_unobs_or_zero_occ_atoms.label_comp_id 
_pdbx_unobs_or_zero_occ_atoms.label_seq_id 
_pdbx_unobs_or_zero_occ_atoms.label_atom_id 
1 1 Y 1 X LYS 16  ? NZ ? A LYS 16  NZ 
2 1 Y 1 X LYS 83  ? CE ? A LYS 83  CE 
3 1 Y 1 X LYS 83  ? NZ ? A LYS 83  NZ 
4 1 Y 1 X LYS 147 ? CE ? A LYS 147 CE 
5 1 Y 1 X LYS 147 ? NZ ? A LYS 147 NZ 
6 1 Y 0 X ARG 154 ? CZ A A ARG 154 CZ 
# 
loop_
_chem_comp_atom.comp_id 
_chem_comp_atom.atom_id 
_chem_comp_atom.type_symbol 
_chem_comp_atom.pdbx_aromatic_flag 
_chem_comp_atom.pdbx_stereo_config 
_chem_comp_atom.pdbx_ordinal 
261 CAA  C N N 1   
261 CAG  C N N 2   
261 OAH  O N N 3   
261 CAJ  C Y N 4   
261 CAF  C Y N 5   
261 CAD  C Y N 6   
261 CAC  C Y N 7   
261 CAE  C Y N 8   
261 CAI  C Y N 9   
261 OAB  O N N 10  
261 HAA1 H N N 11  
261 HAA2 H N N 12  
261 HAA3 H N N 13  
261 HAG1 H N N 14  
261 HAG2 H N N 15  
261 HAF  H N N 16  
261 HAD  H N N 17  
261 HAC  H N N 18  
261 HAE  H N N 19  
261 HAB  H N N 20  
ALA N    N N N 21  
ALA CA   C N S 22  
ALA C    C N N 23  
ALA O    O N N 24  
ALA CB   C N N 25  
ALA OXT  O N N 26  
ALA H    H N N 27  
ALA H2   H N N 28  
ALA HA   H N N 29  
ALA HB1  H N N 30  
ALA HB2  H N N 31  
ALA HB3  H N N 32  
ALA HXT  H N N 33  
ARG N    N N N 34  
ARG CA   C N S 35  
ARG C    C N N 36  
ARG O    O N N 37  
ARG CB   C N N 38  
ARG CG   C N N 39  
ARG CD   C N N 40  
ARG NE   N N N 41  
ARG CZ   C N N 42  
ARG NH1  N N N 43  
ARG NH2  N N N 44  
ARG OXT  O N N 45  
ARG H    H N N 46  
ARG H2   H N N 47  
ARG HA   H N N 48  
ARG HB2  H N N 49  
ARG HB3  H N N 50  
ARG HG2  H N N 51  
ARG HG3  H N N 52  
ARG HD2  H N N 53  
ARG HD3  H N N 54  
ARG HE   H N N 55  
ARG HH11 H N N 56  
ARG HH12 H N N 57  
ARG HH21 H N N 58  
ARG HH22 H N N 59  
ARG HXT  H N N 60  
ASN N    N N N 61  
ASN CA   C N S 62  
ASN C    C N N 63  
ASN O    O N N 64  
ASN CB   C N N 65  
ASN CG   C N N 66  
ASN OD1  O N N 67  
ASN ND2  N N N 68  
ASN OXT  O N N 69  
ASN H    H N N 70  
ASN H2   H N N 71  
ASN HA   H N N 72  
ASN HB2  H N N 73  
ASN HB3  H N N 74  
ASN HD21 H N N 75  
ASN HD22 H N N 76  
ASN HXT  H N N 77  
ASP N    N N N 78  
ASP CA   C N S 79  
ASP C    C N N 80  
ASP O    O N N 81  
ASP CB   C N N 82  
ASP CG   C N N 83  
ASP OD1  O N N 84  
ASP OD2  O N N 85  
ASP OXT  O N N 86  
ASP H    H N N 87  
ASP H2   H N N 88  
ASP HA   H N N 89  
ASP HB2  H N N 90  
ASP HB3  H N N 91  
ASP HD2  H N N 92  
ASP HXT  H N N 93  
CYS N    N N N 94  
CYS CA   C N R 95  
CYS C    C N N 96  
CYS O    O N N 97  
CYS CB   C N N 98  
CYS SG   S N N 99  
CYS OXT  O N N 100 
CYS H    H N N 101 
CYS H2   H N N 102 
CYS HA   H N N 103 
CYS HB2  H N N 104 
CYS HB3  H N N 105 
CYS HG   H N N 106 
CYS HXT  H N N 107 
GLN N    N N N 108 
GLN CA   C N S 109 
GLN C    C N N 110 
GLN O    O N N 111 
GLN CB   C N N 112 
GLN CG   C N N 113 
GLN CD   C N N 114 
GLN OE1  O N N 115 
GLN NE2  N N N 116 
GLN OXT  O N N 117 
GLN H    H N N 118 
GLN H2   H N N 119 
GLN HA   H N N 120 
GLN HB2  H N N 121 
GLN HB3  H N N 122 
GLN HG2  H N N 123 
GLN HG3  H N N 124 
GLN HE21 H N N 125 
GLN HE22 H N N 126 
GLN HXT  H N N 127 
GLU N    N N N 128 
GLU CA   C N S 129 
GLU C    C N N 130 
GLU O    O N N 131 
GLU CB   C N N 132 
GLU CG   C N N 133 
GLU CD   C N N 134 
GLU OE1  O N N 135 
GLU OE2  O N N 136 
GLU OXT  O N N 137 
GLU H    H N N 138 
GLU H2   H N N 139 
GLU HA   H N N 140 
GLU HB2  H N N 141 
GLU HB3  H N N 142 
GLU HG2  H N N 143 
GLU HG3  H N N 144 
GLU HE2  H N N 145 
GLU HXT  H N N 146 
GLY N    N N N 147 
GLY CA   C N N 148 
GLY C    C N N 149 
GLY O    O N N 150 
GLY OXT  O N N 151 
GLY H    H N N 152 
GLY H2   H N N 153 
GLY HA2  H N N 154 
GLY HA3  H N N 155 
GLY HXT  H N N 156 
HIS N    N N N 157 
HIS CA   C N S 158 
HIS C    C N N 159 
HIS O    O N N 160 
HIS CB   C N N 161 
HIS CG   C Y N 162 
HIS ND1  N Y N 163 
HIS CD2  C Y N 164 
HIS CE1  C Y N 165 
HIS NE2  N Y N 166 
HIS OXT  O N N 167 
HIS H    H N N 168 
HIS H2   H N N 169 
HIS HA   H N N 170 
HIS HB2  H N N 171 
HIS HB3  H N N 172 
HIS HD1  H N N 173 
HIS HD2  H N N 174 
HIS HE1  H N N 175 
HIS HE2  H N N 176 
HIS HXT  H N N 177 
HOH O    O N N 178 
HOH H1   H N N 179 
HOH H2   H N N 180 
ILE N    N N N 181 
ILE CA   C N S 182 
ILE C    C N N 183 
ILE O    O N N 184 
ILE CB   C N S 185 
ILE CG1  C N N 186 
ILE CG2  C N N 187 
ILE CD1  C N N 188 
ILE OXT  O N N 189 
ILE H    H N N 190 
ILE H2   H N N 191 
ILE HA   H N N 192 
ILE HB   H N N 193 
ILE HG12 H N N 194 
ILE HG13 H N N 195 
ILE HG21 H N N 196 
ILE HG22 H N N 197 
ILE HG23 H N N 198 
ILE HD11 H N N 199 
ILE HD12 H N N 200 
ILE HD13 H N N 201 
ILE HXT  H N N 202 
LEU N    N N N 203 
LEU CA   C N S 204 
LEU C    C N N 205 
LEU O    O N N 206 
LEU CB   C N N 207 
LEU CG   C N N 208 
LEU CD1  C N N 209 
LEU CD2  C N N 210 
LEU OXT  O N N 211 
LEU H    H N N 212 
LEU H2   H N N 213 
LEU HA   H N N 214 
LEU HB2  H N N 215 
LEU HB3  H N N 216 
LEU HG   H N N 217 
LEU HD11 H N N 218 
LEU HD12 H N N 219 
LEU HD13 H N N 220 
LEU HD21 H N N 221 
LEU HD22 H N N 222 
LEU HD23 H N N 223 
LEU HXT  H N N 224 
LYS N    N N N 225 
LYS CA   C N S 226 
LYS C    C N N 227 
LYS O    O N N 228 
LYS CB   C N N 229 
LYS CG   C N N 230 
LYS CD   C N N 231 
LYS CE   C N N 232 
LYS NZ   N N N 233 
LYS OXT  O N N 234 
LYS H    H N N 235 
LYS H2   H N N 236 
LYS HA   H N N 237 
LYS HB2  H N N 238 
LYS HB3  H N N 239 
LYS HG2  H N N 240 
LYS HG3  H N N 241 
LYS HD2  H N N 242 
LYS HD3  H N N 243 
LYS HE2  H N N 244 
LYS HE3  H N N 245 
LYS HZ1  H N N 246 
LYS HZ2  H N N 247 
LYS HZ3  H N N 248 
LYS HXT  H N N 249 
MET N    N N N 250 
MET CA   C N S 251 
MET C    C N N 252 
MET O    O N N 253 
MET CB   C N N 254 
MET CG   C N N 255 
MET SD   S N N 256 
MET CE   C N N 257 
MET OXT  O N N 258 
MET H    H N N 259 
MET H2   H N N 260 
MET HA   H N N 261 
MET HB2  H N N 262 
MET HB3  H N N 263 
MET HG2  H N N 264 
MET HG3  H N N 265 
MET HE1  H N N 266 
MET HE2  H N N 267 
MET HE3  H N N 268 
MET HXT  H N N 269 
PHE N    N N N 270 
PHE CA   C N S 271 
PHE C    C N N 272 
PHE O    O N N 273 
PHE CB   C N N 274 
PHE CG   C Y N 275 
PHE CD1  C Y N 276 
PHE CD2  C Y N 277 
PHE CE1  C Y N 278 
PHE CE2  C Y N 279 
PHE CZ   C Y N 280 
PHE OXT  O N N 281 
PHE H    H N N 282 
PHE H2   H N N 283 
PHE HA   H N N 284 
PHE HB2  H N N 285 
PHE HB3  H N N 286 
PHE HD1  H N N 287 
PHE HD2  H N N 288 
PHE HE1  H N N 289 
PHE HE2  H N N 290 
PHE HZ   H N N 291 
PHE HXT  H N N 292 
PO4 P    P N N 293 
PO4 O1   O N N 294 
PO4 O2   O N N 295 
PO4 O3   O N N 296 
PO4 O4   O N N 297 
PRO N    N N N 298 
PRO CA   C N S 299 
PRO C    C N N 300 
PRO O    O N N 301 
PRO CB   C N N 302 
PRO CG   C N N 303 
PRO CD   C N N 304 
PRO OXT  O N N 305 
PRO H    H N N 306 
PRO HA   H N N 307 
PRO HB2  H N N 308 
PRO HB3  H N N 309 
PRO HG2  H N N 310 
PRO HG3  H N N 311 
PRO HD2  H N N 312 
PRO HD3  H N N 313 
PRO HXT  H N N 314 
SER N    N N N 315 
SER CA   C N S 316 
SER C    C N N 317 
SER O    O N N 318 
SER CB   C N N 319 
SER OG   O N N 320 
SER OXT  O N N 321 
SER H    H N N 322 
SER H2   H N N 323 
SER HA   H N N 324 
SER HB2  H N N 325 
SER HB3  H N N 326 
SER HG   H N N 327 
SER HXT  H N N 328 
THR N    N N N 329 
THR CA   C N S 330 
THR C    C N N 331 
THR O    O N N 332 
THR CB   C N R 333 
THR OG1  O N N 334 
THR CG2  C N N 335 
THR OXT  O N N 336 
THR H    H N N 337 
THR H2   H N N 338 
THR HA   H N N 339 
THR HB   H N N 340 
THR HG1  H N N 341 
THR HG21 H N N 342 
THR HG22 H N N 343 
THR HG23 H N N 344 
THR HXT  H N N 345 
TRP N    N N N 346 
TRP CA   C N S 347 
TRP C    C N N 348 
TRP O    O N N 349 
TRP CB   C N N 350 
TRP CG   C Y N 351 
TRP CD1  C Y N 352 
TRP CD2  C Y N 353 
TRP NE1  N Y N 354 
TRP CE2  C Y N 355 
TRP CE3  C Y N 356 
TRP CZ2  C Y N 357 
TRP CZ3  C Y N 358 
TRP CH2  C Y N 359 
TRP OXT  O N N 360 
TRP H    H N N 361 
TRP H2   H N N 362 
TRP HA   H N N 363 
TRP HB2  H N N 364 
TRP HB3  H N N 365 
TRP HD1  H N N 366 
TRP HE1  H N N 367 
TRP HE3  H N N 368 
TRP HZ2  H N N 369 
TRP HZ3  H N N 370 
TRP HH2  H N N 371 
TRP HXT  H N N 372 
TYR N    N N N 373 
TYR CA   C N S 374 
TYR C    C N N 375 
TYR O    O N N 376 
TYR CB   C N N 377 
TYR CG   C Y N 378 
TYR CD1  C Y N 379 
TYR CD2  C Y N 380 
TYR CE1  C Y N 381 
TYR CE2  C Y N 382 
TYR CZ   C Y N 383 
TYR OH   O N N 384 
TYR OXT  O N N 385 
TYR H    H N N 386 
TYR H2   H N N 387 
TYR HA   H N N 388 
TYR HB2  H N N 389 
TYR HB3  H N N 390 
TYR HD1  H N N 391 
TYR HD2  H N N 392 
TYR HE1  H N N 393 
TYR HE2  H N N 394 
TYR HH   H N N 395 
TYR HXT  H N N 396 
VAL N    N N N 397 
VAL CA   C N S 398 
VAL C    C N N 399 
VAL O    O N N 400 
VAL CB   C N N 401 
VAL CG1  C N N 402 
VAL CG2  C N N 403 
VAL OXT  O N N 404 
VAL H    H N N 405 
VAL H2   H N N 406 
VAL HA   H N N 407 
VAL HB   H N N 408 
VAL HG11 H N N 409 
VAL HG12 H N N 410 
VAL HG13 H N N 411 
VAL HG21 H N N 412 
VAL HG22 H N N 413 
VAL HG23 H N N 414 
VAL HXT  H N N 415 
# 
loop_
_chem_comp_bond.comp_id 
_chem_comp_bond.atom_id_1 
_chem_comp_bond.atom_id_2 
_chem_comp_bond.value_order 
_chem_comp_bond.pdbx_aromatic_flag 
_chem_comp_bond.pdbx_stereo_config 
_chem_comp_bond.pdbx_ordinal 
261 CAA CAG  sing N N 1   
261 CAG OAH  sing N N 2   
261 OAH CAJ  sing N N 3   
261 CAJ CAF  doub Y N 4   
261 CAJ CAI  sing Y N 5   
261 CAF CAD  sing Y N 6   
261 CAD CAC  doub Y N 7   
261 CAC CAE  sing Y N 8   
261 CAE CAI  doub Y N 9   
261 CAI OAB  sing N N 10  
261 CAA HAA1 sing N N 11  
261 CAA HAA2 sing N N 12  
261 CAA HAA3 sing N N 13  
261 CAG HAG1 sing N N 14  
261 CAG HAG2 sing N N 15  
261 CAF HAF  sing N N 16  
261 CAD HAD  sing N N 17  
261 CAC HAC  sing N N 18  
261 CAE HAE  sing N N 19  
261 OAB HAB  sing N N 20  
ALA N   CA   sing N N 21  
ALA N   H    sing N N 22  
ALA N   H2   sing N N 23  
ALA CA  C    sing N N 24  
ALA CA  CB   sing N N 25  
ALA CA  HA   sing N N 26  
ALA C   O    doub N N 27  
ALA C   OXT  sing N N 28  
ALA CB  HB1  sing N N 29  
ALA CB  HB2  sing N N 30  
ALA CB  HB3  sing N N 31  
ALA OXT HXT  sing N N 32  
ARG N   CA   sing N N 33  
ARG N   H    sing N N 34  
ARG N   H2   sing N N 35  
ARG CA  C    sing N N 36  
ARG CA  CB   sing N N 37  
ARG CA  HA   sing N N 38  
ARG C   O    doub N N 39  
ARG C   OXT  sing N N 40  
ARG CB  CG   sing N N 41  
ARG CB  HB2  sing N N 42  
ARG CB  HB3  sing N N 43  
ARG CG  CD   sing N N 44  
ARG CG  HG2  sing N N 45  
ARG CG  HG3  sing N N 46  
ARG CD  NE   sing N N 47  
ARG CD  HD2  sing N N 48  
ARG CD  HD3  sing N N 49  
ARG NE  CZ   sing N N 50  
ARG NE  HE   sing N N 51  
ARG CZ  NH1  sing N N 52  
ARG CZ  NH2  doub N N 53  
ARG NH1 HH11 sing N N 54  
ARG NH1 HH12 sing N N 55  
ARG NH2 HH21 sing N N 56  
ARG NH2 HH22 sing N N 57  
ARG OXT HXT  sing N N 58  
ASN N   CA   sing N N 59  
ASN N   H    sing N N 60  
ASN N   H2   sing N N 61  
ASN CA  C    sing N N 62  
ASN CA  CB   sing N N 63  
ASN CA  HA   sing N N 64  
ASN C   O    doub N N 65  
ASN C   OXT  sing N N 66  
ASN CB  CG   sing N N 67  
ASN CB  HB2  sing N N 68  
ASN CB  HB3  sing N N 69  
ASN CG  OD1  doub N N 70  
ASN CG  ND2  sing N N 71  
ASN ND2 HD21 sing N N 72  
ASN ND2 HD22 sing N N 73  
ASN OXT HXT  sing N N 74  
ASP N   CA   sing N N 75  
ASP N   H    sing N N 76  
ASP N   H2   sing N N 77  
ASP CA  C    sing N N 78  
ASP CA  CB   sing N N 79  
ASP CA  HA   sing N N 80  
ASP C   O    doub N N 81  
ASP C   OXT  sing N N 82  
ASP CB  CG   sing N N 83  
ASP CB  HB2  sing N N 84  
ASP CB  HB3  sing N N 85  
ASP CG  OD1  doub N N 86  
ASP CG  OD2  sing N N 87  
ASP OD2 HD2  sing N N 88  
ASP OXT HXT  sing N N 89  
CYS N   CA   sing N N 90  
CYS N   H    sing N N 91  
CYS N   H2   sing N N 92  
CYS CA  C    sing N N 93  
CYS CA  CB   sing N N 94  
CYS CA  HA   sing N N 95  
CYS C   O    doub N N 96  
CYS C   OXT  sing N N 97  
CYS CB  SG   sing N N 98  
CYS CB  HB2  sing N N 99  
CYS CB  HB3  sing N N 100 
CYS SG  HG   sing N N 101 
CYS OXT HXT  sing N N 102 
GLN N   CA   sing N N 103 
GLN N   H    sing N N 104 
GLN N   H2   sing N N 105 
GLN CA  C    sing N N 106 
GLN CA  CB   sing N N 107 
GLN CA  HA   sing N N 108 
GLN C   O    doub N N 109 
GLN C   OXT  sing N N 110 
GLN CB  CG   sing N N 111 
GLN CB  HB2  sing N N 112 
GLN CB  HB3  sing N N 113 
GLN CG  CD   sing N N 114 
GLN CG  HG2  sing N N 115 
GLN CG  HG3  sing N N 116 
GLN CD  OE1  doub N N 117 
GLN CD  NE2  sing N N 118 
GLN NE2 HE21 sing N N 119 
GLN NE2 HE22 sing N N 120 
GLN OXT HXT  sing N N 121 
GLU N   CA   sing N N 122 
GLU N   H    sing N N 123 
GLU N   H2   sing N N 124 
GLU CA  C    sing N N 125 
GLU CA  CB   sing N N 126 
GLU CA  HA   sing N N 127 
GLU C   O    doub N N 128 
GLU C   OXT  sing N N 129 
GLU CB  CG   sing N N 130 
GLU CB  HB2  sing N N 131 
GLU CB  HB3  sing N N 132 
GLU CG  CD   sing N N 133 
GLU CG  HG2  sing N N 134 
GLU CG  HG3  sing N N 135 
GLU CD  OE1  doub N N 136 
GLU CD  OE2  sing N N 137 
GLU OE2 HE2  sing N N 138 
GLU OXT HXT  sing N N 139 
GLY N   CA   sing N N 140 
GLY N   H    sing N N 141 
GLY N   H2   sing N N 142 
GLY CA  C    sing N N 143 
GLY CA  HA2  sing N N 144 
GLY CA  HA3  sing N N 145 
GLY C   O    doub N N 146 
GLY C   OXT  sing N N 147 
GLY OXT HXT  sing N N 148 
HIS N   CA   sing N N 149 
HIS N   H    sing N N 150 
HIS N   H2   sing N N 151 
HIS CA  C    sing N N 152 
HIS CA  CB   sing N N 153 
HIS CA  HA   sing N N 154 
HIS C   O    doub N N 155 
HIS C   OXT  sing N N 156 
HIS CB  CG   sing N N 157 
HIS CB  HB2  sing N N 158 
HIS CB  HB3  sing N N 159 
HIS CG  ND1  sing Y N 160 
HIS CG  CD2  doub Y N 161 
HIS ND1 CE1  doub Y N 162 
HIS ND1 HD1  sing N N 163 
HIS CD2 NE2  sing Y N 164 
HIS CD2 HD2  sing N N 165 
HIS CE1 NE2  sing Y N 166 
HIS CE1 HE1  sing N N 167 
HIS NE2 HE2  sing N N 168 
HIS OXT HXT  sing N N 169 
HOH O   H1   sing N N 170 
HOH O   H2   sing N N 171 
ILE N   CA   sing N N 172 
ILE N   H    sing N N 173 
ILE N   H2   sing N N 174 
ILE CA  C    sing N N 175 
ILE CA  CB   sing N N 176 
ILE CA  HA   sing N N 177 
ILE C   O    doub N N 178 
ILE C   OXT  sing N N 179 
ILE CB  CG1  sing N N 180 
ILE CB  CG2  sing N N 181 
ILE CB  HB   sing N N 182 
ILE CG1 CD1  sing N N 183 
ILE CG1 HG12 sing N N 184 
ILE CG1 HG13 sing N N 185 
ILE CG2 HG21 sing N N 186 
ILE CG2 HG22 sing N N 187 
ILE CG2 HG23 sing N N 188 
ILE CD1 HD11 sing N N 189 
ILE CD1 HD12 sing N N 190 
ILE CD1 HD13 sing N N 191 
ILE OXT HXT  sing N N 192 
LEU N   CA   sing N N 193 
LEU N   H    sing N N 194 
LEU N   H2   sing N N 195 
LEU CA  C    sing N N 196 
LEU CA  CB   sing N N 197 
LEU CA  HA   sing N N 198 
LEU C   O    doub N N 199 
LEU C   OXT  sing N N 200 
LEU CB  CG   sing N N 201 
LEU CB  HB2  sing N N 202 
LEU CB  HB3  sing N N 203 
LEU CG  CD1  sing N N 204 
LEU CG  CD2  sing N N 205 
LEU CG  HG   sing N N 206 
LEU CD1 HD11 sing N N 207 
LEU CD1 HD12 sing N N 208 
LEU CD1 HD13 sing N N 209 
LEU CD2 HD21 sing N N 210 
LEU CD2 HD22 sing N N 211 
LEU CD2 HD23 sing N N 212 
LEU OXT HXT  sing N N 213 
LYS N   CA   sing N N 214 
LYS N   H    sing N N 215 
LYS N   H2   sing N N 216 
LYS CA  C    sing N N 217 
LYS CA  CB   sing N N 218 
LYS CA  HA   sing N N 219 
LYS C   O    doub N N 220 
LYS C   OXT  sing N N 221 
LYS CB  CG   sing N N 222 
LYS CB  HB2  sing N N 223 
LYS CB  HB3  sing N N 224 
LYS CG  CD   sing N N 225 
LYS CG  HG2  sing N N 226 
LYS CG  HG3  sing N N 227 
LYS CD  CE   sing N N 228 
LYS CD  HD2  sing N N 229 
LYS CD  HD3  sing N N 230 
LYS CE  NZ   sing N N 231 
LYS CE  HE2  sing N N 232 
LYS CE  HE3  sing N N 233 
LYS NZ  HZ1  sing N N 234 
LYS NZ  HZ2  sing N N 235 
LYS NZ  HZ3  sing N N 236 
LYS OXT HXT  sing N N 237 
MET N   CA   sing N N 238 
MET N   H    sing N N 239 
MET N   H2   sing N N 240 
MET CA  C    sing N N 241 
MET CA  CB   sing N N 242 
MET CA  HA   sing N N 243 
MET C   O    doub N N 244 
MET C   OXT  sing N N 245 
MET CB  CG   sing N N 246 
MET CB  HB2  sing N N 247 
MET CB  HB3  sing N N 248 
MET CG  SD   sing N N 249 
MET CG  HG2  sing N N 250 
MET CG  HG3  sing N N 251 
MET SD  CE   sing N N 252 
MET CE  HE1  sing N N 253 
MET CE  HE2  sing N N 254 
MET CE  HE3  sing N N 255 
MET OXT HXT  sing N N 256 
PHE N   CA   sing N N 257 
PHE N   H    sing N N 258 
PHE N   H2   sing N N 259 
PHE CA  C    sing N N 260 
PHE CA  CB   sing N N 261 
PHE CA  HA   sing N N 262 
PHE C   O    doub N N 263 
PHE C   OXT  sing N N 264 
PHE CB  CG   sing N N 265 
PHE CB  HB2  sing N N 266 
PHE CB  HB3  sing N N 267 
PHE CG  CD1  doub Y N 268 
PHE CG  CD2  sing Y N 269 
PHE CD1 CE1  sing Y N 270 
PHE CD1 HD1  sing N N 271 
PHE CD2 CE2  doub Y N 272 
PHE CD2 HD2  sing N N 273 
PHE CE1 CZ   doub Y N 274 
PHE CE1 HE1  sing N N 275 
PHE CE2 CZ   sing Y N 276 
PHE CE2 HE2  sing N N 277 
PHE CZ  HZ   sing N N 278 
PHE OXT HXT  sing N N 279 
PO4 P   O1   doub N N 280 
PO4 P   O2   sing N N 281 
PO4 P   O3   sing N N 282 
PO4 P   O4   sing N N 283 
PRO N   CA   sing N N 284 
PRO N   CD   sing N N 285 
PRO N   H    sing N N 286 
PRO CA  C    sing N N 287 
PRO CA  CB   sing N N 288 
PRO CA  HA   sing N N 289 
PRO C   O    doub N N 290 
PRO C   OXT  sing N N 291 
PRO CB  CG   sing N N 292 
PRO CB  HB2  sing N N 293 
PRO CB  HB3  sing N N 294 
PRO CG  CD   sing N N 295 
PRO CG  HG2  sing N N 296 
PRO CG  HG3  sing N N 297 
PRO CD  HD2  sing N N 298 
PRO CD  HD3  sing N N 299 
PRO OXT HXT  sing N N 300 
SER N   CA   sing N N 301 
SER N   H    sing N N 302 
SER N   H2   sing N N 303 
SER CA  C    sing N N 304 
SER CA  CB   sing N N 305 
SER CA  HA   sing N N 306 
SER C   O    doub N N 307 
SER C   OXT  sing N N 308 
SER CB  OG   sing N N 309 
SER CB  HB2  sing N N 310 
SER CB  HB3  sing N N 311 
SER OG  HG   sing N N 312 
SER OXT HXT  sing N N 313 
THR N   CA   sing N N 314 
THR N   H    sing N N 315 
THR N   H2   sing N N 316 
THR CA  C    sing N N 317 
THR CA  CB   sing N N 318 
THR CA  HA   sing N N 319 
THR C   O    doub N N 320 
THR C   OXT  sing N N 321 
THR CB  OG1  sing N N 322 
THR CB  CG2  sing N N 323 
THR CB  HB   sing N N 324 
THR OG1 HG1  sing N N 325 
THR CG2 HG21 sing N N 326 
THR CG2 HG22 sing N N 327 
THR CG2 HG23 sing N N 328 
THR OXT HXT  sing N N 329 
TRP N   CA   sing N N 330 
TRP N   H    sing N N 331 
TRP N   H2   sing N N 332 
TRP CA  C    sing N N 333 
TRP CA  CB   sing N N 334 
TRP CA  HA   sing N N 335 
TRP C   O    doub N N 336 
TRP C   OXT  sing N N 337 
TRP CB  CG   sing N N 338 
TRP CB  HB2  sing N N 339 
TRP CB  HB3  sing N N 340 
TRP CG  CD1  doub Y N 341 
TRP CG  CD2  sing Y N 342 
TRP CD1 NE1  sing Y N 343 
TRP CD1 HD1  sing N N 344 
TRP CD2 CE2  doub Y N 345 
TRP CD2 CE3  sing Y N 346 
TRP NE1 CE2  sing Y N 347 
TRP NE1 HE1  sing N N 348 
TRP CE2 CZ2  sing Y N 349 
TRP CE3 CZ3  doub Y N 350 
TRP CE3 HE3  sing N N 351 
TRP CZ2 CH2  doub Y N 352 
TRP CZ2 HZ2  sing N N 353 
TRP CZ3 CH2  sing Y N 354 
TRP CZ3 HZ3  sing N N 355 
TRP CH2 HH2  sing N N 356 
TRP OXT HXT  sing N N 357 
TYR N   CA   sing N N 358 
TYR N   H    sing N N 359 
TYR N   H2   sing N N 360 
TYR CA  C    sing N N 361 
TYR CA  CB   sing N N 362 
TYR CA  HA   sing N N 363 
TYR C   O    doub N N 364 
TYR C   OXT  sing N N 365 
TYR CB  CG   sing N N 366 
TYR CB  HB2  sing N N 367 
TYR CB  HB3  sing N N 368 
TYR CG  CD1  doub Y N 369 
TYR CG  CD2  sing Y N 370 
TYR CD1 CE1  sing Y N 371 
TYR CD1 HD1  sing N N 372 
TYR CD2 CE2  doub Y N 373 
TYR CD2 HD2  sing N N 374 
TYR CE1 CZ   doub Y N 375 
TYR CE1 HE1  sing N N 376 
TYR CE2 CZ   sing Y N 377 
TYR CE2 HE2  sing N N 378 
TYR CZ  OH   sing N N 379 
TYR OH  HH   sing N N 380 
TYR OXT HXT  sing N N 381 
VAL N   CA   sing N N 382 
VAL N   H    sing N N 383 
VAL N   H2   sing N N 384 
VAL CA  C    sing N N 385 
VAL CA  CB   sing N N 386 
VAL CA  HA   sing N N 387 
VAL C   O    doub N N 388 
VAL C   OXT  sing N N 389 
VAL CB  CG1  sing N N 390 
VAL CB  CG2  sing N N 391 
VAL CB  HB   sing N N 392 
VAL CG1 HG11 sing N N 393 
VAL CG1 HG12 sing N N 394 
VAL CG1 HG13 sing N N 395 
VAL CG2 HG21 sing N N 396 
VAL CG2 HG22 sing N N 397 
VAL CG2 HG23 sing N N 398 
VAL OXT HXT  sing N N 399 
# 
loop_
_pdbx_entity_nonpoly.entity_id 
_pdbx_entity_nonpoly.name 
_pdbx_entity_nonpoly.comp_id 
2 'PHOSPHATE ION' PO4 
3 2-ethoxyphenol  261 
4 water           HOH 
# 
_pdbx_initial_refinement_model.id               1 
_pdbx_initial_refinement_model.entity_id_list   ? 
_pdbx_initial_refinement_model.type             'experimental model' 
_pdbx_initial_refinement_model.source_name      PDB 
_pdbx_initial_refinement_model.accession_code   184L 
_pdbx_initial_refinement_model.details          ? 
# 
